data_6NW9
#
_entry.id   6NW9
#
_cell.length_a   99.439
_cell.length_b   66.770
_cell.length_c   161.600
_cell.angle_alpha   90.00
_cell.angle_beta   103.58
_cell.angle_gamma   90.00
#
_symmetry.space_group_name_H-M   'P 1 21 1'
#
loop_
_entity.id
_entity.type
_entity.pdbx_description
1 polymer 'Tailspike protein'
2 non-polymer 'CHLORIDE ION'
3 non-polymer 'SODIUM ION'
4 non-polymer 'MAGNESIUM ION'
5 non-polymer 'CARBONATE ION'
6 non-polymer GLYCEROL
7 non-polymer 1,2-ETHANEDIOL
8 non-polymer DI(HYDROXYETHYL)ETHER
9 non-polymer 'TRIETHYLENE GLYCOL'
10 non-polymer 'PHOSPHATE ION'
11 water water
#
_entity_poly.entity_id   1
_entity_poly.type   'polypeptide(L)'
_entity_poly.pdbx_seq_one_letter_code
;MISQFNQPRGSTSIEVNKQSIARNFGVKEDEVIYFTAGIDLSGFKVIYDESTQRAYSLPFGIVSGTTAISLDERAILTHS
AGSVDLGELAVSREEYVTLPGSFNFGHTINVKNELLVHDDKKYRWDGSLPKVVAAGSTPDSSGGVGLGAWLSVGDAALRA
ELNTKVSDGTFPATIKYKYGLPSVIDGAIYRTVQDKLDDFVFLEDFGGKDDAGSTDNSIAFRKAFASGARKIRLRGSGVY
GMATRDIELPAKYEIIGNAKNPEIKYLGTDTSFTMFTLTGSGPASNQWKQGGMFRDLIISSDVKINWMLGRHVQNLDYDR
VFFYNSATVLNNYHYVNFTRCERWGSAFIGRADLNTIQFISESPKFHLCFSSGSPIDVWDTADLAITKCTMFAGDYAVRT
RVTQKQVTAPDLFAGYPVLITCSVFDAVRGHAWDLEGSVYSTITGNLVSAGRDTNSHGAYIKGGRSLSLTGNVFTYCGNY
GLVLEDVQQSGFVGNVFNGNKTGGLGTLACKDLSIVGGSMGTTYVRGGYYTQPVGYSDISSNSTGILLSGVAFDEALTTK
VYLDTSITTRNKVINCSGVPDTIARGSTANRPANPQASYQYYDTTLGIPIWWNSVSGTWKNAAGADVHHHHHH
;
_entity_poly.pdbx_strand_id   A,B,C
#
# COMPACT_ATOMS: atom_id res chain seq x y z
N THR A 12 70.08 42.73 36.95
CA THR A 12 69.83 43.65 35.80
C THR A 12 68.37 43.63 35.38
N SER A 13 67.98 44.63 34.59
CA SER A 13 66.63 44.68 34.05
C SER A 13 66.43 43.57 33.03
N ILE A 14 67.52 43.12 32.41
CA ILE A 14 67.44 41.98 31.51
C ILE A 14 67.09 40.72 32.31
N GLU A 15 67.76 40.49 33.44
CA GLU A 15 67.50 39.40 34.38
C GLU A 15 66.02 39.38 34.78
N VAL A 16 65.56 40.57 35.13
CA VAL A 16 64.21 40.79 35.62
C VAL A 16 63.15 40.52 34.54
N ASN A 17 63.45 41.00 33.33
CA ASN A 17 62.53 40.80 32.20
C ASN A 17 62.47 39.30 31.84
N LYS A 18 63.62 38.65 31.87
CA LYS A 18 63.66 37.21 31.61
C LYS A 18 62.82 36.44 32.64
N GLN A 19 62.86 36.89 33.88
CA GLN A 19 62.14 36.20 34.94
C GLN A 19 60.64 36.32 34.74
N SER A 20 60.20 37.51 34.36
CA SER A 20 58.83 37.88 34.05
C SER A 20 58.28 37.00 32.91
N ILE A 21 59.11 36.90 31.89
CA ILE A 21 58.80 36.06 30.75
C ILE A 21 58.72 34.60 31.16
N ALA A 22 59.66 34.15 31.98
CA ALA A 22 59.65 32.76 32.41
C ALA A 22 58.32 32.43 33.11
N ARG A 23 57.87 33.33 33.98
CA ARG A 23 56.60 33.14 34.68
C ARG A 23 55.44 33.01 33.71
N ASN A 24 55.44 33.86 32.69
CA ASN A 24 54.37 33.84 31.69
C ASN A 24 54.28 32.50 30.96
N PHE A 25 55.43 31.88 30.68
CA PHE A 25 55.45 30.61 29.95
C PHE A 25 55.48 29.40 30.87
N GLY A 26 55.61 29.65 32.17
CA GLY A 26 55.74 28.56 33.13
C GLY A 26 57.03 27.78 33.00
N VAL A 27 58.12 28.47 32.65
CA VAL A 27 59.42 27.82 32.57
C VAL A 27 60.33 28.40 33.63
N LYS A 28 61.54 27.87 33.70
CA LYS A 28 62.44 28.43 34.70
C LYS A 28 63.25 29.56 34.07
N GLU A 29 63.69 30.45 34.94
CA GLU A 29 64.39 31.67 34.56
C GLU A 29 65.57 31.45 33.63
N ASP A 30 66.35 30.41 33.87
CA ASP A 30 67.54 30.19 33.07
C ASP A 30 67.18 29.52 31.73
N GLU A 31 65.90 29.25 31.51
CA GLU A 31 65.46 28.68 30.23
C GLU A 31 64.98 29.74 29.23
N VAL A 32 65.14 31.01 29.59
CA VAL A 32 64.82 32.15 28.72
C VAL A 32 66.08 32.82 28.23
N ILE A 33 66.12 33.13 26.94
CA ILE A 33 67.27 33.75 26.30
C ILE A 33 66.86 34.90 25.36
N TYR A 34 67.64 35.98 25.32
CA TYR A 34 67.44 37.04 24.34
C TYR A 34 68.09 36.59 23.03
N PHE A 35 67.46 36.86 21.90
CA PHE A 35 68.14 36.65 20.64
C PHE A 35 69.35 37.57 20.57
N THR A 36 70.49 36.94 20.29
CA THR A 36 71.75 37.60 19.94
C THR A 36 72.41 36.78 18.80
N ALA A 37 72.92 37.44 17.76
CA ALA A 37 73.55 36.71 16.66
C ALA A 37 74.72 35.89 17.18
N GLY A 38 74.73 34.60 16.84
CA GLY A 38 75.84 33.73 17.20
C GLY A 38 75.65 32.87 18.44
N ILE A 39 74.61 33.12 19.24
CA ILE A 39 74.43 32.37 20.48
C ILE A 39 74.10 30.90 20.18
N ASP A 40 74.56 29.99 21.03
CA ASP A 40 74.11 28.60 20.99
C ASP A 40 72.70 28.56 21.53
N LEU A 41 71.78 28.07 20.73
CA LEU A 41 70.36 28.08 21.05
C LEU A 41 69.89 26.86 21.84
N SER A 42 70.75 25.85 22.00
CA SER A 42 70.30 24.58 22.58
C SER A 42 69.95 24.73 24.06
N GLY A 43 68.97 23.98 24.53
CA GLY A 43 68.63 23.97 25.95
C GLY A 43 67.55 24.96 26.38
N PHE A 44 67.53 26.14 25.79
CA PHE A 44 66.53 27.15 26.16
C PHE A 44 65.11 26.78 25.66
N LYS A 45 64.09 27.31 26.34
CA LYS A 45 62.72 27.00 26.02
C LYS A 45 62.00 28.20 25.39
N VAL A 46 62.45 29.40 25.73
CA VAL A 46 61.81 30.63 25.26
C VAL A 46 62.88 31.63 24.80
N ILE A 47 62.60 32.31 23.70
CA ILE A 47 63.50 33.33 23.19
C ILE A 47 62.77 34.68 23.13
N TYR A 48 63.52 35.75 23.37
CA TYR A 48 63.00 37.10 23.41
C TYR A 48 63.67 37.99 22.36
N ASP A 49 62.86 38.63 21.52
CA ASP A 49 63.35 39.64 20.59
C ASP A 49 63.28 41.00 21.28
N GLU A 50 64.42 41.59 21.58
CA GLU A 50 64.44 42.81 22.37
C GLU A 50 63.99 44.02 21.54
N SER A 51 63.90 43.87 20.22
CA SER A 51 63.56 44.99 19.37
C SER A 51 62.05 45.08 19.23
N THR A 52 61.45 43.97 18.83
CA THR A 52 59.99 43.89 18.71
C THR A 52 59.32 43.69 20.07
N GLN A 53 60.11 43.35 21.08
CA GLN A 53 59.63 43.09 22.44
C GLN A 53 58.53 42.02 22.44
N ARG A 54 58.84 40.92 21.75
CA ARG A 54 58.01 39.72 21.72
C ARG A 54 58.81 38.49 22.16
N ALA A 55 58.13 37.56 22.82
CA ALA A 55 58.72 36.29 23.25
C ALA A 55 58.07 35.13 22.52
N TYR A 56 58.84 34.07 22.32
CA TYR A 56 58.37 32.88 21.63
C TYR A 56 58.96 31.61 22.25
N SER A 57 58.14 30.59 22.42
CA SER A 57 58.68 29.25 22.66
C SER A 57 59.58 28.82 21.51
N LEU A 58 60.71 28.20 21.87
CA LEU A 58 61.61 27.55 20.93
C LEU A 58 61.17 26.12 20.64
N PRO A 59 61.49 25.62 19.43
CA PRO A 59 61.13 24.23 19.18
C PRO A 59 62.01 23.32 20.02
N PHE A 60 61.44 22.19 20.40
CA PHE A 60 62.13 21.20 21.22
C PHE A 60 63.26 20.55 20.46
N GLY A 61 64.34 20.21 21.18
CA GLY A 61 65.40 19.38 20.64
C GLY A 61 66.37 20.05 19.70
N ILE A 62 66.59 21.35 19.86
CA ILE A 62 67.65 21.99 19.11
C ILE A 62 68.95 21.36 19.63
N VAL A 63 69.83 20.89 18.75
CA VAL A 63 71.02 20.18 19.20
C VAL A 63 72.14 21.14 19.57
N SER A 64 72.93 20.74 20.57
CA SER A 64 74.05 21.54 21.02
CA SER A 64 74.06 21.53 21.02
C SER A 64 74.88 21.96 19.82
N GLY A 65 75.33 23.20 19.83
CA GLY A 65 76.13 23.73 18.74
C GLY A 65 75.34 24.44 17.65
N THR A 66 74.01 24.43 17.74
CA THR A 66 73.17 25.13 16.78
C THR A 66 73.21 26.61 17.14
N THR A 67 73.81 27.43 16.28
CA THR A 67 74.04 28.83 16.59
C THR A 67 73.08 29.75 15.82
N ALA A 68 72.73 30.88 16.44
CA ALA A 68 71.72 31.78 15.88
C ALA A 68 72.31 32.66 14.78
N ILE A 69 71.53 32.86 13.72
CA ILE A 69 71.93 33.71 12.61
C ILE A 69 71.07 34.97 12.55
N SER A 70 69.76 34.82 12.51
CA SER A 70 68.87 35.97 12.47
C SER A 70 67.47 35.67 13.02
N LEU A 71 66.77 36.73 13.38
CA LEU A 71 65.38 36.62 13.83
C LEU A 71 64.62 37.83 13.28
N ASP A 72 63.77 37.65 12.29
CA ASP A 72 63.16 38.81 11.62
C ASP A 72 61.80 39.16 12.21
N GLU A 73 61.16 40.17 11.63
CA GLU A 73 59.89 40.66 12.16
C GLU A 73 58.71 39.69 11.95
N ARG A 74 58.86 38.67 11.10
CA ARG A 74 57.92 37.54 10.96
C ARG A 74 58.12 36.46 12.04
N ALA A 75 59.12 36.65 12.90
CA ALA A 75 59.56 35.65 13.87
C ALA A 75 60.08 34.38 13.19
N ILE A 76 60.75 34.55 12.04
CA ILE A 76 61.47 33.45 11.41
C ILE A 76 62.85 33.47 12.04
N LEU A 77 63.16 32.38 12.72
CA LEU A 77 64.47 32.17 13.34
C LEU A 77 65.34 31.32 12.41
N THR A 78 66.41 31.93 11.91
CA THR A 78 67.36 31.22 11.06
C THR A 78 68.59 30.92 11.91
N HIS A 79 69.09 29.69 11.80
CA HIS A 79 70.22 29.23 12.61
C HIS A 79 71.10 28.24 11.81
N SER A 80 72.18 27.74 12.41
CA SER A 80 73.22 27.04 11.65
C SER A 80 72.74 25.70 11.07
N ALA A 81 71.67 25.17 11.60
CA ALA A 81 71.09 23.90 11.12
C ALA A 81 69.83 24.04 10.24
N GLY A 82 69.37 25.27 9.97
CA GLY A 82 68.11 25.45 9.26
C GLY A 82 67.32 26.69 9.70
N SER A 83 66.00 26.62 9.63
CA SER A 83 65.20 27.73 10.12
C SER A 83 63.89 27.21 10.69
N VAL A 84 63.23 28.05 11.48
CA VAL A 84 61.95 27.71 12.07
C VAL A 84 61.10 28.97 12.17
N ASP A 85 59.82 28.82 11.84
CA ASP A 85 58.85 29.91 11.97
C ASP A 85 58.27 29.85 13.37
N LEU A 86 58.76 30.72 14.26
CA LEU A 86 58.36 30.70 15.65
C LEU A 86 56.93 31.16 15.79
N GLY A 87 56.46 31.92 14.82
CA GLY A 87 55.06 32.30 14.77
C GLY A 87 54.15 31.11 14.55
N GLU A 88 54.54 30.26 13.60
CA GLU A 88 53.81 29.03 13.34
C GLU A 88 53.83 28.09 14.55
N LEU A 89 54.97 27.98 15.21
CA LEU A 89 55.06 27.15 16.41
C LEU A 89 54.14 27.70 17.53
N ALA A 90 54.10 29.03 17.65
CA ALA A 90 53.28 29.69 18.66
C ALA A 90 51.81 29.35 18.45
N VAL A 91 51.37 29.42 17.20
CA VAL A 91 50.02 29.03 16.87
C VAL A 91 49.76 27.58 17.26
N SER A 92 50.73 26.69 17.00
N SER A 92 50.72 26.68 16.99
CA SER A 92 50.52 25.27 17.30
CA SER A 92 50.54 25.28 17.32
C SER A 92 50.35 25.08 18.80
C SER A 92 50.32 25.10 18.81
N ARG A 93 50.96 25.96 19.59
CA ARG A 93 50.87 25.91 21.06
C ARG A 93 49.83 26.87 21.64
N GLU A 94 49.04 27.48 20.77
CA GLU A 94 48.06 28.51 21.18
C GLU A 94 48.68 29.59 22.08
N GLU A 95 49.84 30.11 21.66
CA GLU A 95 50.51 31.22 22.33
C GLU A 95 50.41 32.47 21.45
N TYR A 96 49.45 33.35 21.79
CA TYR A 96 49.07 34.45 20.92
C TYR A 96 49.31 35.81 21.53
N VAL A 97 49.34 36.83 20.68
CA VAL A 97 49.32 38.22 21.09
C VAL A 97 48.06 38.84 20.50
N THR A 98 47.26 39.52 21.32
CA THR A 98 46.05 40.19 20.84
C THR A 98 46.41 41.65 20.62
N LEU A 99 46.47 42.04 19.36
CA LEU A 99 46.94 43.37 18.99
C LEU A 99 46.02 44.44 19.58
N PRO A 100 46.58 45.63 19.85
CA PRO A 100 45.69 46.76 20.18
C PRO A 100 44.76 47.09 19.01
N GLY A 101 43.58 47.63 19.27
CA GLY A 101 42.72 48.07 18.18
C GLY A 101 41.81 46.98 17.66
N SER A 102 41.57 47.02 16.36
CA SER A 102 40.55 46.21 15.73
C SER A 102 40.62 46.34 14.21
N PHE A 103 39.88 45.47 13.52
CA PHE A 103 39.75 45.54 12.06
C PHE A 103 39.21 46.90 11.62
N ASN A 104 38.36 47.50 12.43
CA ASN A 104 37.66 48.74 12.03
C ASN A 104 38.60 49.95 12.04
N PHE A 105 39.61 49.89 12.90
CA PHE A 105 40.61 50.99 13.01
C PHE A 105 41.82 50.71 12.10
N GLY A 106 41.97 49.44 11.68
CA GLY A 106 43.07 49.03 10.83
C GLY A 106 44.32 48.67 11.63
N HIS A 107 45.20 47.90 10.99
CA HIS A 107 46.43 47.47 11.64
C HIS A 107 47.34 46.76 10.62
N THR A 108 48.59 46.54 10.99
CA THR A 108 49.47 45.65 10.24
C THR A 108 49.79 44.38 11.05
N ILE A 109 49.58 43.24 10.41
CA ILE A 109 49.90 41.93 10.96
C ILE A 109 51.27 41.53 10.44
N ASN A 110 52.18 41.20 11.36
CA ASN A 110 53.53 40.79 10.96
C ASN A 110 53.85 39.33 11.30
N VAL A 111 53.12 38.77 12.26
CA VAL A 111 53.44 37.42 12.75
C VAL A 111 52.23 36.52 12.80
N LYS A 112 52.45 35.22 12.63
CA LYS A 112 51.36 34.27 12.55
C LYS A 112 50.57 34.15 13.85
N ASN A 113 51.15 34.55 14.98
CA ASN A 113 50.46 34.43 16.26
C ASN A 113 49.86 35.74 16.74
N GLU A 114 49.75 36.73 15.85
CA GLU A 114 49.05 37.97 16.18
C GLU A 114 47.58 37.82 15.86
N LEU A 115 46.74 38.36 16.74
CA LEU A 115 45.30 38.28 16.62
C LEU A 115 44.74 39.70 16.50
N LEU A 116 43.74 39.85 15.64
CA LEU A 116 43.08 41.14 15.45
C LEU A 116 41.58 40.96 15.73
N VAL A 117 41.03 41.85 16.56
CA VAL A 117 39.66 41.73 17.03
C VAL A 117 38.71 42.35 16.01
N HIS A 118 37.63 41.63 15.72
CA HIS A 118 36.49 42.20 15.03
C HIS A 118 35.20 41.70 15.67
N ASP A 119 34.32 42.60 16.09
CA ASP A 119 33.02 42.25 16.68
C ASP A 119 33.16 41.30 17.88
N ASP A 120 34.13 41.65 18.73
CA ASP A 120 34.38 40.93 19.98
C ASP A 120 34.91 39.50 19.74
N LYS A 121 35.42 39.25 18.54
CA LYS A 121 35.96 37.95 18.10
C LYS A 121 37.36 38.11 17.49
N LYS A 122 38.21 37.09 17.64
CA LYS A 122 39.60 37.17 17.18
C LYS A 122 39.91 36.37 15.93
N TYR A 123 40.80 36.94 15.12
CA TYR A 123 41.23 36.29 13.89
C TYR A 123 42.74 36.38 13.73
N ARG A 124 43.31 35.30 13.19
CA ARG A 124 44.72 35.28 12.79
C ARG A 124 44.79 35.14 11.27
N TRP A 125 45.92 35.58 10.70
CA TRP A 125 46.11 35.62 9.24
C TRP A 125 46.96 34.43 8.83
N ASP A 126 46.46 33.65 7.89
CA ASP A 126 47.12 32.42 7.45
C ASP A 126 47.75 32.61 6.06
N GLY A 127 47.79 33.85 5.60
CA GLY A 127 48.38 34.17 4.30
C GLY A 127 49.78 34.78 4.35
N SER A 128 50.12 35.51 3.28
CA SER A 128 51.43 36.17 3.20
C SER A 128 51.56 37.29 4.22
N LEU A 129 52.72 37.38 4.85
CA LEU A 129 53.02 38.44 5.80
C LEU A 129 54.09 39.37 5.24
N PRO A 130 54.06 40.66 5.61
CA PRO A 130 53.05 41.32 6.46
C PRO A 130 51.70 41.46 5.76
N LYS A 131 50.68 41.81 6.54
CA LYS A 131 49.31 41.95 6.06
C LYS A 131 48.79 43.28 6.57
N VAL A 132 48.57 44.22 5.64
CA VAL A 132 48.06 45.52 6.03
C VAL A 132 46.55 45.47 5.95
N VAL A 133 45.92 45.86 7.04
CA VAL A 133 44.47 45.89 7.10
C VAL A 133 44.05 47.35 7.15
N ALA A 134 43.36 47.79 6.10
CA ALA A 134 42.89 49.17 6.02
C ALA A 134 41.80 49.41 7.07
N ALA A 135 41.73 50.62 7.58
CA ALA A 135 40.67 50.96 8.53
C ALA A 135 39.31 50.65 7.90
N GLY A 136 38.33 50.37 8.75
CA GLY A 136 37.00 50.04 8.28
C GLY A 136 36.84 48.60 7.80
N SER A 137 37.91 47.82 7.85
CA SER A 137 37.88 46.46 7.34
C SER A 137 37.08 45.51 8.22
N THR A 138 36.79 44.36 7.65
CA THR A 138 36.30 43.17 8.36
C THR A 138 37.06 42.00 7.76
N PRO A 139 37.01 40.84 8.41
CA PRO A 139 37.68 39.67 7.82
C PRO A 139 37.24 39.36 6.38
N ASP A 140 35.93 39.42 6.13
CA ASP A 140 35.44 39.12 4.78
C ASP A 140 35.86 40.19 3.79
N SER A 141 35.95 41.44 4.25
CA SER A 141 36.36 42.53 3.35
C SER A 141 37.89 42.58 3.14
N SER A 142 38.65 41.89 3.98
CA SER A 142 40.12 42.00 3.94
C SER A 142 40.81 40.66 3.65
N GLY A 143 40.19 39.86 2.79
CA GLY A 143 40.79 38.62 2.32
C GLY A 143 39.93 37.38 2.47
N GLY A 144 38.91 37.45 3.32
CA GLY A 144 38.04 36.31 3.52
C GLY A 144 38.48 35.43 4.67
N VAL A 145 37.66 34.42 4.96
CA VAL A 145 37.91 33.51 6.05
C VAL A 145 38.10 32.09 5.53
N GLY A 146 39.20 31.47 5.90
CA GLY A 146 39.53 30.14 5.44
C GLY A 146 41.03 29.95 5.36
N LEU A 147 41.46 28.74 5.02
CA LEU A 147 42.88 28.45 4.83
C LEU A 147 43.50 29.46 3.88
N GLY A 148 44.68 29.93 4.23
CA GLY A 148 45.41 30.90 3.42
C GLY A 148 44.92 32.33 3.64
N ALA A 149 43.90 32.50 4.47
CA ALA A 149 43.31 33.81 4.74
C ALA A 149 43.11 33.99 6.24
N TRP A 150 42.00 34.59 6.65
CA TRP A 150 41.69 34.75 8.06
C TRP A 150 41.13 33.46 8.66
N LEU A 151 41.60 33.16 9.86
CA LEU A 151 41.13 32.00 10.61
C LEU A 151 40.75 32.50 11.99
N SER A 152 39.54 32.16 12.44
CA SER A 152 39.09 32.61 13.74
C SER A 152 39.80 31.81 14.85
N VAL A 153 39.99 32.48 15.97
CA VAL A 153 40.72 31.93 17.11
C VAL A 153 39.92 32.20 18.36
N GLY A 154 39.75 31.19 19.21
CA GLY A 154 39.26 31.43 20.54
C GLY A 154 37.76 31.26 20.78
N ASP A 155 37.41 31.53 22.03
CA ASP A 155 36.11 31.25 22.63
C ASP A 155 34.94 32.05 22.03
N ALA A 156 35.07 33.38 21.99
CA ALA A 156 33.99 34.21 21.44
C ALA A 156 33.68 33.79 20.00
N ALA A 157 34.72 33.72 19.16
CA ALA A 157 34.57 33.31 17.76
C ALA A 157 33.88 31.97 17.60
N LEU A 158 34.33 30.98 18.37
CA LEU A 158 33.80 29.64 18.23
C LEU A 158 32.34 29.63 18.64
N ARG A 159 32.01 30.31 19.73
CA ARG A 159 30.61 30.35 20.19
C ARG A 159 29.71 30.96 19.13
N ALA A 160 30.17 32.05 18.54
CA ALA A 160 29.38 32.75 17.52
C ALA A 160 29.23 31.91 16.26
N GLU A 161 30.30 31.21 15.89
CA GLU A 161 30.28 30.39 14.68
C GLU A 161 29.38 29.17 14.85
N LEU A 162 29.37 28.60 16.04
CA LEU A 162 28.48 27.46 16.32
C LEU A 162 27.03 27.90 16.25
N ASN A 163 26.73 29.04 16.82
CA ASN A 163 25.35 29.53 16.82
C ASN A 163 24.86 29.84 15.40
N THR A 164 25.74 30.43 14.58
CA THR A 164 25.38 30.78 13.21
C THR A 164 25.16 29.53 12.39
N LYS A 165 26.08 28.58 12.54
CA LYS A 165 25.99 27.38 11.72
C LYS A 165 24.76 26.53 12.05
N VAL A 166 24.34 26.39 13.30
CA VAL A 166 23.13 25.60 13.57
C VAL A 166 21.88 26.32 13.10
N SER A 167 21.92 27.64 13.10
CA SER A 167 20.73 28.42 12.87
C SER A 167 20.58 28.90 11.42
N ASP A 168 21.58 28.71 10.56
CA ASP A 168 21.50 29.31 9.22
C ASP A 168 21.12 28.34 8.09
N GLY A 169 20.82 27.09 8.45
CA GLY A 169 20.35 26.10 7.50
C GLY A 169 21.41 25.21 6.87
N THR A 170 22.68 25.58 7.03
CA THR A 170 23.78 24.85 6.41
C THR A 170 24.25 23.63 7.22
N PHE A 171 23.81 23.49 8.46
CA PHE A 171 24.40 22.43 9.29
C PHE A 171 24.07 20.99 8.82
N PRO A 172 22.81 20.73 8.39
CA PRO A 172 22.56 19.33 8.00
C PRO A 172 23.46 18.83 6.85
N ALA A 173 23.81 19.69 5.91
CA ALA A 173 24.65 19.27 4.80
C ALA A 173 26.10 19.07 5.23
N THR A 174 26.46 19.59 6.39
CA THR A 174 27.83 19.40 6.90
C THR A 174 27.98 18.13 7.70
N ILE A 175 26.88 17.62 8.24
CA ILE A 175 26.97 16.43 9.07
C ILE A 175 26.98 15.19 8.20
N LYS A 176 28.08 14.46 8.25
CA LYS A 176 28.14 13.19 7.53
C LYS A 176 27.31 12.11 8.24
N TYR A 177 26.71 11.25 7.43
CA TYR A 177 25.83 10.20 7.93
C TYR A 177 26.15 8.89 7.22
N LYS A 178 26.16 7.79 7.97
CA LYS A 178 26.17 6.49 7.34
C LYS A 178 25.25 5.56 8.12
N TYR A 179 24.44 4.85 7.35
CA TYR A 179 23.47 3.90 7.90
C TYR A 179 24.13 2.89 8.82
N GLY A 180 23.58 2.74 10.02
CA GLY A 180 24.01 1.70 10.93
C GLY A 180 25.15 1.97 11.89
N LEU A 181 25.83 3.12 11.76
CA LEU A 181 26.91 3.44 12.70
C LEU A 181 26.35 3.49 14.13
N PRO A 182 27.16 3.12 15.13
CA PRO A 182 28.59 2.78 15.04
C PRO A 182 28.89 1.40 14.47
N SER A 183 27.90 0.54 14.25
CA SER A 183 28.21 -0.74 13.61
C SER A 183 28.74 -0.47 12.21
N VAL A 184 29.72 -1.26 11.80
CA VAL A 184 30.31 -1.13 10.48
C VAL A 184 29.59 -2.08 9.55
N ILE A 185 28.74 -1.52 8.69
CA ILE A 185 27.90 -2.33 7.82
C ILE A 185 28.50 -2.33 6.42
N ASP A 186 28.89 -3.50 5.95
CA ASP A 186 29.44 -3.64 4.60
C ASP A 186 28.50 -3.06 3.56
N GLY A 187 29.03 -2.17 2.74
CA GLY A 187 28.31 -1.58 1.64
C GLY A 187 27.61 -0.27 1.96
N ALA A 188 27.40 0.02 3.23
CA ALA A 188 26.76 1.28 3.60
C ALA A 188 27.72 2.44 3.25
N ILE A 189 27.20 3.49 2.62
CA ILE A 189 28.04 4.62 2.20
C ILE A 189 27.81 5.86 3.04
N TYR A 190 28.76 6.78 2.99
CA TYR A 190 28.59 8.09 3.62
C TYR A 190 27.70 8.98 2.77
N ARG A 191 26.69 9.56 3.42
CA ARG A 191 25.88 10.61 2.84
C ARG A 191 25.92 11.79 3.83
N THR A 192 24.98 12.72 3.72
CA THR A 192 24.85 13.76 4.72
C THR A 192 23.48 13.64 5.39
N VAL A 193 23.35 14.23 6.58
CA VAL A 193 22.05 14.27 7.23
C VAL A 193 21.04 14.99 6.32
N GLN A 194 21.49 16.03 5.63
CA GLN A 194 20.64 16.75 4.67
C GLN A 194 20.04 15.79 3.61
N ASP A 195 20.90 14.98 3.00
CA ASP A 195 20.48 14.01 1.98
C ASP A 195 19.46 13.02 2.51
N LYS A 196 19.75 12.50 3.69
CA LYS A 196 18.92 11.49 4.31
C LYS A 196 17.55 12.08 4.68
N LEU A 197 17.53 13.28 5.24
CA LEU A 197 16.26 13.93 5.50
C LEU A 197 15.50 14.25 4.22
N ASP A 198 16.23 14.52 3.14
CA ASP A 198 15.60 14.88 1.87
C ASP A 198 15.06 13.67 1.11
N ASP A 199 15.27 12.47 1.65
CA ASP A 199 14.73 11.25 1.05
C ASP A 199 13.20 11.27 1.00
N PHE A 200 12.58 12.00 1.92
CA PHE A 200 11.12 12.12 2.01
C PHE A 200 10.66 13.57 1.83
N VAL A 201 9.51 13.77 1.18
CA VAL A 201 8.90 15.11 1.04
C VAL A 201 7.51 15.12 1.63
N PHE A 202 7.28 16.07 2.53
CA PHE A 202 5.94 16.39 3.02
C PHE A 202 5.49 17.71 2.46
N LEU A 203 4.18 17.89 2.33
CA LEU A 203 3.64 19.14 1.85
C LEU A 203 4.13 20.28 2.76
N GLU A 204 4.32 19.95 4.04
CA GLU A 204 4.81 20.91 5.02
C GLU A 204 6.16 21.52 4.65
N ASP A 205 6.98 20.79 3.89
CA ASP A 205 8.30 21.26 3.46
C ASP A 205 8.19 22.43 2.48
N PHE A 206 7.03 22.55 1.86
CA PHE A 206 6.76 23.61 0.87
C PHE A 206 5.69 24.57 1.39
N GLY A 207 5.52 24.59 2.71
CA GLY A 207 4.68 25.60 3.31
C GLY A 207 3.26 25.14 3.55
N GLY A 208 2.96 23.89 3.23
CA GLY A 208 1.61 23.42 3.43
C GLY A 208 1.26 23.39 4.92
N LYS A 209 0.00 23.69 5.22
CA LYS A 209 -0.50 23.62 6.59
C LYS A 209 -1.98 23.27 6.66
N ASP A 210 -2.32 22.39 7.59
CA ASP A 210 -3.71 21.97 7.74
C ASP A 210 -4.43 22.92 8.70
N ASP A 211 -4.48 24.19 8.32
CA ASP A 211 -4.99 25.26 9.20
C ASP A 211 -6.32 25.85 8.70
N ALA A 212 -7.07 25.03 7.98
CA ALA A 212 -8.48 25.27 7.64
C ALA A 212 -8.74 26.59 6.93
N GLY A 213 -7.90 26.91 5.95
CA GLY A 213 -8.16 28.06 5.10
C GLY A 213 -7.19 29.21 5.23
N SER A 214 -6.39 29.24 6.30
CA SER A 214 -5.41 30.33 6.45
C SER A 214 -4.30 30.22 5.40
N THR A 215 -3.85 29.00 5.15
CA THR A 215 -2.83 28.74 4.14
C THR A 215 -3.47 28.23 2.84
N ASP A 216 -3.01 28.75 1.70
CA ASP A 216 -3.44 28.23 0.39
C ASP A 216 -2.55 27.08 -0.02
N ASN A 217 -3.00 25.88 0.27
CA ASN A 217 -2.19 24.70 0.02
C ASN A 217 -2.06 24.35 -1.46
N SER A 218 -2.89 24.96 -2.31
CA SER A 218 -2.77 24.80 -3.76
C SER A 218 -1.39 25.17 -4.24
N ILE A 219 -0.89 26.27 -3.67
CA ILE A 219 0.42 26.77 -4.03
C ILE A 219 1.53 25.89 -3.48
N ALA A 220 1.34 25.35 -2.27
CA ALA A 220 2.32 24.39 -1.75
C ALA A 220 2.48 23.19 -2.71
N PHE A 221 1.36 22.63 -3.19
CA PHE A 221 1.45 21.54 -4.16
C PHE A 221 2.16 21.98 -5.45
N ARG A 222 1.76 23.12 -6.02
CA ARG A 222 2.44 23.63 -7.23
C ARG A 222 3.96 23.68 -7.04
N LYS A 223 4.40 24.26 -5.93
CA LYS A 223 5.84 24.41 -5.67
C LYS A 223 6.52 23.08 -5.43
N ALA A 224 5.87 22.20 -4.67
CA ALA A 224 6.46 20.88 -4.41
C ALA A 224 6.68 20.09 -5.70
N PHE A 225 5.73 20.11 -6.63
CA PHE A 225 5.89 19.33 -7.87
C PHE A 225 6.91 19.99 -8.82
N ALA A 226 6.98 21.32 -8.79
CA ALA A 226 7.92 22.06 -9.64
C ALA A 226 9.36 21.73 -9.28
N SER A 227 9.59 21.32 -8.03
CA SER A 227 10.91 20.91 -7.54
C SER A 227 11.38 19.59 -8.12
N GLY A 228 10.46 18.82 -8.69
CA GLY A 228 10.76 17.48 -9.19
C GLY A 228 10.27 16.35 -8.29
N ALA A 229 9.85 16.71 -7.08
CA ALA A 229 9.24 15.75 -6.17
C ALA A 229 7.93 15.18 -6.75
N ARG A 230 7.70 13.89 -6.52
CA ARG A 230 6.51 13.25 -7.06
C ARG A 230 5.62 12.62 -6.00
N LYS A 231 6.25 12.07 -4.98
CA LYS A 231 5.58 11.40 -3.87
C LYS A 231 5.56 12.37 -2.69
N ILE A 232 4.37 12.90 -2.40
CA ILE A 232 4.16 13.97 -1.42
C ILE A 232 3.24 13.51 -0.28
N ARG A 233 3.69 13.67 0.96
CA ARG A 233 2.97 13.20 2.13
C ARG A 233 2.35 14.36 2.89
N LEU A 234 1.21 14.12 3.53
CA LEU A 234 0.56 15.11 4.37
C LEU A 234 0.76 14.70 5.82
N ARG A 235 1.31 15.59 6.63
CA ARG A 235 1.60 15.23 8.03
C ARG A 235 0.36 15.33 8.93
N GLY A 236 -0.52 16.26 8.62
CA GLY A 236 -1.57 16.65 9.56
C GLY A 236 -2.82 15.81 9.49
N SER A 237 -3.72 16.05 10.46
N SER A 237 -3.72 16.05 10.45
CA SER A 237 -4.99 15.33 10.52
CA SER A 237 -4.98 15.32 10.52
C SER A 237 -6.18 16.27 10.33
C SER A 237 -6.18 16.25 10.27
N GLY A 238 -5.92 17.52 10.01
CA GLY A 238 -6.96 18.52 9.83
C GLY A 238 -7.21 18.87 8.37
N VAL A 239 -7.71 20.08 8.16
CA VAL A 239 -8.16 20.51 6.85
C VAL A 239 -7.11 21.36 6.15
N TYR A 240 -6.66 20.88 5.00
CA TYR A 240 -5.79 21.62 4.13
C TYR A 240 -6.66 22.38 3.10
N GLY A 241 -6.84 23.68 3.30
CA GLY A 241 -7.64 24.49 2.40
C GLY A 241 -6.94 24.70 1.07
N MET A 242 -7.72 24.70 -0.01
CA MET A 242 -7.22 24.84 -1.37
C MET A 242 -7.95 26.03 -1.97
N ALA A 243 -7.23 27.02 -2.46
CA ALA A 243 -7.86 28.27 -2.85
C ALA A 243 -7.43 28.79 -4.24
N THR A 244 -6.50 28.10 -4.90
CA THR A 244 -6.07 28.50 -6.24
C THR A 244 -6.39 27.38 -7.24
N ARG A 245 -7.23 27.68 -8.23
CA ARG A 245 -7.76 26.63 -9.11
C ARG A 245 -6.74 26.11 -10.12
N ASP A 246 -6.98 24.89 -10.61
CA ASP A 246 -6.32 24.33 -11.78
C ASP A 246 -4.83 24.13 -11.61
N ILE A 247 -4.44 23.51 -10.50
CA ILE A 247 -3.04 23.16 -10.29
C ILE A 247 -2.71 21.94 -11.15
N GLU A 248 -1.79 22.07 -12.08
CA GLU A 248 -1.50 20.97 -12.99
C GLU A 248 -0.59 19.95 -12.30
N LEU A 249 -1.05 18.72 -12.23
CA LEU A 249 -0.25 17.63 -11.67
C LEU A 249 0.85 17.21 -12.62
N PRO A 250 1.98 16.77 -12.07
CA PRO A 250 3.02 16.20 -12.93
C PRO A 250 2.64 14.79 -13.33
N ALA A 251 3.32 14.20 -14.28
CA ALA A 251 3.15 12.78 -14.51
C ALA A 251 3.56 11.98 -13.29
N LYS A 252 2.81 10.92 -13.00
CA LYS A 252 3.21 9.94 -11.98
C LYS A 252 3.46 10.57 -10.59
N TYR A 253 2.53 11.41 -10.20
CA TYR A 253 2.40 11.89 -8.82
C TYR A 253 1.95 10.77 -7.86
N GLU A 254 2.21 10.98 -6.58
CA GLU A 254 1.57 10.19 -5.54
C GLU A 254 1.36 11.06 -4.32
N ILE A 255 0.10 11.28 -3.98
CA ILE A 255 -0.25 12.11 -2.85
C ILE A 255 -0.84 11.23 -1.78
N ILE A 256 -0.19 11.23 -0.60
CA ILE A 256 -0.45 10.29 0.47
C ILE A 256 -0.95 11.03 1.70
N GLY A 257 -2.17 10.73 2.10
CA GLY A 257 -2.73 11.31 3.29
C GLY A 257 -2.24 10.58 4.52
N ASN A 258 -2.49 11.18 5.65
CA ASN A 258 -2.13 10.63 6.93
C ASN A 258 -3.27 9.72 7.39
N ALA A 259 -3.32 8.51 6.83
CA ALA A 259 -4.21 7.45 7.32
C ALA A 259 -5.70 7.87 7.24
N LYS A 260 -6.02 8.59 6.17
CA LYS A 260 -7.40 9.02 5.86
C LYS A 260 -7.92 10.11 6.81
N ASN A 261 -7.05 10.71 7.59
CA ASN A 261 -7.47 11.77 8.51
C ASN A 261 -7.63 13.16 7.89
N PRO A 262 -6.60 13.65 7.19
CA PRO A 262 -6.70 15.02 6.67
C PRO A 262 -7.63 15.17 5.47
N GLU A 263 -8.10 16.40 5.27
CA GLU A 263 -8.88 16.77 4.10
C GLU A 263 -8.12 17.76 3.23
N ILE A 264 -8.13 17.50 1.94
CA ILE A 264 -7.81 18.52 0.93
C ILE A 264 -9.14 19.09 0.54
N LYS A 265 -9.40 20.34 0.91
CA LYS A 265 -10.77 20.85 0.88
C LYS A 265 -10.86 22.24 0.24
N TYR A 266 -11.87 22.39 -0.61
CA TYR A 266 -12.27 23.71 -1.12
C TYR A 266 -13.33 24.30 -0.19
N LEU A 267 -13.04 25.50 0.32
CA LEU A 267 -13.87 26.16 1.31
C LEU A 267 -14.65 27.35 0.75
N GLY A 268 -14.51 27.63 -0.55
CA GLY A 268 -15.25 28.75 -1.13
C GLY A 268 -16.65 28.41 -1.61
N THR A 269 -17.21 29.28 -2.45
CA THR A 269 -18.59 29.13 -2.92
C THR A 269 -18.73 28.99 -4.44
N ASP A 270 -17.61 29.00 -5.15
CA ASP A 270 -17.61 28.96 -6.60
C ASP A 270 -17.68 27.51 -7.11
N THR A 271 -18.84 27.10 -7.61
CA THR A 271 -19.02 25.71 -8.08
C THR A 271 -18.17 25.39 -9.30
N SER A 272 -17.57 26.40 -9.93
CA SER A 272 -16.67 26.15 -11.06
C SER A 272 -15.23 25.87 -10.64
N PHE A 273 -14.92 25.97 -9.34
CA PHE A 273 -13.57 25.72 -8.82
C PHE A 273 -13.14 24.27 -9.07
N THR A 274 -11.91 24.09 -9.52
CA THR A 274 -11.33 22.78 -9.73
C THR A 274 -9.97 22.79 -9.06
N MET A 275 -9.68 21.77 -8.25
CA MET A 275 -8.42 21.73 -7.50
C MET A 275 -7.21 21.43 -8.39
N PHE A 276 -7.33 20.37 -9.20
CA PHE A 276 -6.21 19.82 -9.96
C PHE A 276 -6.60 19.54 -11.42
N THR A 277 -5.63 19.69 -12.32
CA THR A 277 -5.77 19.24 -13.69
C THR A 277 -4.66 18.26 -14.00
N LEU A 278 -4.94 17.36 -14.94
CA LEU A 278 -3.93 16.46 -15.51
C LEU A 278 -4.19 16.48 -17.00
N THR A 279 -3.18 16.88 -17.79
CA THR A 279 -3.44 17.28 -19.18
C THR A 279 -2.34 16.76 -20.11
N GLY A 280 -2.70 15.86 -21.01
CA GLY A 280 -1.80 15.37 -22.04
C GLY A 280 -1.71 16.40 -23.15
N SER A 281 -0.88 16.11 -24.15
CA SER A 281 -0.59 17.11 -25.19
C SER A 281 -1.44 16.93 -26.44
N GLY A 282 -2.26 15.89 -26.46
CA GLY A 282 -3.18 15.65 -27.55
C GLY A 282 -3.79 14.26 -27.45
N PRO A 283 -4.56 13.84 -28.47
CA PRO A 283 -5.44 12.68 -28.36
C PRO A 283 -4.79 11.32 -28.62
N ALA A 284 -3.56 11.29 -29.13
CA ALA A 284 -2.91 10.03 -29.49
C ALA A 284 -2.31 9.33 -28.26
N SER A 285 -2.09 8.01 -28.34
CA SER A 285 -1.60 7.23 -27.20
C SER A 285 -0.23 7.68 -26.71
N ASN A 286 0.62 8.20 -27.59
CA ASN A 286 1.91 8.68 -27.14
C ASN A 286 1.84 10.13 -26.62
N GLN A 287 0.66 10.72 -26.60
CA GLN A 287 0.45 12.05 -26.05
C GLN A 287 -0.34 12.05 -24.73
N TRP A 288 -0.86 10.88 -24.32
CA TRP A 288 -1.64 10.83 -23.07
C TRP A 288 -0.69 11.00 -21.91
N LYS A 289 -1.04 11.83 -20.94
CA LYS A 289 -0.22 11.99 -19.76
C LYS A 289 -0.40 10.85 -18.77
N GLN A 290 0.73 10.31 -18.28
CA GLN A 290 0.70 9.23 -17.29
C GLN A 290 0.24 9.79 -15.93
N GLY A 291 -0.85 9.25 -15.40
CA GLY A 291 -1.34 9.69 -14.12
C GLY A 291 -0.63 9.06 -12.95
N GLY A 292 -1.21 9.24 -11.76
CA GLY A 292 -0.57 8.82 -10.54
C GLY A 292 -1.62 8.37 -9.54
N MET A 293 -1.26 8.45 -8.27
CA MET A 293 -2.07 7.92 -7.16
C MET A 293 -2.43 9.00 -6.17
N PHE A 294 -3.70 9.09 -5.81
CA PHE A 294 -4.12 9.73 -4.58
C PHE A 294 -4.51 8.59 -3.63
N ARG A 295 -4.02 8.63 -2.39
CA ARG A 295 -4.46 7.63 -1.43
C ARG A 295 -4.55 8.11 0.02
N ASP A 296 -5.45 7.47 0.78
CA ASP A 296 -5.51 7.58 2.23
C ASP A 296 -5.84 9.01 2.67
N LEU A 297 -6.81 9.62 2.01
CA LEU A 297 -7.15 11.00 2.35
C LEU A 297 -8.57 11.31 1.92
N ILE A 298 -9.02 12.48 2.36
CA ILE A 298 -10.35 13.00 2.08
C ILE A 298 -10.18 14.13 1.06
N ILE A 299 -11.00 14.09 0.00
CA ILE A 299 -11.13 15.18 -0.97
CA ILE A 299 -11.11 15.20 -0.94
C ILE A 299 -12.52 15.73 -0.77
N SER A 300 -12.65 17.02 -0.46
CA SER A 300 -13.95 17.55 -0.07
CA SER A 300 -13.94 17.55 -0.04
C SER A 300 -14.18 18.98 -0.49
N SER A 301 -15.45 19.37 -0.47
CA SER A 301 -15.89 20.73 -0.77
C SER A 301 -17.26 20.93 -0.11
N ASP A 302 -17.58 22.16 0.30
CA ASP A 302 -18.88 22.40 0.87
C ASP A 302 -19.92 22.57 -0.24
N VAL A 303 -19.53 23.22 -1.33
CA VAL A 303 -20.38 23.26 -2.52
C VAL A 303 -19.94 22.17 -3.50
N LYS A 304 -20.81 21.79 -4.42
CA LYS A 304 -20.45 20.76 -5.42
C LYS A 304 -19.44 21.26 -6.41
N ILE A 305 -18.31 20.58 -6.52
CA ILE A 305 -17.31 20.94 -7.52
C ILE A 305 -16.83 19.72 -8.32
N ASN A 306 -16.25 20.00 -9.48
CA ASN A 306 -15.43 19.03 -10.20
C ASN A 306 -13.99 19.22 -9.71
N TRP A 307 -13.56 18.36 -8.80
CA TRP A 307 -12.34 18.65 -8.06
C TRP A 307 -11.11 18.39 -8.90
N MET A 308 -11.24 17.49 -9.88
CA MET A 308 -10.14 17.15 -10.78
C MET A 308 -10.65 17.00 -12.21
N LEU A 309 -9.92 17.57 -13.15
CA LEU A 309 -10.25 17.53 -14.56
C LEU A 309 -9.07 16.93 -15.29
N GLY A 310 -9.27 15.75 -15.88
CA GLY A 310 -8.26 15.05 -16.64
C GLY A 310 -8.61 15.03 -18.12
N ARG A 311 -7.65 15.44 -18.96
CA ARG A 311 -7.87 15.47 -20.41
C ARG A 311 -6.66 14.88 -21.11
N HIS A 312 -6.89 13.82 -21.88
CA HIS A 312 -5.82 13.09 -22.58
C HIS A 312 -4.90 12.45 -21.56
N VAL A 313 -5.41 11.44 -20.84
CA VAL A 313 -4.70 10.85 -19.72
C VAL A 313 -4.82 9.33 -19.68
N GLN A 314 -3.84 8.70 -19.05
CA GLN A 314 -3.79 7.26 -18.87
C GLN A 314 -3.20 6.83 -17.50
N ASN A 315 -3.70 5.71 -16.99
CA ASN A 315 -3.18 5.07 -15.79
C ASN A 315 -3.26 5.97 -14.55
N LEU A 316 -4.49 6.22 -14.11
CA LEU A 316 -4.78 6.97 -12.88
C LEU A 316 -5.27 6.00 -11.82
N ASP A 317 -4.91 6.24 -10.57
CA ASP A 317 -5.34 5.44 -9.44
C ASP A 317 -5.84 6.32 -8.28
N TYR A 318 -6.90 5.86 -7.64
CA TYR A 318 -7.43 6.46 -6.42
C TYR A 318 -7.70 5.30 -5.47
N ASP A 319 -7.07 5.29 -4.30
CA ASP A 319 -7.14 4.15 -3.38
C ASP A 319 -7.40 4.66 -1.96
N ARG A 320 -8.47 4.17 -1.32
CA ARG A 320 -8.81 4.60 0.04
C ARG A 320 -8.95 6.13 0.13
N VAL A 321 -9.61 6.67 -0.88
CA VAL A 321 -9.95 8.08 -0.92
C VAL A 321 -11.43 8.20 -0.55
N PHE A 322 -11.71 9.15 0.32
CA PHE A 322 -13.05 9.56 0.68
C PHE A 322 -13.36 10.87 -0.07
N PHE A 323 -14.34 10.83 -0.96
CA PHE A 323 -14.74 11.98 -1.79
C PHE A 323 -16.04 12.52 -1.25
N TYR A 324 -16.11 13.85 -1.11
CA TYR A 324 -17.29 14.51 -0.60
C TYR A 324 -17.61 15.74 -1.47
N ASN A 325 -18.76 15.72 -2.15
CA ASN A 325 -19.18 16.78 -3.08
C ASN A 325 -18.16 17.08 -4.16
N SER A 326 -17.42 16.06 -4.55
CA SER A 326 -16.23 16.22 -5.38
C SER A 326 -16.25 15.22 -6.57
N ALA A 327 -16.68 15.71 -7.73
CA ALA A 327 -16.80 14.93 -8.93
C ALA A 327 -15.48 14.87 -9.69
N THR A 328 -15.21 13.70 -10.24
CA THR A 328 -14.01 13.47 -11.02
C THR A 328 -14.43 13.47 -12.48
N VAL A 329 -13.84 14.35 -13.29
CA VAL A 329 -14.26 14.52 -14.69
C VAL A 329 -13.06 14.18 -15.58
N LEU A 330 -13.20 13.17 -16.44
CA LEU A 330 -12.10 12.75 -17.32
C LEU A 330 -12.63 12.73 -18.75
N ASN A 331 -11.83 13.25 -19.68
CA ASN A 331 -12.22 13.32 -21.09
C ASN A 331 -11.02 12.83 -21.90
N ASN A 332 -11.24 11.74 -22.64
CA ASN A 332 -10.18 11.01 -23.34
C ASN A 332 -9.19 10.46 -22.33
N TYR A 333 -9.66 9.43 -21.64
CA TYR A 333 -8.95 8.74 -20.56
C TYR A 333 -8.84 7.25 -20.83
N HIS A 334 -7.76 6.65 -20.35
CA HIS A 334 -7.41 5.27 -20.64
C HIS A 334 -6.79 4.60 -19.40
N TYR A 335 -7.61 3.77 -18.77
CA TYR A 335 -7.28 2.94 -17.61
C TYR A 335 -7.17 3.81 -16.35
N VAL A 336 -8.24 3.76 -15.57
CA VAL A 336 -8.40 4.53 -14.34
CA VAL A 336 -8.30 4.47 -14.30
C VAL A 336 -8.98 3.58 -13.28
N ASN A 337 -8.37 3.49 -12.11
CA ASN A 337 -8.83 2.59 -11.05
C ASN A 337 -9.27 3.33 -9.81
N PHE A 338 -10.47 3.04 -9.31
CA PHE A 338 -10.90 3.49 -7.99
C PHE A 338 -10.99 2.24 -7.14
N THR A 339 -10.13 2.11 -6.12
CA THR A 339 -10.15 0.95 -5.23
C THR A 339 -10.38 1.38 -3.78
N ARG A 340 -11.26 0.69 -3.06
CA ARG A 340 -11.49 0.92 -1.63
C ARG A 340 -11.84 2.36 -1.37
N CYS A 341 -12.59 2.98 -2.28
CA CYS A 341 -12.94 4.39 -2.12
C CYS A 341 -14.34 4.52 -1.56
N GLU A 342 -14.60 5.68 -0.95
N GLU A 342 -14.58 5.67 -0.93
CA GLU A 342 -15.89 6.02 -0.38
CA GLU A 342 -15.87 6.03 -0.40
C GLU A 342 -16.37 7.33 -1.01
C GLU A 342 -16.28 7.29 -1.16
N ARG A 343 -17.43 7.23 -1.82
CA ARG A 343 -17.87 8.35 -2.65
C ARG A 343 -19.20 8.87 -2.14
N TRP A 344 -19.20 10.13 -1.67
CA TRP A 344 -20.39 10.79 -1.16
C TRP A 344 -20.74 12.04 -1.97
N GLY A 345 -21.86 12.01 -2.70
CA GLY A 345 -22.26 13.13 -3.53
C GLY A 345 -21.19 13.49 -4.54
N SER A 346 -20.49 12.48 -5.02
CA SER A 346 -19.24 12.65 -5.79
C SER A 346 -19.22 11.83 -7.09
N ALA A 347 -19.77 12.39 -8.14
CA ALA A 347 -19.95 11.65 -9.40
C ALA A 347 -18.63 11.33 -10.08
N PHE A 348 -18.64 10.27 -10.90
CA PHE A 348 -17.59 10.04 -11.87
C PHE A 348 -18.19 10.38 -13.23
N ILE A 349 -17.52 11.28 -13.97
CA ILE A 349 -18.02 11.76 -15.25
C ILE A 349 -16.97 11.44 -16.30
N GLY A 350 -17.29 10.51 -17.19
CA GLY A 350 -16.35 10.08 -18.22
C GLY A 350 -16.88 10.42 -19.61
N ARG A 351 -16.00 11.03 -20.41
CA ARG A 351 -16.32 11.51 -21.74
C ARG A 351 -15.17 11.20 -22.69
N ALA A 352 -15.40 11.31 -24.00
CA ALA A 352 -14.34 11.04 -24.99
C ALA A 352 -14.34 12.00 -26.16
N ASP A 353 -15.12 13.09 -26.10
CA ASP A 353 -15.19 13.96 -27.28
C ASP A 353 -13.85 14.63 -27.59
N LEU A 354 -12.95 14.74 -26.62
CA LEU A 354 -11.63 15.30 -26.92
C LEU A 354 -10.74 14.34 -27.68
N ASN A 355 -11.13 13.07 -27.74
CA ASN A 355 -10.43 12.10 -28.59
C ASN A 355 -10.92 12.28 -30.02
N THR A 356 -10.26 13.16 -30.74
CA THR A 356 -10.67 13.49 -32.09
C THR A 356 -10.21 12.42 -33.11
N ILE A 357 -9.50 11.40 -32.63
CA ILE A 357 -9.03 10.33 -33.48
C ILE A 357 -10.03 9.20 -33.54
N GLN A 358 -10.42 8.67 -32.39
CA GLN A 358 -11.34 7.54 -32.31
C GLN A 358 -12.59 7.78 -31.46
N PHE A 359 -12.64 8.92 -30.74
CA PHE A 359 -13.82 9.28 -29.94
C PHE A 359 -14.16 8.17 -28.95
N ILE A 360 -13.14 7.64 -28.29
CA ILE A 360 -13.34 6.60 -27.29
C ILE A 360 -12.43 6.78 -26.07
N SER A 361 -12.99 6.46 -24.90
CA SER A 361 -12.20 6.30 -23.69
C SER A 361 -12.27 4.84 -23.23
N GLU A 362 -11.34 4.42 -22.37
CA GLU A 362 -11.19 3.02 -22.01
C GLU A 362 -11.05 2.78 -20.50
N SER A 363 -11.76 1.76 -20.05
CA SER A 363 -11.51 1.06 -18.79
C SER A 363 -11.35 1.89 -17.52
N PRO A 364 -12.39 2.64 -17.18
CA PRO A 364 -12.57 3.07 -15.80
C PRO A 364 -13.02 1.86 -14.99
N LYS A 365 -12.34 1.57 -13.90
CA LYS A 365 -12.64 0.38 -13.09
C LYS A 365 -12.82 0.77 -11.63
N PHE A 366 -13.87 0.18 -11.04
CA PHE A 366 -14.20 0.38 -9.65
C PHE A 366 -14.18 -0.97 -8.91
N HIS A 367 -13.46 -1.03 -7.80
CA HIS A 367 -13.35 -2.25 -7.00
C HIS A 367 -13.46 -1.91 -5.53
N LEU A 368 -14.29 -2.65 -4.80
CA LEU A 368 -14.40 -2.50 -3.33
C LEU A 368 -14.73 -1.08 -2.92
N CYS A 369 -15.55 -0.41 -3.72
CA CYS A 369 -15.96 0.96 -3.39
C CYS A 369 -17.33 0.98 -2.69
N PHE A 370 -17.56 2.05 -1.93
CA PHE A 370 -18.87 2.35 -1.39
C PHE A 370 -19.26 3.70 -1.94
N SER A 371 -20.50 3.82 -2.44
CA SER A 371 -20.98 5.09 -2.98
C SER A 371 -22.35 5.42 -2.43
N SER A 372 -22.56 6.69 -2.12
CA SER A 372 -23.85 7.17 -1.75
C SER A 372 -24.09 8.49 -2.49
N GLY A 373 -25.15 8.54 -3.29
CA GLY A 373 -25.45 9.68 -4.14
C GLY A 373 -24.34 10.08 -5.11
N SER A 374 -23.63 9.09 -5.64
CA SER A 374 -22.45 9.29 -6.48
C SER A 374 -22.53 8.46 -7.75
N PRO A 375 -23.26 8.95 -8.73
CA PRO A 375 -23.38 8.16 -9.96
C PRO A 375 -22.07 8.05 -10.73
N ILE A 376 -22.08 7.07 -11.63
CA ILE A 376 -21.00 6.76 -12.56
C ILE A 376 -21.65 6.95 -13.95
N ASP A 377 -21.21 7.97 -14.66
CA ASP A 377 -21.85 8.45 -15.89
C ASP A 377 -20.78 8.46 -16.98
N VAL A 378 -20.77 7.44 -17.84
CA VAL A 378 -19.71 7.34 -18.85
C VAL A 378 -20.28 7.29 -20.24
N TRP A 379 -19.73 8.12 -21.11
CA TRP A 379 -20.19 8.21 -22.48
C TRP A 379 -18.99 7.80 -23.36
N ASP A 380 -19.28 7.12 -24.46
CA ASP A 380 -18.28 6.77 -25.45
C ASP A 380 -17.08 6.09 -24.80
N THR A 381 -17.39 5.19 -23.87
CA THR A 381 -16.39 4.54 -23.06
C THR A 381 -16.50 3.05 -23.17
N ALA A 382 -15.39 2.41 -23.51
CA ALA A 382 -15.33 0.96 -23.56
C ALA A 382 -14.88 0.34 -22.25
N ASP A 383 -15.58 -0.70 -21.83
CA ASP A 383 -15.12 -1.59 -20.75
C ASP A 383 -15.10 -0.91 -19.37
N LEU A 384 -16.08 -0.05 -19.09
CA LEU A 384 -16.37 0.31 -17.70
C LEU A 384 -16.56 -1.01 -16.96
N ALA A 385 -15.86 -1.19 -15.83
CA ALA A 385 -16.02 -2.38 -15.00
C ALA A 385 -16.25 -2.01 -13.55
N ILE A 386 -17.30 -2.60 -12.96
CA ILE A 386 -17.63 -2.38 -11.54
C ILE A 386 -17.67 -3.78 -10.90
N THR A 387 -16.87 -4.00 -9.86
CA THR A 387 -16.79 -5.31 -9.21
C THR A 387 -16.71 -5.16 -7.71
N LYS A 388 -17.54 -5.94 -7.01
CA LYS A 388 -17.47 -5.97 -5.56
C LYS A 388 -17.68 -4.59 -4.95
N CYS A 389 -18.64 -3.86 -5.51
N CYS A 389 -18.65 -3.86 -5.50
CA CYS A 389 -18.95 -2.49 -5.08
CA CYS A 389 -18.96 -2.52 -5.04
C CYS A 389 -20.36 -2.41 -4.51
C CYS A 389 -20.34 -2.46 -4.41
N THR A 390 -20.60 -1.38 -3.70
CA THR A 390 -21.92 -1.11 -3.15
C THR A 390 -22.29 0.32 -3.51
N MET A 391 -23.45 0.50 -4.14
CA MET A 391 -23.93 1.84 -4.50
C MET A 391 -25.32 2.04 -3.96
N PHE A 392 -25.50 3.16 -3.27
CA PHE A 392 -26.70 3.49 -2.53
C PHE A 392 -27.23 4.87 -2.99
N ALA A 393 -28.55 4.98 -3.12
CA ALA A 393 -29.22 6.25 -3.34
C ALA A 393 -28.78 6.91 -4.64
N GLY A 394 -28.84 8.24 -4.70
CA GLY A 394 -28.56 8.95 -5.94
C GLY A 394 -29.74 8.91 -6.91
N ASP A 395 -29.67 9.70 -7.97
CA ASP A 395 -30.69 9.68 -9.02
C ASP A 395 -30.64 8.40 -9.84
N TYR A 396 -29.42 7.95 -10.11
CA TYR A 396 -29.15 6.67 -10.79
C TYR A 396 -27.78 6.22 -10.33
N ALA A 397 -27.39 4.96 -10.59
CA ALA A 397 -26.07 4.52 -10.11
C ALA A 397 -25.08 4.42 -11.25
N VAL A 398 -25.49 3.81 -12.38
CA VAL A 398 -24.60 3.59 -13.52
C VAL A 398 -25.32 3.97 -14.80
N ARG A 399 -24.71 4.83 -15.61
CA ARG A 399 -25.28 5.25 -16.87
C ARG A 399 -24.21 5.18 -17.98
N THR A 400 -24.59 4.66 -19.14
CA THR A 400 -23.75 4.67 -20.31
C THR A 400 -24.54 5.30 -21.46
N ARG A 401 -23.81 6.03 -22.29
CA ARG A 401 -24.37 6.68 -23.47
C ARG A 401 -23.37 6.60 -24.64
N VAL A 402 -23.91 6.68 -25.86
CA VAL A 402 -23.15 6.70 -27.09
C VAL A 402 -23.49 8.00 -27.81
N THR A 403 -22.48 8.79 -28.13
CA THR A 403 -22.74 10.06 -28.83
C THR A 403 -22.88 9.83 -30.33
N GLN A 404 -22.05 8.94 -30.86
CA GLN A 404 -21.99 8.65 -32.29
C GLN A 404 -22.90 7.47 -32.64
N LYS A 405 -24.21 7.64 -32.68
CA LYS A 405 -25.14 6.52 -32.79
C LYS A 405 -25.37 6.07 -34.23
N GLN A 406 -25.20 7.00 -35.16
CA GLN A 406 -25.47 6.76 -36.60
C GLN A 406 -24.40 5.85 -37.22
N VAL A 407 -24.83 4.83 -37.96
CA VAL A 407 -23.91 3.94 -38.64
C VAL A 407 -24.26 3.81 -40.13
N THR A 408 -23.29 3.31 -40.87
CA THR A 408 -23.43 2.97 -42.28
C THR A 408 -23.31 1.46 -42.55
N ALA A 409 -24.14 0.96 -43.46
CA ALA A 409 -24.06 -0.41 -43.94
C ALA A 409 -22.62 -0.84 -44.24
N PRO A 410 -22.24 -2.06 -43.84
CA PRO A 410 -23.09 -3.09 -43.23
C PRO A 410 -23.26 -2.96 -41.71
N ASP A 411 -22.64 -1.98 -41.06
CA ASP A 411 -22.86 -1.77 -39.64
C ASP A 411 -24.33 -1.49 -39.36
N LEU A 412 -24.84 -1.97 -38.23
CA LEU A 412 -26.27 -1.79 -37.89
C LEU A 412 -26.48 -1.06 -36.57
N PHE A 413 -25.42 -0.94 -35.79
CA PHE A 413 -25.55 -0.53 -34.39
C PHE A 413 -24.18 -0.08 -33.90
N ALA A 414 -24.15 0.86 -32.96
CA ALA A 414 -22.90 1.30 -32.31
C ALA A 414 -23.01 1.24 -30.78
N GLY A 415 -21.97 0.73 -30.13
CA GLY A 415 -21.95 0.70 -28.67
C GLY A 415 -20.76 -0.03 -28.11
N TYR A 416 -20.75 -0.17 -26.79
CA TYR A 416 -19.55 -0.59 -26.05
C TYR A 416 -19.91 -1.49 -24.86
N PRO A 417 -18.97 -2.34 -24.43
CA PRO A 417 -19.26 -3.20 -23.26
C PRO A 417 -19.12 -2.54 -21.91
N VAL A 418 -19.94 -3.02 -20.98
CA VAL A 418 -19.77 -2.76 -19.57
C VAL A 418 -19.62 -4.15 -18.92
N LEU A 419 -18.84 -4.23 -17.85
CA LEU A 419 -18.69 -5.45 -17.05
C LEU A 419 -19.11 -5.11 -15.61
N ILE A 420 -20.25 -5.62 -15.15
CA ILE A 420 -20.70 -5.33 -13.77
C ILE A 420 -20.82 -6.67 -13.07
N THR A 421 -20.06 -6.88 -11.97
CA THR A 421 -19.97 -8.17 -11.30
C THR A 421 -20.04 -8.05 -9.79
N CYS A 422 -20.78 -8.99 -9.19
CA CYS A 422 -20.95 -9.15 -7.76
C CYS A 422 -20.98 -7.80 -6.99
N SER A 423 -21.90 -6.95 -7.43
CA SER A 423 -22.07 -5.63 -6.80
C SER A 423 -23.52 -5.44 -6.35
N VAL A 424 -23.72 -4.47 -5.45
CA VAL A 424 -25.00 -4.23 -4.86
C VAL A 424 -25.45 -2.79 -5.14
N PHE A 425 -26.71 -2.64 -5.58
CA PHE A 425 -27.28 -1.34 -5.97
C PHE A 425 -28.62 -1.21 -5.26
N ASP A 426 -28.69 -0.28 -4.29
CA ASP A 426 -29.83 -0.24 -3.37
C ASP A 426 -30.37 1.17 -3.11
N ALA A 427 -31.70 1.25 -3.12
CA ALA A 427 -32.43 2.46 -2.77
C ALA A 427 -32.05 3.62 -3.69
N VAL A 428 -31.67 3.31 -4.91
CA VAL A 428 -31.44 4.33 -5.93
C VAL A 428 -32.82 4.92 -6.31
N ARG A 429 -32.90 6.23 -6.47
CA ARG A 429 -34.21 6.88 -6.69
C ARG A 429 -34.80 6.57 -8.05
N GLY A 430 -33.96 6.60 -9.08
CA GLY A 430 -34.31 6.17 -10.43
C GLY A 430 -33.70 4.81 -10.74
N HIS A 431 -33.33 4.60 -12.01
CA HIS A 431 -32.73 3.32 -12.39
C HIS A 431 -31.39 3.10 -11.67
N ALA A 432 -31.14 1.89 -11.20
CA ALA A 432 -29.77 1.54 -10.82
C ALA A 432 -28.86 1.61 -12.03
N TRP A 433 -29.27 0.92 -13.11
CA TRP A 433 -28.52 0.88 -14.36
C TRP A 433 -29.37 1.49 -15.46
N ASP A 434 -28.82 2.49 -16.14
CA ASP A 434 -29.48 3.13 -17.28
C ASP A 434 -28.49 2.98 -18.42
N LEU A 435 -28.60 1.89 -19.16
CA LEU A 435 -27.55 1.53 -20.10
C LEU A 435 -28.01 1.67 -21.56
N GLU A 436 -27.42 2.61 -22.27
CA GLU A 436 -27.69 2.79 -23.70
C GLU A 436 -26.46 2.37 -24.49
N GLY A 437 -26.69 1.64 -25.58
CA GLY A 437 -25.58 1.26 -26.45
C GLY A 437 -24.66 0.22 -25.80
N SER A 438 -25.27 -0.74 -25.12
CA SER A 438 -24.54 -1.78 -24.41
C SER A 438 -24.28 -2.94 -25.36
N VAL A 439 -23.01 -3.21 -25.67
CA VAL A 439 -22.66 -4.29 -26.63
C VAL A 439 -21.54 -5.18 -26.04
N TYR A 440 -21.71 -6.50 -26.08
CA TYR A 440 -20.73 -7.49 -25.55
C TYR A 440 -20.58 -7.39 -24.03
N SER A 441 -21.57 -6.81 -23.36
CA SER A 441 -21.49 -6.60 -21.93
C SER A 441 -21.66 -7.93 -21.18
N THR A 442 -21.09 -8.00 -19.98
CA THR A 442 -21.32 -9.13 -19.09
C THR A 442 -21.70 -8.55 -17.76
N ILE A 443 -22.87 -8.98 -17.29
CA ILE A 443 -23.47 -8.44 -16.08
C ILE A 443 -23.89 -9.63 -15.23
N THR A 444 -23.12 -9.91 -14.17
CA THR A 444 -23.15 -11.21 -13.50
C THR A 444 -23.21 -11.10 -11.97
N GLY A 445 -24.17 -11.75 -11.32
CA GLY A 445 -24.09 -11.91 -9.88
C GLY A 445 -24.34 -10.66 -9.06
N ASN A 446 -25.11 -9.72 -9.61
CA ASN A 446 -25.44 -8.50 -8.90
C ASN A 446 -26.79 -8.50 -8.22
N LEU A 447 -26.95 -7.57 -7.29
N LEU A 447 -26.93 -7.58 -7.28
CA LEU A 447 -28.20 -7.37 -6.60
CA LEU A 447 -28.16 -7.30 -6.56
C LEU A 447 -28.68 -5.93 -6.82
C LEU A 447 -28.66 -5.89 -6.88
N VAL A 448 -29.91 -5.80 -7.32
CA VAL A 448 -30.48 -4.48 -7.67
C VAL A 448 -31.83 -4.31 -6.98
N SER A 449 -31.99 -3.19 -6.28
CA SER A 449 -33.26 -2.82 -5.69
C SER A 449 -33.35 -1.31 -5.88
N ALA A 450 -34.12 -0.85 -6.87
CA ALA A 450 -34.06 0.56 -7.23
C ALA A 450 -35.34 1.06 -7.88
N GLY A 451 -35.46 2.38 -7.96
CA GLY A 451 -36.52 3.06 -8.71
C GLY A 451 -37.79 3.39 -7.95
N ARG A 452 -37.84 3.08 -6.65
CA ARG A 452 -39.13 3.16 -5.94
C ARG A 452 -39.62 4.61 -5.83
N ASP A 453 -38.69 5.53 -5.65
CA ASP A 453 -39.04 6.93 -5.43
C ASP A 453 -39.64 7.58 -6.68
N THR A 454 -39.35 7.03 -7.84
CA THR A 454 -39.77 7.63 -9.12
C THR A 454 -40.61 6.68 -9.99
N ASN A 455 -41.04 5.55 -9.43
CA ASN A 455 -41.75 4.49 -10.17
C ASN A 455 -40.98 4.07 -11.43
N SER A 456 -39.66 3.94 -11.24
CA SER A 456 -38.74 3.58 -12.30
C SER A 456 -38.34 2.10 -12.24
N HIS A 457 -38.04 1.52 -13.39
CA HIS A 457 -37.44 0.18 -13.42
C HIS A 457 -36.12 0.12 -12.66
N GLY A 458 -35.84 -1.04 -12.07
CA GLY A 458 -34.57 -1.23 -11.40
C GLY A 458 -33.41 -1.06 -12.34
N ALA A 459 -33.55 -1.61 -13.55
CA ALA A 459 -32.50 -1.52 -14.55
C ALA A 459 -33.16 -1.38 -15.91
N TYR A 460 -32.54 -0.61 -16.79
CA TYR A 460 -33.12 -0.31 -18.10
C TYR A 460 -32.00 -0.34 -19.14
N ILE A 461 -32.08 -1.28 -20.08
CA ILE A 461 -31.11 -1.35 -21.17
C ILE A 461 -31.86 -0.98 -22.44
N LYS A 462 -31.48 0.15 -23.04
CA LYS A 462 -32.13 0.66 -24.23
C LYS A 462 -31.09 0.68 -25.35
N GLY A 463 -31.16 -0.31 -26.24
CA GLY A 463 -30.15 -0.48 -27.26
C GLY A 463 -29.05 -1.36 -26.74
N GLY A 464 -29.21 -2.66 -26.94
CA GLY A 464 -28.25 -3.63 -26.46
C GLY A 464 -28.01 -4.70 -27.52
N ARG A 465 -26.79 -5.24 -27.63
CA ARG A 465 -26.53 -6.29 -28.62
C ARG A 465 -25.50 -7.26 -28.08
N SER A 466 -25.74 -8.55 -28.29
CA SER A 466 -24.73 -9.57 -28.05
C SER A 466 -24.18 -9.49 -26.65
N LEU A 467 -25.07 -9.45 -25.66
CA LEU A 467 -24.63 -9.35 -24.27
C LEU A 467 -25.22 -10.46 -23.39
N SER A 468 -24.65 -10.59 -22.20
CA SER A 468 -25.03 -11.66 -21.27
C SER A 468 -25.29 -11.09 -19.90
N LEU A 469 -26.46 -11.40 -19.36
CA LEU A 469 -26.87 -10.91 -18.05
C LEU A 469 -27.33 -12.14 -17.29
N THR A 470 -26.49 -12.53 -16.33
CA THR A 470 -26.52 -13.84 -15.72
C THR A 470 -26.54 -13.83 -14.21
N GLY A 471 -27.45 -14.56 -13.59
CA GLY A 471 -27.33 -14.83 -12.17
C GLY A 471 -27.48 -13.60 -11.29
N ASN A 472 -28.28 -12.63 -11.73
CA ASN A 472 -28.58 -11.43 -10.94
C ASN A 472 -29.92 -11.52 -10.18
N VAL A 473 -30.11 -10.69 -9.16
CA VAL A 473 -31.38 -10.59 -8.46
C VAL A 473 -31.88 -9.17 -8.51
N PHE A 474 -33.14 -9.01 -8.91
CA PHE A 474 -33.81 -7.72 -9.01
C PHE A 474 -35.00 -7.77 -8.10
N THR A 475 -35.02 -6.94 -7.06
CA THR A 475 -36.05 -7.09 -6.03
C THR A 475 -36.58 -5.73 -5.55
N TYR A 476 -37.89 -5.65 -5.35
CA TYR A 476 -38.52 -4.48 -4.77
C TYR A 476 -38.19 -3.20 -5.54
N CYS A 477 -38.23 -3.29 -6.87
CA CYS A 477 -37.98 -2.14 -7.73
C CYS A 477 -39.28 -1.38 -7.98
N GLY A 478 -39.17 -0.16 -8.50
CA GLY A 478 -40.30 0.76 -8.59
C GLY A 478 -41.24 0.55 -9.76
N ASN A 479 -40.92 -0.42 -10.62
CA ASN A 479 -41.77 -0.76 -11.78
C ASN A 479 -41.32 -2.17 -12.16
N TYR A 480 -40.73 -2.33 -13.35
CA TYR A 480 -40.16 -3.64 -13.59
C TYR A 480 -38.79 -3.81 -12.89
N GLY A 481 -38.43 -5.04 -12.58
CA GLY A 481 -37.04 -5.25 -12.13
C GLY A 481 -36.05 -4.82 -13.21
N LEU A 482 -36.28 -5.35 -14.40
CA LEU A 482 -35.43 -5.12 -15.59
C LEU A 482 -36.32 -4.94 -16.83
N VAL A 483 -36.04 -3.88 -17.59
CA VAL A 483 -36.63 -3.71 -18.91
C VAL A 483 -35.53 -3.63 -19.97
N LEU A 484 -35.76 -4.38 -21.04
CA LEU A 484 -34.91 -4.43 -22.22
C LEU A 484 -35.70 -3.84 -23.37
N GLU A 485 -35.18 -2.76 -23.94
CA GLU A 485 -35.75 -2.10 -25.10
C GLU A 485 -34.72 -2.09 -26.24
N ASP A 486 -35.10 -2.57 -27.41
CA ASP A 486 -34.17 -2.63 -28.56
C ASP A 486 -32.90 -3.40 -28.16
N VAL A 487 -33.10 -4.60 -27.63
CA VAL A 487 -32.00 -5.50 -27.33
C VAL A 487 -32.14 -6.72 -28.22
N GLN A 488 -31.03 -7.15 -28.80
CA GLN A 488 -31.04 -8.32 -29.69
C GLN A 488 -29.88 -9.25 -29.40
N GLN A 489 -30.10 -10.53 -29.75
CA GLN A 489 -29.11 -11.60 -29.64
C GLN A 489 -28.35 -11.60 -28.35
N SER A 490 -29.10 -11.71 -27.25
CA SER A 490 -28.52 -11.65 -25.91
C SER A 490 -29.16 -12.71 -25.04
N GLY A 491 -28.48 -13.07 -23.93
CA GLY A 491 -28.89 -14.17 -23.05
C GLY A 491 -29.11 -13.72 -21.63
N PHE A 492 -30.18 -14.23 -21.01
CA PHE A 492 -30.61 -13.86 -19.67
C PHE A 492 -30.88 -15.13 -18.92
N VAL A 493 -29.87 -15.63 -18.22
CA VAL A 493 -29.93 -16.93 -17.60
CA VAL A 493 -29.96 -16.93 -17.58
C VAL A 493 -29.79 -16.85 -16.07
N GLY A 494 -30.69 -17.52 -15.35
CA GLY A 494 -30.56 -17.68 -13.91
C GLY A 494 -30.93 -16.46 -13.10
N ASN A 495 -31.54 -15.46 -13.71
CA ASN A 495 -31.91 -14.26 -12.93
C ASN A 495 -33.21 -14.44 -12.12
N VAL A 496 -33.29 -13.73 -10.99
CA VAL A 496 -34.43 -13.75 -10.10
C VAL A 496 -35.08 -12.35 -10.13
N PHE A 497 -36.41 -12.31 -10.29
CA PHE A 497 -37.15 -11.06 -10.35
C PHE A 497 -38.27 -11.16 -9.32
N ASN A 498 -38.06 -10.48 -8.20
CA ASN A 498 -38.89 -10.65 -7.00
C ASN A 498 -39.55 -9.36 -6.50
N GLY A 499 -40.83 -9.42 -6.20
CA GLY A 499 -41.42 -8.35 -5.43
C GLY A 499 -41.35 -6.95 -6.04
N ASN A 500 -41.28 -6.87 -7.37
CA ASN A 500 -41.24 -5.56 -8.03
C ASN A 500 -42.65 -4.99 -8.24
N LYS A 501 -42.79 -3.68 -8.38
CA LYS A 501 -44.13 -3.04 -8.33
C LYS A 501 -45.04 -3.44 -9.48
N THR A 502 -44.48 -3.50 -10.69
CA THR A 502 -45.28 -3.66 -11.92
C THR A 502 -45.02 -4.98 -12.65
N GLY A 503 -43.80 -5.50 -12.56
CA GLY A 503 -43.49 -6.74 -13.23
C GLY A 503 -42.05 -7.13 -12.97
N GLY A 504 -41.67 -8.33 -13.41
CA GLY A 504 -40.31 -8.78 -13.17
C GLY A 504 -39.37 -8.36 -14.29
N LEU A 505 -39.57 -8.98 -15.45
CA LEU A 505 -38.77 -8.74 -16.64
C LEU A 505 -39.66 -8.29 -17.79
N GLY A 506 -39.32 -7.15 -18.41
CA GLY A 506 -40.08 -6.62 -19.53
C GLY A 506 -39.23 -6.45 -20.79
N THR A 507 -39.84 -6.72 -21.95
CA THR A 507 -39.18 -6.42 -23.23
C THR A 507 -40.01 -5.49 -24.07
N LEU A 508 -39.32 -4.67 -24.86
CA LEU A 508 -39.92 -3.72 -25.79
C LEU A 508 -39.12 -3.75 -27.08
N ALA A 509 -39.70 -4.21 -28.18
CA ALA A 509 -39.01 -4.17 -29.50
C ALA A 509 -37.67 -4.89 -29.47
N CYS A 510 -37.67 -6.09 -28.91
CA CYS A 510 -36.48 -6.93 -28.90
C CYS A 510 -36.54 -8.07 -29.92
N LYS A 511 -35.41 -8.72 -30.13
CA LYS A 511 -35.35 -9.80 -31.10
C LYS A 511 -34.28 -10.80 -30.68
N ASP A 512 -34.63 -12.08 -30.71
CA ASP A 512 -33.66 -13.17 -30.44
C ASP A 512 -32.99 -13.05 -29.07
N LEU A 513 -33.81 -13.26 -28.03
CA LEU A 513 -33.35 -13.27 -26.64
C LEU A 513 -33.66 -14.62 -26.03
N SER A 514 -32.75 -15.10 -25.20
CA SER A 514 -33.06 -16.26 -24.38
C SER A 514 -33.20 -15.87 -22.91
N ILE A 515 -34.26 -16.40 -22.30
CA ILE A 515 -34.59 -16.17 -20.89
C ILE A 515 -34.76 -17.55 -20.30
N VAL A 516 -33.81 -17.93 -19.46
CA VAL A 516 -33.68 -19.32 -19.04
C VAL A 516 -33.56 -19.43 -17.53
N GLY A 517 -34.36 -20.31 -16.92
CA GLY A 517 -34.20 -20.58 -15.50
C GLY A 517 -34.44 -19.38 -14.61
N GLY A 518 -33.87 -19.42 -13.41
CA GLY A 518 -34.14 -18.38 -12.42
C GLY A 518 -35.59 -18.49 -12.02
N SER A 519 -36.15 -17.40 -11.52
CA SER A 519 -37.46 -17.47 -10.90
C SER A 519 -38.08 -16.07 -10.84
N MET A 520 -39.40 -16.00 -10.82
CA MET A 520 -40.07 -14.72 -10.62
C MET A 520 -41.30 -14.94 -9.74
N GLY A 521 -41.60 -13.94 -8.93
CA GLY A 521 -42.66 -14.04 -7.97
C GLY A 521 -42.46 -13.05 -6.84
N THR A 522 -43.06 -13.34 -5.68
CA THR A 522 -42.79 -12.57 -4.48
C THR A 522 -42.60 -13.53 -3.30
N THR A 523 -41.49 -13.39 -2.55
CA THR A 523 -41.24 -14.31 -1.43
C THR A 523 -41.56 -13.70 -0.05
N TYR A 524 -42.02 -12.45 -0.02
CA TYR A 524 -42.49 -11.81 1.20
C TYR A 524 -41.46 -11.83 2.32
N VAL A 525 -40.22 -11.52 1.97
CA VAL A 525 -39.15 -11.47 2.94
C VAL A 525 -39.18 -10.14 3.68
N ARG A 526 -39.13 -10.21 5.00
CA ARG A 526 -39.08 -8.99 5.83
C ARG A 526 -38.02 -7.99 5.35
N GLY A 527 -38.43 -6.72 5.23
CA GLY A 527 -37.52 -5.70 4.77
C GLY A 527 -37.94 -4.95 3.52
N GLY A 528 -38.95 -5.44 2.81
CA GLY A 528 -39.54 -4.68 1.71
C GLY A 528 -39.76 -5.47 0.43
N TYR A 529 -40.97 -5.34 -0.10
CA TYR A 529 -41.39 -5.96 -1.35
C TYR A 529 -42.74 -5.37 -1.73
N TYR A 530 -43.05 -5.42 -3.03
CA TYR A 530 -44.43 -5.26 -3.52
C TYR A 530 -44.94 -6.65 -3.83
N THR A 531 -46.25 -6.81 -3.98
CA THR A 531 -46.79 -8.04 -4.55
CA THR A 531 -46.78 -8.04 -4.57
C THR A 531 -46.66 -7.92 -6.07
N GLN A 532 -45.67 -8.58 -6.64
CA GLN A 532 -45.40 -8.47 -8.08
C GLN A 532 -46.55 -9.06 -8.88
N PRO A 533 -47.12 -8.28 -9.82
CA PRO A 533 -48.30 -8.83 -10.52
C PRO A 533 -48.01 -9.59 -11.79
N VAL A 534 -46.86 -9.34 -12.37
CA VAL A 534 -46.45 -9.86 -13.69
C VAL A 534 -45.08 -10.50 -13.59
N GLY A 535 -44.89 -11.65 -14.24
CA GLY A 535 -43.56 -12.25 -14.34
C GLY A 535 -42.77 -11.60 -15.45
N TYR A 536 -42.93 -12.17 -16.63
CA TYR A 536 -42.30 -11.75 -17.85
C TYR A 536 -43.38 -11.16 -18.76
N SER A 537 -43.13 -9.99 -19.31
CA SER A 537 -44.04 -9.36 -20.27
C SER A 537 -43.30 -8.76 -21.47
N ASP A 538 -43.77 -9.13 -22.68
CA ASP A 538 -43.39 -8.43 -23.91
C ASP A 538 -44.42 -7.31 -23.99
N ILE A 539 -44.04 -6.18 -23.41
CA ILE A 539 -44.98 -5.16 -22.98
C ILE A 539 -45.86 -4.61 -24.10
N SER A 540 -45.25 -4.33 -25.25
CA SER A 540 -46.01 -3.87 -26.44
C SER A 540 -46.28 -4.96 -27.50
N SER A 541 -46.11 -6.23 -27.12
CA SER A 541 -46.36 -7.36 -28.01
CA SER A 541 -46.27 -7.41 -27.97
C SER A 541 -45.71 -7.22 -29.38
N ASN A 542 -44.45 -6.80 -29.43
CA ASN A 542 -43.81 -6.58 -30.73
C ASN A 542 -42.41 -7.19 -30.84
N SER A 543 -42.04 -8.06 -29.92
CA SER A 543 -40.75 -8.73 -30.03
C SER A 543 -40.89 -10.06 -30.80
N THR A 544 -39.78 -10.55 -31.36
CA THR A 544 -39.78 -11.88 -32.00
C THR A 544 -38.56 -12.68 -31.58
N GLY A 545 -38.66 -14.00 -31.66
CA GLY A 545 -37.54 -14.84 -31.32
C GLY A 545 -37.22 -14.83 -29.84
N ILE A 546 -38.22 -14.56 -28.99
CA ILE A 546 -38.00 -14.58 -27.56
C ILE A 546 -38.28 -15.98 -27.03
N LEU A 547 -37.29 -16.57 -26.36
CA LEU A 547 -37.35 -17.97 -25.96
C LEU A 547 -37.28 -18.04 -24.45
N LEU A 548 -38.36 -18.51 -23.83
CA LEU A 548 -38.38 -18.75 -22.40
C LEU A 548 -38.29 -20.25 -22.09
N SER A 549 -37.35 -20.64 -21.24
CA SER A 549 -37.08 -22.04 -20.96
C SER A 549 -36.80 -22.25 -19.49
N GLY A 550 -37.63 -23.03 -18.80
CA GLY A 550 -37.25 -23.55 -17.51
C GLY A 550 -37.38 -22.58 -16.34
N VAL A 551 -38.19 -21.52 -16.53
CA VAL A 551 -38.37 -20.52 -15.48
C VAL A 551 -39.38 -20.97 -14.41
N ALA A 552 -38.98 -20.89 -13.14
CA ALA A 552 -39.84 -21.28 -12.03
C ALA A 552 -40.67 -20.06 -11.58
N PHE A 553 -41.94 -20.03 -11.99
CA PHE A 553 -42.84 -18.94 -11.62
C PHE A 553 -43.64 -19.28 -10.37
N ASP A 554 -43.72 -18.32 -9.44
CA ASP A 554 -44.64 -18.37 -8.29
C ASP A 554 -46.05 -18.62 -8.80
N GLU A 555 -46.73 -19.65 -8.30
CA GLU A 555 -48.08 -19.98 -8.80
C GLU A 555 -49.06 -18.86 -8.55
N ALA A 556 -48.77 -18.03 -7.56
CA ALA A 556 -49.67 -16.94 -7.19
C ALA A 556 -49.55 -15.72 -8.09
N LEU A 557 -48.57 -15.69 -8.98
CA LEU A 557 -48.46 -14.57 -9.92
C LEU A 557 -49.69 -14.45 -10.80
N THR A 558 -50.26 -13.27 -10.88
CA THR A 558 -51.48 -13.06 -11.63
CA THR A 558 -51.51 -13.14 -11.61
C THR A 558 -51.27 -13.31 -13.12
N THR A 559 -50.15 -12.80 -13.63
CA THR A 559 -49.83 -12.98 -15.06
C THR A 559 -48.40 -13.44 -15.11
N LYS A 560 -48.16 -14.72 -15.38
CA LYS A 560 -46.78 -15.20 -15.38
C LYS A 560 -46.02 -14.79 -16.63
N VAL A 561 -46.64 -14.99 -17.79
CA VAL A 561 -46.05 -14.69 -19.08
C VAL A 561 -47.08 -14.00 -19.96
N TYR A 562 -46.70 -12.84 -20.48
CA TYR A 562 -47.46 -12.11 -21.48
C TYR A 562 -46.62 -12.04 -22.77
N LEU A 563 -47.00 -12.82 -23.78
CA LEU A 563 -46.13 -13.05 -24.94
C LEU A 563 -46.95 -13.66 -26.08
N ASP A 564 -46.76 -13.17 -27.30
CA ASP A 564 -47.46 -13.70 -28.46
C ASP A 564 -46.64 -14.85 -29.02
N THR A 565 -47.12 -16.08 -28.79
CA THR A 565 -46.41 -17.30 -29.16
C THR A 565 -47.02 -17.97 -30.40
N SER A 566 -47.72 -17.20 -31.20
CA SER A 566 -48.29 -17.73 -32.42
C SER A 566 -47.15 -18.10 -33.39
N ILE A 567 -47.46 -18.95 -34.36
CA ILE A 567 -46.42 -19.67 -35.15
C ILE A 567 -45.49 -18.70 -35.88
N THR A 568 -45.96 -17.52 -36.28
CA THR A 568 -45.06 -16.62 -37.07
C THR A 568 -44.14 -15.76 -36.19
N THR A 569 -44.31 -15.75 -34.87
CA THR A 569 -43.53 -14.82 -34.00
C THR A 569 -42.17 -15.36 -33.52
N ARG A 570 -41.95 -16.66 -33.71
N ARG A 570 -41.94 -16.66 -33.72
CA ARG A 570 -40.69 -17.33 -33.29
CA ARG A 570 -40.68 -17.33 -33.30
C ARG A 570 -40.55 -17.31 -31.76
C ARG A 570 -40.54 -17.30 -31.76
N ASN A 571 -41.51 -16.77 -31.03
CA ASN A 571 -41.59 -16.70 -29.56
C ASN A 571 -42.09 -18.06 -29.07
N LYS A 572 -41.40 -18.60 -28.07
CA LYS A 572 -41.70 -19.96 -27.62
CA LYS A 572 -41.68 -19.97 -27.62
C LYS A 572 -41.22 -20.38 -26.13
N VAL A 573 -42.25 -20.83 -25.46
CA VAL A 573 -42.09 -21.18 -24.03
C VAL A 573 -41.99 -22.72 -23.85
N ILE A 574 -40.99 -23.17 -23.09
CA ILE A 574 -40.96 -24.57 -22.67
C ILE A 574 -40.63 -24.70 -21.17
N ASN A 575 -41.34 -25.61 -20.50
CA ASN A 575 -41.14 -25.91 -19.07
C ASN A 575 -41.02 -24.67 -18.18
N CYS A 576 -41.99 -23.77 -18.30
CA CYS A 576 -42.13 -22.67 -17.35
C CYS A 576 -43.40 -22.94 -16.54
N SER A 577 -43.28 -22.94 -15.21
CA SER A 577 -44.37 -23.44 -14.39
C SER A 577 -45.57 -22.49 -14.48
N GLY A 578 -46.76 -23.08 -14.66
CA GLY A 578 -47.99 -22.31 -14.75
C GLY A 578 -48.24 -21.64 -16.09
N VAL A 579 -47.40 -21.94 -17.06
CA VAL A 579 -47.49 -21.35 -18.40
C VAL A 579 -47.56 -22.50 -19.40
N PRO A 580 -48.50 -22.45 -20.35
CA PRO A 580 -48.52 -23.55 -21.33
C PRO A 580 -47.26 -23.61 -22.21
N ASP A 581 -46.76 -24.82 -22.49
CA ASP A 581 -45.72 -25.00 -23.48
C ASP A 581 -46.27 -24.55 -24.83
N THR A 582 -45.42 -23.92 -25.63
CA THR A 582 -45.84 -23.50 -26.96
C THR A 582 -45.92 -24.73 -27.89
N ILE A 583 -47.05 -24.86 -28.56
CA ILE A 583 -47.30 -25.94 -29.50
C ILE A 583 -47.25 -25.36 -30.92
N ALA A 584 -46.55 -26.00 -31.85
CA ALA A 584 -46.61 -25.57 -33.25
C ALA A 584 -48.01 -25.86 -33.82
N ARG A 585 -48.72 -24.80 -34.16
CA ARG A 585 -50.12 -24.90 -34.58
C ARG A 585 -50.53 -23.70 -35.43
N GLY A 586 -51.63 -23.85 -36.16
CA GLY A 586 -52.21 -22.76 -36.90
C GLY A 586 -52.84 -23.26 -38.18
N SER A 587 -53.18 -22.34 -39.07
CA SER A 587 -53.90 -22.66 -40.27
C SER A 587 -53.04 -23.40 -41.31
N THR A 588 -53.68 -24.00 -42.30
CA THR A 588 -52.94 -24.58 -43.43
C THR A 588 -51.97 -23.56 -44.05
N ALA A 589 -52.43 -22.32 -44.20
CA ALA A 589 -51.57 -21.25 -44.77
C ALA A 589 -50.29 -21.04 -43.96
N ASN A 590 -50.33 -21.26 -42.65
CA ASN A 590 -49.15 -21.00 -41.80
C ASN A 590 -48.32 -22.26 -41.55
N ARG A 591 -48.60 -23.34 -42.27
CA ARG A 591 -47.74 -24.54 -42.10
C ARG A 591 -46.32 -24.14 -42.48
N PRO A 592 -45.30 -24.48 -41.65
CA PRO A 592 -43.92 -24.12 -41.95
C PRO A 592 -43.54 -24.62 -43.35
N ALA A 593 -42.75 -23.83 -44.05
CA ALA A 593 -42.29 -24.35 -45.35
C ALA A 593 -41.05 -25.21 -45.09
N ASN A 594 -41.04 -26.33 -45.76
CA ASN A 594 -39.87 -27.26 -45.72
C ASN A 594 -39.28 -27.36 -44.31
N PRO A 595 -40.00 -27.93 -43.32
CA PRO A 595 -39.46 -28.15 -41.97
C PRO A 595 -38.70 -29.49 -41.93
N GLN A 596 -38.12 -29.86 -40.79
CA GLN A 596 -37.36 -31.14 -40.78
C GLN A 596 -38.30 -32.32 -40.88
N ALA A 597 -37.77 -33.44 -41.37
CA ALA A 597 -38.56 -34.66 -41.45
C ALA A 597 -39.28 -34.95 -40.13
N SER A 598 -40.55 -35.30 -40.25
CA SER A 598 -41.42 -35.73 -39.14
C SER A 598 -41.78 -34.57 -38.19
N TYR A 599 -41.50 -33.34 -38.61
CA TYR A 599 -41.95 -32.15 -37.88
C TYR A 599 -43.45 -32.31 -37.62
N GLN A 600 -43.93 -31.99 -36.41
CA GLN A 600 -45.36 -32.13 -36.08
C GLN A 600 -46.04 -30.76 -35.92
N TYR A 601 -47.16 -30.57 -36.61
CA TYR A 601 -47.90 -29.31 -36.65
C TYR A 601 -49.37 -29.63 -36.41
N TYR A 602 -50.04 -28.83 -35.59
CA TYR A 602 -51.47 -29.01 -35.44
C TYR A 602 -52.15 -28.06 -36.40
N ASP A 603 -52.80 -28.62 -37.42
CA ASP A 603 -53.39 -27.81 -38.47
C ASP A 603 -54.82 -27.49 -38.06
N THR A 604 -55.08 -26.22 -37.80
CA THR A 604 -56.39 -25.83 -37.26
C THR A 604 -57.45 -25.71 -38.36
N THR A 605 -57.01 -25.68 -39.60
CA THR A 605 -57.96 -25.74 -40.72
C THR A 605 -58.54 -27.14 -40.84
N LEU A 606 -57.68 -28.15 -40.75
CA LEU A 606 -58.11 -29.53 -40.85
C LEU A 606 -58.58 -30.10 -39.51
N GLY A 607 -58.13 -29.47 -38.42
CA GLY A 607 -58.37 -29.99 -37.07
C GLY A 607 -57.68 -31.33 -36.81
N ILE A 608 -56.45 -31.48 -37.32
CA ILE A 608 -55.66 -32.70 -37.03
C ILE A 608 -54.18 -32.36 -36.91
N PRO A 609 -53.43 -33.20 -36.19
CA PRO A 609 -51.98 -33.11 -36.29
C PRO A 609 -51.52 -33.71 -37.63
N ILE A 610 -50.41 -33.19 -38.13
CA ILE A 610 -49.82 -33.67 -39.37
C ILE A 610 -48.30 -33.69 -39.18
N TRP A 611 -47.65 -34.57 -39.96
CA TRP A 611 -46.21 -34.81 -39.88
C TRP A 611 -45.60 -34.63 -41.27
N TRP A 612 -44.47 -33.93 -41.31
CA TRP A 612 -43.80 -33.60 -42.57
C TRP A 612 -42.95 -34.77 -43.04
N ASN A 613 -43.13 -35.12 -44.32
CA ASN A 613 -42.29 -36.09 -44.99
C ASN A 613 -41.39 -35.32 -45.96
N SER A 614 -40.13 -35.26 -45.60
CA SER A 614 -39.16 -34.43 -46.30
C SER A 614 -38.85 -34.95 -47.70
N VAL A 615 -38.88 -36.28 -47.89
CA VAL A 615 -38.47 -36.87 -49.15
C VAL A 615 -39.51 -36.63 -50.23
N SER A 616 -40.78 -36.76 -49.87
CA SER A 616 -41.85 -36.57 -50.83
C SER A 616 -42.28 -35.10 -50.88
N GLY A 617 -41.80 -34.32 -49.90
CA GLY A 617 -42.30 -32.97 -49.68
C GLY A 617 -43.81 -32.90 -49.52
N THR A 618 -44.36 -33.72 -48.63
CA THR A 618 -45.78 -33.65 -48.33
C THR A 618 -46.02 -33.77 -46.83
N TRP A 619 -47.14 -33.20 -46.40
CA TRP A 619 -47.63 -33.38 -45.04
C TRP A 619 -48.46 -34.65 -44.96
N LYS A 620 -48.26 -35.41 -43.89
CA LYS A 620 -49.04 -36.62 -43.70
C LYS A 620 -49.84 -36.57 -42.40
N ASN A 621 -50.98 -37.24 -42.40
CA ASN A 621 -51.68 -37.52 -41.15
C ASN A 621 -51.10 -38.76 -40.47
N ALA A 622 -51.70 -39.13 -39.34
CA ALA A 622 -51.17 -40.16 -38.48
C ALA A 622 -51.38 -41.55 -39.05
N ALA A 623 -52.21 -41.66 -40.10
CA ALA A 623 -52.41 -42.92 -40.82
C ALA A 623 -51.49 -43.04 -42.01
N GLY A 624 -50.69 -42.01 -42.28
CA GLY A 624 -49.73 -42.07 -43.37
C GLY A 624 -50.26 -41.52 -44.68
N ALA A 625 -51.46 -40.94 -44.66
CA ALA A 625 -52.07 -40.44 -45.90
C ALA A 625 -51.72 -38.97 -46.14
N ASP A 626 -51.55 -38.62 -47.41
CA ASP A 626 -51.30 -37.23 -47.76
C ASP A 626 -52.53 -36.39 -47.41
N VAL A 627 -52.32 -35.14 -47.03
CA VAL A 627 -53.46 -34.27 -46.66
C VAL A 627 -53.60 -33.08 -47.60
N SER B 13 65.54 38.86 42.65
CA SER B 13 64.81 39.43 43.81
C SER B 13 63.49 38.69 43.98
N ILE B 14 63.09 38.49 45.22
CA ILE B 14 61.84 37.78 45.57
C ILE B 14 60.67 38.74 45.43
N GLU B 15 60.84 40.02 45.75
CA GLU B 15 59.73 41.01 45.69
C GLU B 15 59.26 41.16 44.25
N VAL B 16 60.19 41.31 43.32
CA VAL B 16 59.75 41.54 41.91
C VAL B 16 59.14 40.26 41.36
N ASN B 17 59.66 39.11 41.75
CA ASN B 17 59.07 37.86 41.23
C ASN B 17 57.63 37.75 41.74
N LYS B 18 57.42 38.03 43.02
CA LYS B 18 56.10 37.95 43.63
C LYS B 18 55.18 38.93 42.90
N GLN B 19 55.73 40.10 42.55
CA GLN B 19 54.93 41.14 41.86
C GLN B 19 54.47 40.74 40.46
N SER B 20 55.34 40.15 39.65
CA SER B 20 54.91 39.80 38.30
C SER B 20 53.95 38.61 38.36
N ILE B 21 54.17 37.68 39.30
CA ILE B 21 53.21 36.60 39.55
C ILE B 21 51.85 37.19 39.88
N ALA B 22 51.84 38.22 40.73
CA ALA B 22 50.58 38.90 41.08
C ALA B 22 49.88 39.45 39.85
N ARG B 23 50.65 40.05 38.94
CA ARG B 23 50.07 40.57 37.70
C ARG B 23 49.45 39.46 36.85
N ASN B 24 50.09 38.29 36.83
CA ASN B 24 49.60 37.18 36.04
C ASN B 24 48.23 36.65 36.51
N PHE B 25 48.09 36.50 37.82
CA PHE B 25 46.84 35.98 38.40
C PHE B 25 45.83 37.08 38.65
N GLY B 26 46.21 38.33 38.40
CA GLY B 26 45.30 39.45 38.59
C GLY B 26 45.05 39.77 40.06
N VAL B 27 45.97 39.38 40.95
CA VAL B 27 45.87 39.62 42.39
C VAL B 27 46.85 40.70 42.84
N LYS B 28 46.91 41.04 44.10
CA LYS B 28 47.79 42.04 44.68
C LYS B 28 49.05 41.46 45.23
N GLU B 29 50.00 42.35 45.13
CA GLU B 29 51.32 41.94 45.54
C GLU B 29 51.27 41.34 46.91
N ASP B 30 50.49 41.95 47.77
CA ASP B 30 50.32 41.50 49.15
C ASP B 30 49.82 40.06 49.26
N GLU B 31 49.24 39.54 48.18
CA GLU B 31 48.51 38.28 48.24
C GLU B 31 49.31 37.06 47.74
N VAL B 32 50.62 37.24 47.53
CA VAL B 32 51.48 36.18 46.99
C VAL B 32 52.51 35.77 48.03
N ILE B 33 52.88 34.49 48.04
CA ILE B 33 53.84 34.02 49.01
C ILE B 33 54.59 32.81 48.48
N TYR B 34 55.87 32.72 48.84
CA TYR B 34 56.66 31.53 48.56
C TYR B 34 56.31 30.44 49.57
N PHE B 35 56.12 29.22 49.08
CA PHE B 35 56.06 28.09 49.99
C PHE B 35 57.29 28.10 50.89
N THR B 36 57.03 28.04 52.19
CA THR B 36 58.06 28.03 53.26
C THR B 36 57.53 27.23 54.44
N ALA B 37 58.03 26.00 54.63
CA ALA B 37 57.57 25.09 55.71
C ALA B 37 57.48 25.83 57.04
N GLY B 38 56.31 26.41 57.34
CA GLY B 38 56.10 27.12 58.61
C GLY B 38 55.51 28.52 58.42
N ILE B 39 54.70 28.74 57.38
CA ILE B 39 54.09 30.09 57.19
C ILE B 39 52.59 30.05 57.49
N ASP B 40 51.98 31.15 57.88
CA ASP B 40 50.52 31.04 58.03
C ASP B 40 49.93 31.36 56.65
N LEU B 41 49.45 30.35 55.93
CA LEU B 41 48.90 30.56 54.56
C LEU B 41 47.72 31.55 54.55
N SER B 42 46.90 31.55 55.61
CA SER B 42 45.71 32.41 55.71
C SER B 42 45.90 33.75 54.99
N GLY B 43 44.91 34.21 54.23
CA GLY B 43 44.97 35.51 53.54
C GLY B 43 45.63 35.48 52.16
N PHE B 44 46.52 34.52 51.90
CA PHE B 44 47.21 34.53 50.57
C PHE B 44 46.31 33.93 49.49
N LYS B 45 46.47 34.41 48.25
CA LYS B 45 45.66 33.90 47.12
C LYS B 45 46.53 33.01 46.24
N VAL B 46 47.81 33.29 46.18
CA VAL B 46 48.71 32.58 45.26
C VAL B 46 49.98 32.16 45.97
N ILE B 47 50.35 30.91 45.78
CA ILE B 47 51.59 30.42 46.34
C ILE B 47 52.56 30.05 45.21
N TYR B 48 53.84 30.18 45.48
CA TYR B 48 54.89 29.94 44.50
C TYR B 48 55.89 28.93 45.06
N ASP B 49 56.19 27.88 44.29
CA ASP B 49 57.21 26.91 44.65
C ASP B 49 58.51 27.30 43.95
N GLU B 50 59.48 27.81 44.73
CA GLU B 50 60.71 28.32 44.16
C GLU B 50 61.61 27.21 43.65
N SER B 51 61.29 25.97 44.02
CA SER B 51 62.09 24.82 43.60
C SER B 51 61.66 24.34 42.22
N THR B 52 60.36 24.38 41.97
CA THR B 52 59.82 23.99 40.65
C THR B 52 59.57 25.20 39.77
N GLN B 53 59.57 26.39 40.38
CA GLN B 53 59.29 27.65 39.70
C GLN B 53 57.90 27.56 39.05
N ARG B 54 56.92 27.21 39.87
CA ARG B 54 55.51 27.21 39.46
C ARG B 54 54.68 27.93 40.50
N ALA B 55 53.69 28.67 40.04
CA ALA B 55 52.74 29.33 40.91
C ALA B 55 51.37 28.64 40.86
N TYR B 56 50.63 28.71 41.97
CA TYR B 56 49.32 28.09 42.08
C TYR B 56 48.38 28.95 42.90
N SER B 57 47.14 29.06 42.43
CA SER B 57 46.08 29.70 43.21
C SER B 57 45.81 28.86 44.47
N LEU B 58 45.49 29.54 45.57
CA LEU B 58 45.21 28.85 46.84
C LEU B 58 43.70 28.71 47.07
N PRO B 59 43.25 27.59 47.66
CA PRO B 59 41.83 27.34 47.93
C PRO B 59 41.34 28.45 48.85
N PHE B 60 40.10 28.90 48.65
CA PHE B 60 39.51 29.98 49.48
C PHE B 60 39.44 29.53 50.94
N GLY B 61 39.35 28.21 51.16
CA GLY B 61 39.28 27.65 52.52
C GLY B 61 40.62 27.72 53.22
N ILE B 62 40.98 28.91 53.74
CA ILE B 62 42.26 29.11 54.46
C ILE B 62 41.99 29.91 55.74
N VAL B 63 42.16 29.28 56.90
CA VAL B 63 41.92 29.94 58.22
C VAL B 63 43.27 30.34 58.82
N SER B 64 43.29 31.42 59.61
CA SER B 64 44.54 31.90 60.26
C SER B 64 45.12 30.79 61.14
N GLY B 65 46.45 30.62 61.09
CA GLY B 65 47.10 29.58 61.91
C GLY B 65 47.41 28.33 61.10
N THR B 66 46.69 28.08 60.00
CA THR B 66 47.01 26.86 59.25
C THR B 66 48.39 27.13 58.71
N THR B 67 49.31 26.22 58.97
CA THR B 67 50.70 26.48 58.54
C THR B 67 51.14 25.41 57.55
N ALA B 68 52.06 25.77 56.66
CA ALA B 68 52.58 24.84 55.62
C ALA B 68 53.12 23.57 56.28
N ILE B 69 53.36 22.53 55.48
CA ILE B 69 53.91 21.23 55.98
C ILE B 69 54.88 20.67 54.93
N SER B 70 54.39 20.42 53.71
CA SER B 70 55.23 19.87 52.62
C SER B 70 54.53 20.09 51.26
N LEU B 71 55.24 20.68 50.31
CA LEU B 71 54.70 20.93 48.98
C LEU B 71 55.59 20.21 47.97
N ASP B 72 55.08 19.12 47.41
CA ASP B 72 55.78 18.17 46.56
C ASP B 72 55.73 18.55 45.07
N GLU B 73 56.32 17.69 44.25
CA GLU B 73 56.41 17.91 42.81
C GLU B 73 55.05 17.72 42.12
N ARG B 74 54.11 17.08 42.81
CA ARG B 74 52.76 16.89 42.27
C ARG B 74 51.88 18.08 42.64
N ALA B 75 52.48 19.06 43.31
CA ALA B 75 51.77 20.25 43.80
C ALA B 75 50.69 19.89 44.84
N ILE B 76 50.97 18.84 45.62
CA ILE B 76 50.09 18.44 46.76
C ILE B 76 50.55 19.26 47.97
N LEU B 77 49.73 20.20 48.43
CA LEU B 77 50.11 21.11 49.52
C LEU B 77 49.62 20.60 50.88
N THR B 78 50.55 19.99 51.63
CA THR B 78 50.23 19.45 52.98
C THR B 78 50.46 20.53 54.04
N HIS B 79 49.38 20.99 54.68
CA HIS B 79 49.43 22.02 55.73
C HIS B 79 48.92 21.43 57.05
N SER B 80 48.77 22.26 58.07
CA SER B 80 48.29 21.82 59.38
C SER B 80 46.87 21.25 59.31
N ALA B 81 45.93 22.07 58.85
CA ALA B 81 44.51 21.66 58.73
C ALA B 81 44.44 20.27 58.10
N GLY B 82 44.51 20.20 56.76
CA GLY B 82 44.46 18.92 56.03
C GLY B 82 45.45 18.87 54.89
N SER B 83 44.96 18.85 53.64
CA SER B 83 45.83 18.81 52.45
C SER B 83 45.05 19.26 51.21
N VAL B 84 45.75 19.79 50.19
CA VAL B 84 45.08 20.25 48.95
C VAL B 84 45.91 19.94 47.71
N ASP B 85 45.25 19.40 46.69
CA ASP B 85 45.87 19.28 45.38
C ASP B 85 45.72 20.61 44.65
N LEU B 86 46.82 21.35 44.55
CA LEU B 86 46.81 22.68 43.93
C LEU B 86 46.71 22.54 42.41
N GLY B 87 47.20 21.42 41.88
CA GLY B 87 47.08 21.11 40.48
C GLY B 87 45.63 20.93 40.12
N GLU B 88 44.94 20.08 40.88
CA GLU B 88 43.51 19.83 40.68
C GLU B 88 42.71 21.13 40.77
N LEU B 89 43.04 21.96 41.75
CA LEU B 89 42.37 23.25 41.89
C LEU B 89 42.67 24.13 40.68
N ALA B 90 43.87 23.98 40.11
CA ALA B 90 44.26 24.80 38.98
C ALA B 90 43.43 24.41 37.74
N VAL B 91 43.25 23.11 37.50
CA VAL B 91 42.37 22.65 36.42
C VAL B 91 40.99 23.24 36.59
N SER B 92 40.51 23.23 37.83
CA SER B 92 39.18 23.71 38.17
C SER B 92 39.01 25.17 37.74
N ARG B 93 40.09 25.92 37.84
CA ARG B 93 40.10 27.35 37.51
C ARG B 93 40.66 27.62 36.10
N GLU B 94 40.99 26.55 35.39
CA GLU B 94 41.52 26.65 34.02
C GLU B 94 42.81 27.48 34.00
N GLU B 95 43.66 27.21 35.00
CA GLU B 95 44.99 27.82 35.11
C GLU B 95 46.04 26.78 34.80
N TYR B 96 46.58 26.84 33.57
CA TYR B 96 47.41 25.79 33.02
C TYR B 96 48.83 26.24 32.66
N VAL B 97 49.71 25.26 32.58
CA VAL B 97 51.03 25.43 31.99
C VAL B 97 51.14 24.49 30.79
N THR B 98 51.53 25.03 29.66
CA THR B 98 51.73 24.28 28.46
C THR B 98 53.19 23.94 28.35
N LEU B 99 53.46 22.64 28.54
CA LEU B 99 54.79 22.16 28.48
C LEU B 99 55.51 22.36 27.16
N PRO B 100 56.85 22.48 27.21
CA PRO B 100 57.60 22.55 25.95
C PRO B 100 57.53 21.26 25.15
N GLY B 101 57.70 21.32 23.85
CA GLY B 101 57.64 20.14 23.01
C GLY B 101 56.26 19.54 22.83
N SER B 102 56.20 18.21 22.79
CA SER B 102 55.02 17.51 22.31
C SER B 102 55.00 16.02 22.66
N PHE B 103 53.87 15.37 22.38
CA PHE B 103 53.78 13.92 22.50
C PHE B 103 54.86 13.23 21.67
N ASN B 104 55.20 13.80 20.52
CA ASN B 104 56.15 13.13 19.64
C ASN B 104 57.56 13.12 20.20
N PHE B 105 57.96 14.24 20.81
CA PHE B 105 59.25 14.30 21.47
C PHE B 105 59.25 13.55 22.80
N GLY B 106 58.09 13.43 23.41
CA GLY B 106 57.98 12.81 24.71
C GLY B 106 58.24 13.81 25.83
N HIS B 107 57.74 13.49 27.02
CA HIS B 107 57.85 14.35 28.19
C HIS B 107 57.29 13.60 29.39
N THR B 108 57.40 14.23 30.56
CA THR B 108 56.85 13.72 31.80
C THR B 108 55.90 14.74 32.41
N ILE B 109 54.70 14.28 32.79
CA ILE B 109 53.73 15.11 33.49
C ILE B 109 53.77 14.80 34.98
N ASN B 110 53.84 15.85 35.79
CA ASN B 110 53.93 15.73 37.24
C ASN B 110 52.74 16.35 37.94
N VAL B 111 52.03 17.24 37.25
CA VAL B 111 50.97 18.03 37.87
C VAL B 111 49.70 18.00 37.03
N LYS B 112 48.54 18.09 37.67
CA LYS B 112 47.27 17.97 36.97
C LYS B 112 47.02 19.13 36.00
N ASN B 113 47.75 20.23 36.15
CA ASN B 113 47.50 21.41 35.34
C ASN B 113 48.55 21.61 34.23
N GLU B 114 49.38 20.59 34.00
CA GLU B 114 50.34 20.61 32.88
C GLU B 114 49.71 20.01 31.62
N LEU B 115 49.89 20.71 30.51
CA LEU B 115 49.34 20.32 29.22
C LEU B 115 50.43 19.89 28.27
N LEU B 116 50.13 18.91 27.42
CA LEU B 116 51.09 18.45 26.43
C LEU B 116 50.41 18.47 25.08
N VAL B 117 51.11 19.04 24.10
CA VAL B 117 50.57 19.24 22.78
C VAL B 117 50.75 17.99 21.94
N HIS B 118 49.68 17.62 21.24
CA HIS B 118 49.74 16.64 20.16
C HIS B 118 49.03 17.22 18.95
N ASP B 119 49.75 17.36 17.84
CA ASP B 119 49.14 17.82 16.61
C ASP B 119 48.34 19.12 16.81
N ASP B 120 48.98 20.10 17.45
CA ASP B 120 48.44 21.46 17.60
C ASP B 120 47.25 21.52 18.56
N LYS B 121 47.09 20.47 19.37
CA LYS B 121 45.99 20.36 20.35
C LYS B 121 46.52 19.94 21.72
N LYS B 122 45.89 20.41 22.80
CA LYS B 122 46.42 20.17 24.14
C LYS B 122 45.62 19.14 24.93
N TYR B 123 46.36 18.40 25.76
CA TYR B 123 45.81 17.36 26.62
C TYR B 123 46.37 17.46 28.03
N ARG B 124 45.51 17.17 29.01
CA ARG B 124 45.95 17.03 30.39
C ARG B 124 45.74 15.57 30.81
N TRP B 125 46.49 15.12 31.81
CA TRP B 125 46.41 13.73 32.28
C TRP B 125 45.51 13.63 33.51
N ASP B 126 44.52 12.75 33.47
CA ASP B 126 43.55 12.62 34.54
C ASP B 126 43.82 11.37 35.39
N GLY B 127 44.88 10.64 35.03
CA GLY B 127 45.24 9.42 35.73
C GLY B 127 46.28 9.62 36.81
N SER B 128 47.00 8.56 37.14
CA SER B 128 47.99 8.63 38.22
C SER B 128 49.24 9.34 37.73
N LEU B 129 49.75 10.22 38.59
CA LEU B 129 51.00 10.92 38.37
C LEU B 129 52.14 10.28 39.17
N PRO B 130 53.38 10.40 38.69
CA PRO B 130 53.75 11.06 37.43
C PRO B 130 53.42 10.18 36.23
N LYS B 131 53.32 10.83 35.08
CA LYS B 131 52.96 10.18 33.85
C LYS B 131 54.06 10.46 32.84
N VAL B 132 54.78 9.40 32.45
CA VAL B 132 55.86 9.53 31.50
C VAL B 132 55.36 9.15 30.12
N VAL B 133 55.59 10.07 29.19
CA VAL B 133 55.22 9.88 27.80
C VAL B 133 56.48 9.70 26.99
N ALA B 134 56.61 8.55 26.34
CA ALA B 134 57.79 8.26 25.56
C ALA B 134 57.74 8.98 24.22
N ALA B 135 58.91 9.24 23.66
CA ALA B 135 59.00 9.82 22.33
C ALA B 135 58.19 8.97 21.35
N GLY B 136 57.61 9.62 20.36
CA GLY B 136 56.82 8.93 19.35
C GLY B 136 55.42 8.55 19.78
N SER B 137 55.00 8.97 20.98
CA SER B 137 53.66 8.66 21.46
C SER B 137 52.56 9.50 20.80
N THR B 138 51.33 9.04 21.02
CA THR B 138 50.14 9.82 20.77
C THR B 138 49.25 9.61 22.00
N PRO B 139 48.24 10.47 22.18
CA PRO B 139 47.33 10.23 23.30
C PRO B 139 46.76 8.80 23.31
N ASP B 140 46.41 8.28 22.13
CA ASP B 140 45.82 6.95 22.06
C ASP B 140 46.82 5.85 22.44
N SER B 141 48.09 6.03 22.06
CA SER B 141 49.10 5.00 22.30
C SER B 141 49.68 5.06 23.70
N SER B 142 49.19 5.96 24.54
CA SER B 142 49.74 6.18 25.88
C SER B 142 48.67 6.35 26.96
N GLY B 143 47.55 5.64 26.79
CA GLY B 143 46.50 5.61 27.78
C GLY B 143 45.13 5.91 27.23
N GLY B 144 45.08 6.48 26.02
CA GLY B 144 43.81 6.85 25.41
C GLY B 144 43.13 8.06 26.04
N VAL B 145 42.06 8.51 25.38
CA VAL B 145 41.31 9.68 25.91
C VAL B 145 40.07 9.18 26.66
N GLY B 146 39.73 9.87 27.75
CA GLY B 146 38.60 9.48 28.61
C GLY B 146 38.85 9.81 30.06
N LEU B 147 37.85 9.58 30.93
CA LEU B 147 37.97 9.86 32.38
C LEU B 147 39.04 8.94 32.99
N GLY B 148 40.11 9.51 33.54
CA GLY B 148 41.19 8.73 34.16
C GLY B 148 42.40 8.63 33.25
N ALA B 149 42.32 9.22 32.05
CA ALA B 149 43.41 9.20 31.09
C ALA B 149 43.59 10.60 30.50
N TRP B 150 43.80 10.70 29.19
CA TRP B 150 43.98 12.01 28.58
C TRP B 150 42.65 12.71 28.34
N LEU B 151 42.58 13.98 28.74
CA LEU B 151 41.44 14.81 28.44
C LEU B 151 41.91 16.04 27.65
N SER B 152 41.28 16.33 26.52
CA SER B 152 41.72 17.47 25.73
C SER B 152 41.28 18.76 26.43
N VAL B 153 42.06 19.80 26.21
CA VAL B 153 41.86 21.10 26.82
C VAL B 153 41.97 22.16 25.76
N GLY B 154 41.04 23.12 25.77
CA GLY B 154 41.24 24.36 25.06
C GLY B 154 40.60 24.44 23.68
N ASP B 155 40.83 25.61 23.08
CA ASP B 155 40.20 26.05 21.83
C ASP B 155 40.54 25.17 20.65
N ALA B 156 41.83 24.96 20.39
CA ALA B 156 42.22 24.21 19.19
C ALA B 156 41.67 22.79 19.25
N ALA B 157 41.77 22.19 20.43
CA ALA B 157 41.30 20.82 20.59
C ALA B 157 39.79 20.71 20.38
N LEU B 158 39.03 21.63 20.95
CA LEU B 158 37.58 21.56 20.82
C LEU B 158 37.20 21.75 19.36
N ARG B 159 37.85 22.68 18.68
CA ARG B 159 37.55 22.91 17.26
C ARG B 159 37.81 21.68 16.39
N ALA B 160 38.94 21.03 16.62
CA ALA B 160 39.30 19.85 15.84
C ALA B 160 38.34 18.70 16.11
N GLU B 161 37.96 18.55 17.37
CA GLU B 161 37.09 17.44 17.76
C GLU B 161 35.71 17.61 17.17
N LEU B 162 35.24 18.84 17.13
CA LEU B 162 33.95 19.12 16.53
C LEU B 162 34.00 18.89 15.02
N ASN B 163 35.02 19.42 14.35
CA ASN B 163 35.14 19.20 12.91
C ASN B 163 35.23 17.72 12.59
N THR B 164 36.00 16.99 13.40
CA THR B 164 36.18 15.57 13.16
C THR B 164 34.87 14.80 13.36
N LYS B 165 34.14 15.07 14.44
CA LYS B 165 32.90 14.33 14.73
C LYS B 165 31.86 14.63 13.66
N VAL B 166 31.76 15.88 13.27
CA VAL B 166 30.75 16.27 12.27
C VAL B 166 31.04 15.58 10.96
N SER B 167 32.33 15.43 10.64
CA SER B 167 32.71 14.93 9.33
C SER B 167 32.94 13.42 9.27
N ASP B 168 33.06 12.73 10.40
CA ASP B 168 33.39 11.31 10.34
C ASP B 168 32.22 10.34 10.56
N GLY B 169 30.99 10.86 10.66
CA GLY B 169 29.84 9.99 10.78
C GLY B 169 29.39 9.69 12.20
N THR B 170 30.19 10.09 13.21
CA THR B 170 29.88 9.72 14.61
C THR B 170 28.88 10.68 15.26
N PHE B 171 28.60 11.81 14.62
CA PHE B 171 27.85 12.85 15.31
C PHE B 171 26.37 12.46 15.52
N PRO B 172 25.69 11.93 14.49
CA PRO B 172 24.26 11.58 14.71
C PRO B 172 24.01 10.63 15.88
N ALA B 173 24.91 9.69 16.16
CA ALA B 173 24.72 8.82 17.33
C ALA B 173 24.96 9.55 18.69
N THR B 174 25.60 10.71 18.70
CA THR B 174 25.78 11.43 19.96
C THR B 174 24.63 12.41 20.26
N ILE B 175 23.81 12.73 19.27
CA ILE B 175 22.67 13.62 19.49
C ILE B 175 21.44 12.86 19.99
N LYS B 176 20.99 13.18 21.20
CA LYS B 176 19.79 12.55 21.72
C LYS B 176 18.58 13.21 21.10
N TYR B 177 17.62 12.37 20.77
CA TYR B 177 16.36 12.77 20.16
C TYR B 177 15.21 12.23 20.96
N LYS B 178 14.16 13.03 21.09
CA LYS B 178 12.88 12.55 21.58
C LYS B 178 11.75 13.15 20.78
N TYR B 179 10.86 12.28 20.35
CA TYR B 179 9.70 12.68 19.56
C TYR B 179 8.89 13.77 20.25
N GLY B 180 8.63 14.85 19.52
CA GLY B 180 7.71 15.88 19.99
C GLY B 180 8.30 17.01 20.82
N LEU B 181 9.56 16.93 21.21
CA LEU B 181 10.16 18.02 21.97
C LEU B 181 10.08 19.31 21.17
N PRO B 182 9.94 20.47 21.84
CA PRO B 182 10.04 20.66 23.30
C PRO B 182 8.76 20.30 24.06
N SER B 183 7.66 19.98 23.38
CA SER B 183 6.49 19.44 24.08
C SER B 183 6.85 18.15 24.80
N VAL B 184 6.34 18.00 26.02
CA VAL B 184 6.63 16.81 26.82
C VAL B 184 5.49 15.80 26.63
N ILE B 185 5.77 14.76 25.84
CA ILE B 185 4.75 13.80 25.42
C ILE B 185 4.91 12.55 26.26
N ASP B 186 3.89 12.24 27.05
CA ASP B 186 3.90 11.04 27.89
C ASP B 186 4.21 9.80 27.08
N GLY B 187 5.21 9.05 27.51
CA GLY B 187 5.59 7.82 26.83
C GLY B 187 6.67 7.92 25.77
N ALA B 188 6.96 9.11 25.27
CA ALA B 188 8.05 9.28 24.29
C ALA B 188 9.37 9.00 25.00
N ILE B 189 10.24 8.23 24.36
CA ILE B 189 11.53 7.88 24.94
C ILE B 189 12.68 8.59 24.24
N TYR B 190 13.83 8.63 24.88
CA TYR B 190 15.03 9.15 24.22
C TYR B 190 15.62 8.09 23.31
N ARG B 191 15.94 8.51 22.09
CA ARG B 191 16.67 7.70 21.13
C ARG B 191 17.81 8.60 20.69
N THR B 192 18.52 8.23 19.63
CA THR B 192 19.46 9.13 18.98
C THR B 192 19.00 9.49 17.59
N VAL B 193 19.57 10.56 17.04
CA VAL B 193 19.24 10.98 15.69
C VAL B 193 19.64 9.88 14.72
N GLN B 194 20.75 9.21 15.03
CA GLN B 194 21.21 8.08 14.24
C GLN B 194 20.13 6.99 14.16
N ASP B 195 19.58 6.62 15.32
CA ASP B 195 18.54 5.59 15.42
C ASP B 195 17.35 5.94 14.58
N LYS B 196 16.94 7.20 14.74
CA LYS B 196 15.76 7.68 14.08
C LYS B 196 15.95 7.73 12.59
N LEU B 197 17.12 8.15 12.12
CA LEU B 197 17.40 8.20 10.70
C LEU B 197 17.45 6.78 10.15
N ASP B 198 17.89 5.83 10.97
CA ASP B 198 18.04 4.46 10.52
C ASP B 198 16.68 3.72 10.49
N ASP B 199 15.59 4.37 10.90
CA ASP B 199 14.27 3.74 10.83
C ASP B 199 13.89 3.37 9.40
N PHE B 200 14.47 4.08 8.43
CA PHE B 200 14.21 3.88 7.00
C PHE B 200 15.49 3.52 6.24
N VAL B 201 15.37 2.65 5.24
CA VAL B 201 16.49 2.30 4.36
C VAL B 201 16.16 2.59 2.91
N PHE B 202 17.02 3.39 2.28
CA PHE B 202 16.93 3.61 0.86
C PHE B 202 18.08 2.90 0.17
N LEU B 203 17.91 2.57 -1.10
CA LEU B 203 18.98 1.88 -1.82
C LEU B 203 20.21 2.79 -1.84
N GLU B 204 19.95 4.09 -1.82
CA GLU B 204 21.00 5.11 -1.82
C GLU B 204 21.94 4.97 -0.61
N ASP B 205 21.43 4.46 0.51
CA ASP B 205 22.22 4.21 1.73
C ASP B 205 23.27 3.15 1.51
N PHE B 206 23.09 2.35 0.47
CA PHE B 206 24.04 1.27 0.17
C PHE B 206 24.69 1.50 -1.19
N GLY B 207 24.74 2.76 -1.60
CA GLY B 207 25.45 3.12 -2.81
C GLY B 207 24.61 3.09 -4.08
N GLY B 208 23.30 2.82 -3.96
CA GLY B 208 22.44 2.83 -5.12
C GLY B 208 22.36 4.20 -5.76
N LYS B 209 22.27 4.26 -7.08
CA LYS B 209 22.15 5.53 -7.80
C LYS B 209 21.42 5.31 -9.12
N ASP B 210 20.44 6.18 -9.41
CA ASP B 210 19.71 6.10 -10.67
C ASP B 210 20.48 6.84 -11.77
N ASP B 211 21.68 6.38 -12.06
CA ASP B 211 22.56 7.07 -13.01
C ASP B 211 22.74 6.32 -14.33
N ALA B 212 21.73 5.52 -14.67
CA ALA B 212 21.59 4.95 -16.04
C ALA B 212 22.78 4.10 -16.50
N GLY B 213 23.35 3.34 -15.58
CA GLY B 213 24.36 2.37 -15.95
C GLY B 213 25.74 2.60 -15.37
N SER B 214 26.03 3.79 -14.85
CA SER B 214 27.35 4.03 -14.24
C SER B 214 27.55 3.21 -12.97
N THR B 215 26.49 3.14 -12.17
CA THR B 215 26.50 2.37 -10.94
C THR B 215 25.84 1.00 -11.12
N ASP B 216 26.42 -0.03 -10.49
CA ASP B 216 25.81 -1.36 -10.53
C ASP B 216 24.94 -1.55 -9.29
N ASN B 217 23.65 -1.31 -9.46
CA ASN B 217 22.74 -1.35 -8.32
C ASN B 217 22.45 -2.75 -7.84
N SER B 218 22.82 -3.75 -8.64
CA SER B 218 22.68 -5.13 -8.20
C SER B 218 23.42 -5.33 -6.87
N ILE B 219 24.62 -4.75 -6.77
CA ILE B 219 25.44 -4.94 -5.58
C ILE B 219 24.87 -4.17 -4.39
N ALA B 220 24.31 -3.00 -4.65
CA ALA B 220 23.63 -2.24 -3.58
C ALA B 220 22.51 -3.07 -2.96
N PHE B 221 21.71 -3.75 -3.79
CA PHE B 221 20.64 -4.60 -3.24
C PHE B 221 21.24 -5.76 -2.41
N ARG B 222 22.28 -6.38 -2.97
CA ARG B 222 22.93 -7.49 -2.27
C ARG B 222 23.40 -7.05 -0.86
N LYS B 223 24.08 -5.92 -0.79
CA LYS B 223 24.62 -5.42 0.47
C LYS B 223 23.52 -5.00 1.42
N ALA B 224 22.52 -4.31 0.88
CA ALA B 224 21.38 -3.90 1.70
C ALA B 224 20.74 -5.11 2.37
N PHE B 225 20.47 -6.16 1.59
CA PHE B 225 19.82 -7.33 2.14
C PHE B 225 20.69 -8.06 3.18
N ALA B 226 21.99 -8.13 2.90
CA ALA B 226 22.94 -8.77 3.79
C ALA B 226 23.00 -8.11 5.16
N SER B 227 22.64 -6.83 5.23
CA SER B 227 22.64 -6.10 6.52
C SER B 227 21.48 -6.45 7.41
N GLY B 228 20.49 -7.15 6.85
CA GLY B 228 19.27 -7.48 7.57
C GLY B 228 18.11 -6.59 7.17
N ALA B 229 18.37 -5.60 6.32
CA ALA B 229 17.29 -4.73 5.84
C ALA B 229 16.34 -5.50 4.90
N ARG B 230 15.05 -5.22 4.99
CA ARG B 230 14.06 -5.93 4.18
C ARG B 230 13.20 -5.02 3.34
N LYS B 231 12.87 -3.87 3.89
CA LYS B 231 12.07 -2.86 3.22
C LYS B 231 12.99 -1.78 2.69
N ILE B 232 13.16 -1.78 1.38
CA ILE B 232 14.11 -0.89 0.70
C ILE B 232 13.38 0.03 -0.26
N ARG B 233 13.65 1.32 -0.14
CA ARG B 233 13.04 2.35 -0.96
C ARG B 233 14.01 2.92 -1.99
N LEU B 234 13.47 3.30 -3.14
CA LEU B 234 14.20 4.01 -4.19
C LEU B 234 13.85 5.49 -4.17
N ARG B 235 14.88 6.33 -4.09
CA ARG B 235 14.66 7.78 -3.97
C ARG B 235 14.44 8.40 -5.35
N GLY B 236 15.15 7.89 -6.35
CA GLY B 236 15.20 8.54 -7.64
C GLY B 236 13.99 8.36 -8.56
N SER B 237 14.03 9.08 -9.67
CA SER B 237 13.00 8.97 -10.71
C SER B 237 13.58 8.45 -12.01
N GLY B 238 14.88 8.15 -12.02
CA GLY B 238 15.58 7.70 -13.20
C GLY B 238 15.83 6.20 -13.25
N VAL B 239 16.83 5.83 -14.03
CA VAL B 239 17.15 4.42 -14.30
C VAL B 239 18.27 3.93 -13.39
N TYR B 240 17.94 2.95 -12.56
CA TYR B 240 18.90 2.20 -11.78
C TYR B 240 19.36 0.99 -12.59
N GLY B 241 20.52 1.09 -13.22
CA GLY B 241 21.10 -0.04 -13.91
C GLY B 241 21.44 -1.20 -13.02
N MET B 242 21.15 -2.41 -13.51
CA MET B 242 21.44 -3.69 -12.85
C MET B 242 22.42 -4.49 -13.72
N ALA B 243 23.59 -4.83 -13.20
CA ALA B 243 24.64 -5.45 -14.03
C ALA B 243 25.24 -6.75 -13.50
N THR B 244 24.88 -7.15 -12.29
CA THR B 244 25.31 -8.44 -11.73
C THR B 244 24.11 -9.36 -11.58
N ARG B 245 24.16 -10.53 -12.22
CA ARG B 245 23.01 -11.41 -12.28
C ARG B 245 22.80 -12.19 -10.98
N ASP B 246 21.55 -12.65 -10.80
CA ASP B 246 21.18 -13.67 -9.79
C ASP B 246 21.41 -13.20 -8.34
N ILE B 247 20.98 -11.98 -8.05
CA ILE B 247 20.99 -11.53 -6.67
C ILE B 247 19.87 -12.28 -5.90
N GLU B 248 20.24 -13.03 -4.88
CA GLU B 248 19.24 -13.75 -4.08
C GLU B 248 18.52 -12.83 -3.10
N LEU B 249 17.20 -12.76 -3.23
CA LEU B 249 16.37 -12.01 -2.30
C LEU B 249 16.28 -12.72 -0.97
N PRO B 250 16.18 -11.96 0.15
CA PRO B 250 15.93 -12.57 1.44
C PRO B 250 14.46 -12.91 1.53
N ALA B 251 14.07 -13.70 2.51
CA ALA B 251 12.64 -13.91 2.72
C ALA B 251 11.99 -12.57 3.10
N LYS B 252 10.79 -12.36 2.62
CA LYS B 252 9.94 -11.21 3.00
C LYS B 252 10.61 -9.87 2.81
N TYR B 253 11.17 -9.69 1.61
CA TYR B 253 11.62 -8.40 1.12
C TYR B 253 10.45 -7.47 0.80
N GLU B 254 10.72 -6.18 0.69
CA GLU B 254 9.78 -5.26 0.08
C GLU B 254 10.56 -4.16 -0.58
N ILE B 255 10.42 -4.05 -1.89
CA ILE B 255 11.15 -3.08 -2.69
C ILE B 255 10.14 -2.08 -3.24
N ILE B 256 10.36 -0.79 -2.91
CA ILE B 256 9.37 0.25 -3.11
C ILE B 256 9.90 1.33 -3.99
N GLY B 257 9.27 1.55 -5.14
CA GLY B 257 9.72 2.57 -6.05
C GLY B 257 9.15 3.91 -5.64
N ASN B 258 9.66 4.95 -6.29
CA ASN B 258 9.20 6.32 -6.11
C ASN B 258 8.01 6.57 -7.04
N ALA B 259 6.82 6.12 -6.64
CA ALA B 259 5.59 6.48 -7.35
C ALA B 259 5.61 6.07 -8.82
N LYS B 260 6.23 4.93 -9.07
CA LYS B 260 6.27 4.31 -10.38
C LYS B 260 7.15 5.07 -11.37
N ASN B 261 7.98 5.98 -10.85
CA ASN B 261 8.85 6.76 -11.73
C ASN B 261 10.15 6.02 -12.09
N PRO B 262 10.86 5.47 -11.09
CA PRO B 262 12.19 4.91 -11.40
C PRO B 262 12.14 3.54 -12.08
N GLU B 263 13.19 3.18 -12.82
CA GLU B 263 13.32 1.82 -13.37
C GLU B 263 14.48 1.07 -12.72
N ILE B 264 14.26 -0.20 -12.44
CA ILE B 264 15.34 -1.15 -12.22
C ILE B 264 15.52 -1.82 -13.56
N LYS B 265 16.64 -1.58 -14.24
CA LYS B 265 16.75 -1.90 -15.65
C LYS B 265 18.04 -2.65 -15.98
N TYR B 266 17.90 -3.69 -16.79
CA TYR B 266 19.08 -4.34 -17.37
C TYR B 266 19.38 -3.67 -18.69
N LEU B 267 20.62 -3.22 -18.84
CA LEU B 267 21.03 -2.43 -20.00
C LEU B 267 21.94 -3.19 -20.95
N GLY B 268 22.23 -4.45 -20.65
CA GLY B 268 23.12 -5.24 -21.48
C GLY B 268 22.44 -5.93 -22.65
N THR B 269 23.13 -6.90 -23.25
CA THR B 269 22.62 -7.61 -24.41
C THR B 269 22.47 -9.12 -24.20
N ASP B 270 22.74 -9.62 -23.00
CA ASP B 270 22.66 -11.05 -22.71
C ASP B 270 21.24 -11.46 -22.28
N THR B 271 20.53 -12.19 -23.13
CA THR B 271 19.15 -12.55 -22.85
C THR B 271 19.05 -13.58 -21.72
N SER B 272 20.19 -14.17 -21.31
CA SER B 272 20.20 -15.07 -20.16
C SER B 272 20.30 -14.33 -18.79
N PHE B 273 20.49 -13.02 -18.82
CA PHE B 273 20.63 -12.25 -17.58
C PHE B 273 19.33 -12.33 -16.75
N THR B 274 19.50 -12.51 -15.44
CA THR B 274 18.38 -12.54 -14.49
C THR B 274 18.77 -11.59 -13.33
N MET B 275 17.86 -10.70 -12.92
CA MET B 275 18.17 -9.74 -11.86
C MET B 275 18.19 -10.35 -10.49
N PHE B 276 17.14 -11.12 -10.19
CA PHE B 276 16.92 -11.64 -8.84
C PHE B 276 16.52 -13.11 -8.85
N THR B 277 16.90 -13.83 -7.80
CA THR B 277 16.42 -15.17 -7.53
C THR B 277 15.77 -15.24 -6.15
N LEU B 278 14.83 -16.15 -6.01
CA LEU B 278 14.26 -16.49 -4.72
C LEU B 278 14.19 -17.99 -4.67
N THR B 279 14.87 -18.58 -3.69
CA THR B 279 15.13 -20.01 -3.70
C THR B 279 14.93 -20.70 -2.36
N GLY B 280 13.95 -21.59 -2.28
CA GLY B 280 13.73 -22.41 -1.09
C GLY B 280 14.74 -23.52 -1.00
N SER B 281 14.65 -24.34 0.03
CA SER B 281 15.68 -25.37 0.28
C SER B 281 15.26 -26.74 -0.21
N GLY B 282 14.06 -26.85 -0.74
CA GLY B 282 13.56 -28.13 -1.22
C GLY B 282 12.09 -28.05 -1.56
N PRO B 283 11.48 -29.17 -1.99
CA PRO B 283 10.14 -29.16 -2.59
C PRO B 283 8.97 -29.20 -1.62
N ALA B 284 9.21 -29.57 -0.35
CA ALA B 284 8.10 -29.69 0.60
C ALA B 284 7.67 -28.34 1.20
N SER B 285 6.46 -28.29 1.76
CA SER B 285 5.86 -27.04 2.17
C SER B 285 6.69 -26.36 3.24
N ASN B 286 7.37 -27.13 4.09
CA ASN B 286 8.21 -26.54 5.13
C ASN B 286 9.55 -26.04 4.60
N GLN B 287 9.79 -26.23 3.31
CA GLN B 287 11.04 -25.81 2.68
C GLN B 287 10.85 -24.63 1.73
N TRP B 288 9.62 -24.22 1.44
CA TRP B 288 9.39 -23.12 0.49
C TRP B 288 9.81 -21.80 1.12
N LYS B 289 10.55 -20.98 0.39
CA LYS B 289 10.96 -19.66 0.90
C LYS B 289 9.81 -18.65 0.81
N GLN B 290 9.59 -17.88 1.88
CA GLN B 290 8.57 -16.84 1.90
C GLN B 290 8.99 -15.64 1.07
N GLY B 291 8.15 -15.26 0.10
CA GLY B 291 8.48 -14.14 -0.76
C GLY B 291 8.09 -12.82 -0.16
N GLY B 292 8.04 -11.81 -1.00
CA GLY B 292 7.81 -10.46 -0.56
C GLY B 292 7.12 -9.68 -1.66
N MET B 293 7.33 -8.37 -1.61
CA MET B 293 6.61 -7.44 -2.45
C MET B 293 7.55 -6.57 -3.27
N PHE B 294 7.27 -6.44 -4.56
CA PHE B 294 7.80 -5.35 -5.38
C PHE B 294 6.65 -4.40 -5.64
N ARG B 295 6.81 -3.10 -5.44
CA ARG B 295 5.72 -2.20 -5.78
C ARG B 295 6.15 -0.83 -6.24
N ASP B 296 5.26 -0.22 -7.03
CA ASP B 296 5.37 1.17 -7.47
C ASP B 296 6.66 1.45 -8.25
N LEU B 297 7.01 0.56 -9.18
CA LEU B 297 8.23 0.71 -9.93
C LEU B 297 8.16 0.03 -11.30
N ILE B 298 9.13 0.37 -12.12
CA ILE B 298 9.30 -0.20 -13.44
C ILE B 298 10.42 -1.22 -13.35
N ILE B 299 10.19 -2.42 -13.89
CA ILE B 299 11.23 -3.46 -14.06
C ILE B 299 11.38 -3.59 -15.57
N SER B 300 12.55 -3.34 -16.12
CA SER B 300 12.65 -3.26 -17.58
CA SER B 300 12.69 -3.19 -17.57
C SER B 300 13.98 -3.80 -18.09
N SER B 301 14.00 -4.07 -19.38
CA SER B 301 15.19 -4.54 -20.08
C SER B 301 15.05 -4.15 -21.54
N ASP B 302 16.16 -3.84 -22.21
CA ASP B 302 16.08 -3.54 -23.64
C ASP B 302 16.02 -4.83 -24.46
N VAL B 303 16.64 -5.89 -23.97
CA VAL B 303 16.44 -7.23 -24.54
C VAL B 303 15.51 -8.06 -23.64
N LYS B 304 14.89 -9.07 -24.21
CA LYS B 304 14.00 -9.94 -23.41
C LYS B 304 14.77 -10.75 -22.40
N ILE B 305 14.41 -10.63 -21.13
CA ILE B 305 15.01 -11.45 -20.08
C ILE B 305 13.95 -12.06 -19.17
N ASN B 306 14.35 -13.10 -18.45
CA ASN B 306 13.64 -13.58 -17.28
C ASN B 306 14.22 -12.83 -16.09
N TRP B 307 13.52 -11.79 -15.63
CA TRP B 307 14.14 -10.86 -14.67
C TRP B 307 14.22 -11.46 -13.28
N MET B 308 13.31 -12.35 -12.97
CA MET B 308 13.28 -13.01 -11.65
C MET B 308 13.01 -14.49 -11.85
N LEU B 309 13.78 -15.32 -11.15
CA LEU B 309 13.58 -16.77 -11.12
C LEU B 309 13.32 -17.25 -9.70
N GLY B 310 12.14 -17.82 -9.48
CA GLY B 310 11.74 -18.31 -8.17
C GLY B 310 11.64 -19.83 -8.22
N ARG B 311 12.27 -20.49 -7.26
CA ARG B 311 12.22 -21.95 -7.18
C ARG B 311 11.95 -22.37 -5.72
N HIS B 312 10.87 -23.12 -5.51
CA HIS B 312 10.46 -23.56 -4.17
C HIS B 312 10.07 -22.38 -3.29
N VAL B 313 8.98 -21.71 -3.64
CA VAL B 313 8.64 -20.39 -3.07
C VAL B 313 7.15 -20.27 -2.78
N GLN B 314 6.82 -19.41 -1.82
CA GLN B 314 5.43 -19.16 -1.47
C GLN B 314 5.17 -17.70 -1.12
N ASN B 315 3.96 -17.22 -1.44
CA ASN B 315 3.49 -15.88 -1.04
C ASN B 315 4.33 -14.74 -1.59
N LEU B 316 4.26 -14.55 -2.91
CA LEU B 316 4.94 -13.47 -3.61
C LEU B 316 3.89 -12.45 -4.03
N ASP B 317 4.26 -11.17 -4.02
CA ASP B 317 3.35 -10.08 -4.45
C ASP B 317 4.05 -9.08 -5.37
N TYR B 318 3.30 -8.59 -6.37
CA TYR B 318 3.75 -7.51 -7.25
C TYR B 318 2.55 -6.60 -7.37
N ASP B 319 2.71 -5.34 -6.98
CA ASP B 319 1.62 -4.39 -6.96
C ASP B 319 2.06 -3.09 -7.63
N ARG B 320 1.31 -2.62 -8.62
CA ARG B 320 1.64 -1.37 -9.32
C ARG B 320 3.06 -1.42 -9.89
N VAL B 321 3.39 -2.57 -10.45
CA VAL B 321 4.65 -2.76 -11.16
C VAL B 321 4.37 -2.70 -12.66
N PHE B 322 5.23 -1.94 -13.34
CA PHE B 322 5.26 -1.86 -14.80
C PHE B 322 6.42 -2.75 -15.29
N PHE B 323 6.12 -3.82 -16.04
CA PHE B 323 7.13 -4.77 -16.53
C PHE B 323 7.34 -4.53 -18.00
N TYR B 324 8.60 -4.39 -18.42
CA TYR B 324 8.90 -4.19 -19.84
C TYR B 324 9.99 -5.22 -20.26
N ASN B 325 9.63 -6.10 -21.18
CA ASN B 325 10.54 -7.16 -21.68
C ASN B 325 11.09 -8.02 -20.54
N SER B 326 10.31 -8.18 -19.48
CA SER B 326 10.83 -8.81 -18.26
C SER B 326 9.88 -9.92 -17.80
N ALA B 327 10.22 -11.17 -18.14
CA ALA B 327 9.38 -12.33 -17.82
C ALA B 327 9.64 -12.80 -16.40
N THR B 328 8.58 -13.21 -15.71
CA THR B 328 8.70 -13.79 -14.36
C THR B 328 8.60 -15.29 -14.47
N VAL B 329 9.58 -16.01 -13.97
CA VAL B 329 9.67 -17.48 -14.09
C VAL B 329 9.69 -18.08 -12.70
N LEU B 330 8.67 -18.88 -12.42
CA LEU B 330 8.51 -19.55 -11.14
C LEU B 330 8.34 -21.07 -11.33
N ASN B 331 9.02 -21.86 -10.50
CA ASN B 331 8.99 -23.31 -10.58
C ASN B 331 8.84 -23.89 -9.18
N ASN B 332 7.72 -24.56 -8.95
CA ASN B 332 7.26 -25.00 -7.64
C ASN B 332 6.98 -23.78 -6.75
N TYR B 333 5.86 -23.14 -7.06
CA TYR B 333 5.48 -21.88 -6.44
C TYR B 333 4.07 -22.03 -5.91
N HIS B 334 3.78 -21.28 -4.84
CA HIS B 334 2.53 -21.43 -4.07
C HIS B 334 2.07 -20.06 -3.57
N TYR B 335 1.03 -19.55 -4.23
CA TYR B 335 0.37 -18.26 -3.93
C TYR B 335 1.23 -17.06 -4.32
N VAL B 336 0.89 -16.54 -5.49
CA VAL B 336 1.54 -15.39 -6.07
C VAL B 336 0.50 -14.45 -6.61
N ASN B 337 0.59 -13.17 -6.22
CA ASN B 337 -0.39 -12.17 -6.64
C ASN B 337 0.26 -11.09 -7.50
N PHE B 338 -0.34 -10.82 -8.66
CA PHE B 338 -0.02 -9.63 -9.45
C PHE B 338 -1.25 -8.74 -9.37
N THR B 339 -1.11 -7.55 -8.80
CA THR B 339 -2.24 -6.63 -8.67
C THR B 339 -1.89 -5.27 -9.26
N ARG B 340 -2.81 -4.68 -10.04
CA ARG B 340 -2.62 -3.35 -10.60
C ARG B 340 -1.30 -3.24 -11.40
N CYS B 341 -0.94 -4.32 -12.08
CA CYS B 341 0.34 -4.32 -12.81
C CYS B 341 0.10 -4.03 -14.30
N GLU B 342 1.14 -3.55 -14.96
CA GLU B 342 1.14 -3.26 -16.38
C GLU B 342 2.24 -4.13 -16.96
N ARG B 343 1.89 -5.04 -17.86
CA ARG B 343 2.82 -6.05 -18.32
C ARG B 343 2.98 -5.82 -19.80
N TRP B 344 4.17 -5.37 -20.24
CA TRP B 344 4.46 -5.14 -21.64
C TRP B 344 5.57 -6.07 -22.13
N GLY B 345 5.28 -6.96 -23.09
CA GLY B 345 6.27 -7.92 -23.53
C GLY B 345 6.90 -8.75 -22.41
N SER B 346 6.10 -9.08 -21.41
CA SER B 346 6.58 -9.59 -20.13
C SER B 346 5.77 -10.80 -19.63
N ALA B 347 6.15 -11.99 -20.06
CA ALA B 347 5.38 -13.21 -19.81
C ALA B 347 5.43 -13.64 -18.34
N PHE B 348 4.40 -14.35 -17.91
CA PHE B 348 4.46 -15.13 -16.70
C PHE B 348 4.64 -16.60 -17.07
N ILE B 349 5.71 -17.21 -16.57
CA ILE B 349 6.04 -18.60 -16.86
C ILE B 349 6.02 -19.38 -15.55
N GLY B 350 5.01 -20.25 -15.37
CA GLY B 350 4.88 -21.06 -14.18
C GLY B 350 5.08 -22.52 -14.51
N ARG B 351 5.90 -23.19 -13.70
CA ARG B 351 6.20 -24.62 -13.88
C ARG B 351 6.18 -25.31 -12.51
N ALA B 352 6.22 -26.63 -12.49
CA ALA B 352 6.23 -27.39 -11.24
C ALA B 352 7.11 -28.64 -11.25
N ASP B 353 7.97 -28.79 -12.26
CA ASP B 353 8.74 -30.02 -12.31
C ASP B 353 9.73 -30.08 -11.15
N LEU B 354 10.09 -28.95 -10.53
CA LEU B 354 10.97 -29.02 -9.37
C LEU B 354 10.25 -29.51 -8.13
N ASN B 355 8.92 -29.55 -8.18
CA ASN B 355 8.15 -30.17 -7.10
C ASN B 355 8.18 -31.68 -7.31
N THR B 356 9.19 -32.31 -6.74
CA THR B 356 9.37 -33.75 -6.94
C THR B 356 8.45 -34.61 -6.05
N ILE B 357 7.60 -33.96 -5.28
CA ILE B 357 6.62 -34.67 -4.46
C ILE B 357 5.28 -34.79 -5.18
N GLN B 358 4.57 -33.65 -5.38
CA GLN B 358 3.27 -33.70 -6.03
C GLN B 358 3.27 -33.21 -7.50
N PHE B 359 4.37 -32.62 -7.96
CA PHE B 359 4.44 -32.16 -9.35
C PHE B 359 3.38 -31.08 -9.61
N ILE B 360 3.17 -30.21 -8.62
CA ILE B 360 2.19 -29.14 -8.72
C ILE B 360 2.64 -27.81 -8.12
N SER B 361 2.22 -26.73 -8.79
CA SER B 361 2.32 -25.36 -8.27
C SER B 361 0.89 -24.87 -8.04
N GLU B 362 0.74 -23.81 -7.25
CA GLU B 362 -0.58 -23.34 -6.84
C GLU B 362 -0.80 -21.85 -6.93
N SER B 363 -2.00 -21.47 -7.38
CA SER B 363 -2.55 -20.14 -7.22
C SER B 363 -1.70 -18.93 -7.61
N PRO B 364 -1.23 -18.90 -8.86
CA PRO B 364 -0.87 -17.59 -9.39
C PRO B 364 -2.16 -16.80 -9.66
N LYS B 365 -2.25 -15.55 -9.20
CA LYS B 365 -3.49 -14.79 -9.29
C LYS B 365 -3.19 -13.42 -9.90
N PHE B 366 -4.05 -12.98 -10.82
CA PHE B 366 -3.91 -11.68 -11.47
C PHE B 366 -5.19 -10.88 -11.20
N HIS B 367 -5.07 -9.63 -10.73
CA HIS B 367 -6.20 -8.76 -10.45
C HIS B 367 -5.94 -7.33 -10.91
N LEU B 368 -6.85 -6.75 -11.67
CA LEU B 368 -6.75 -5.35 -12.11
C LEU B 368 -5.45 -5.09 -12.88
N CYS B 369 -5.03 -6.06 -13.68
CA CYS B 369 -3.81 -5.90 -14.49
C CYS B 369 -4.17 -5.50 -15.92
N PHE B 370 -3.20 -4.89 -16.59
CA PHE B 370 -3.27 -4.61 -18.01
C PHE B 370 -2.05 -5.30 -18.59
N SER B 371 -2.22 -6.01 -19.70
CA SER B 371 -1.11 -6.72 -20.34
C SER B 371 -1.18 -6.46 -21.84
N SER B 372 -0.02 -6.23 -22.44
CA SER B 372 0.09 -6.15 -23.87
C SER B 372 1.29 -7.03 -24.29
N GLY B 373 1.04 -8.04 -25.11
CA GLY B 373 2.10 -8.95 -25.55
C GLY B 373 2.71 -9.73 -24.41
N SER B 374 1.92 -10.06 -23.40
CA SER B 374 2.46 -10.67 -22.20
C SER B 374 1.66 -11.92 -21.79
N PRO B 375 1.96 -13.04 -22.42
CA PRO B 375 1.21 -14.27 -22.14
C PRO B 375 1.37 -14.76 -20.71
N ILE B 376 0.37 -15.53 -20.27
CA ILE B 376 0.42 -16.26 -19.01
C ILE B 376 0.46 -17.73 -19.38
N ASP B 377 1.57 -18.39 -19.05
CA ASP B 377 1.88 -19.75 -19.50
C ASP B 377 2.15 -20.65 -18.29
N VAL B 378 1.15 -21.39 -17.82
CA VAL B 378 1.33 -22.19 -16.60
C VAL B 378 1.14 -23.68 -16.89
N TRP B 379 2.11 -24.46 -16.44
CA TRP B 379 2.06 -25.90 -16.52
C TRP B 379 1.97 -26.51 -15.12
N ASP B 380 1.19 -27.58 -14.99
CA ASP B 380 1.09 -28.34 -13.76
C ASP B 380 0.79 -27.43 -12.60
N THR B 381 -0.16 -26.52 -12.82
CA THR B 381 -0.52 -25.47 -11.86
C THR B 381 -2.00 -25.52 -11.56
N ALA B 382 -2.32 -25.57 -10.28
CA ALA B 382 -3.71 -25.57 -9.80
C ALA B 382 -4.16 -24.14 -9.49
N ASP B 383 -5.37 -23.81 -9.93
CA ASP B 383 -6.05 -22.60 -9.48
C ASP B 383 -5.41 -21.28 -9.93
N LEU B 384 -4.81 -21.25 -11.12
CA LEU B 384 -4.54 -20.00 -11.79
C LEU B 384 -5.85 -19.20 -11.82
N ALA B 385 -5.81 -17.94 -11.38
CA ALA B 385 -6.99 -17.10 -11.39
C ALA B 385 -6.72 -15.74 -11.95
N ILE B 386 -7.59 -15.32 -12.84
CA ILE B 386 -7.45 -14.04 -13.53
C ILE B 386 -8.79 -13.34 -13.37
N THR B 387 -8.79 -12.13 -12.78
CA THR B 387 -10.02 -11.45 -12.44
C THR B 387 -9.88 -9.96 -12.71
N LYS B 388 -10.86 -9.39 -13.41
CA LYS B 388 -10.88 -7.96 -13.65
C LYS B 388 -9.58 -7.48 -14.33
N CYS B 389 -9.14 -8.25 -15.33
CA CYS B 389 -7.94 -7.96 -16.07
C CYS B 389 -8.28 -7.70 -17.55
N THR B 390 -7.34 -7.04 -18.22
CA THR B 390 -7.40 -6.78 -19.65
C THR B 390 -6.10 -7.26 -20.26
N MET B 391 -6.21 -8.14 -21.27
CA MET B 391 -5.04 -8.63 -21.98
C MET B 391 -5.24 -8.35 -23.45
N PHE B 392 -4.19 -7.76 -24.04
CA PHE B 392 -4.21 -7.25 -25.39
C PHE B 392 -3.04 -7.85 -26.19
N ALA B 393 -3.28 -8.18 -27.46
CA ALA B 393 -2.28 -8.69 -28.41
C ALA B 393 -1.51 -9.90 -27.88
N GLY B 394 -0.23 -10.02 -28.25
CA GLY B 394 0.51 -11.23 -27.97
C GLY B 394 0.18 -12.44 -28.82
N ASP B 395 1.00 -13.48 -28.73
CA ASP B 395 0.77 -14.72 -29.48
C ASP B 395 -0.44 -15.48 -28.95
N TYR B 396 -0.61 -15.45 -27.63
CA TYR B 396 -1.77 -16.03 -26.96
C TYR B 396 -1.88 -15.30 -25.61
N ALA B 397 -2.97 -15.46 -24.87
CA ALA B 397 -3.07 -14.78 -23.57
C ALA B 397 -2.86 -15.71 -22.42
N VAL B 398 -3.55 -16.86 -22.45
CA VAL B 398 -3.51 -17.84 -21.35
C VAL B 398 -3.35 -19.22 -21.90
N ARG B 399 -2.30 -19.89 -21.44
CA ARG B 399 -2.07 -21.26 -21.82
C ARG B 399 -1.86 -22.14 -20.59
N THR B 400 -2.50 -23.32 -20.57
CA THR B 400 -2.28 -24.30 -19.50
C THR B 400 -1.89 -25.62 -20.11
N ARG B 401 -0.99 -26.33 -19.43
CA ARG B 401 -0.54 -27.63 -19.87
C ARG B 401 -0.36 -28.52 -18.64
N VAL B 402 -0.40 -29.81 -18.90
CA VAL B 402 -0.15 -30.84 -17.88
C VAL B 402 0.99 -31.72 -18.40
N THR B 403 2.09 -31.81 -17.65
CA THR B 403 3.25 -32.60 -18.14
C THR B 403 3.30 -33.94 -17.41
N GLN B 404 2.45 -34.13 -16.43
CA GLN B 404 2.35 -35.48 -15.82
C GLN B 404 1.56 -36.31 -16.87
N LYS B 405 0.25 -36.14 -17.05
CA LYS B 405 -0.70 -36.73 -18.10
C LYS B 405 -1.11 -38.21 -17.91
N GLN B 406 -0.10 -39.10 -17.84
CA GLN B 406 -0.23 -40.54 -17.69
C GLN B 406 -0.88 -41.11 -16.41
N VAL B 407 -2.17 -41.32 -16.42
CA VAL B 407 -2.81 -41.81 -15.23
C VAL B 407 -2.90 -43.35 -15.18
N THR B 408 -3.20 -43.86 -13.98
CA THR B 408 -3.41 -45.29 -13.73
CA THR B 408 -3.45 -45.30 -13.85
C THR B 408 -4.86 -45.53 -13.32
N ALA B 409 -5.52 -46.52 -13.91
CA ALA B 409 -6.89 -46.84 -13.53
C ALA B 409 -6.94 -47.02 -12.02
N PRO B 410 -8.04 -46.61 -11.38
CA PRO B 410 -9.30 -46.13 -11.95
C PRO B 410 -9.31 -44.67 -12.43
N ASP B 411 -8.23 -43.92 -12.22
CA ASP B 411 -8.17 -42.55 -12.78
C ASP B 411 -8.25 -42.62 -14.31
N LEU B 412 -8.95 -41.66 -14.91
CA LEU B 412 -9.10 -41.62 -16.35
C LEU B 412 -8.46 -40.38 -16.99
N PHE B 413 -8.11 -39.40 -16.17
CA PHE B 413 -7.74 -38.07 -16.66
C PHE B 413 -6.99 -37.32 -15.56
N ALA B 414 -6.06 -36.46 -15.98
CA ALA B 414 -5.32 -35.59 -15.08
C ALA B 414 -5.47 -34.11 -15.53
N GLY B 415 -5.77 -33.24 -14.57
CA GLY B 415 -5.84 -31.81 -14.83
C GLY B 415 -6.22 -31.00 -13.62
N TYR B 416 -6.37 -29.70 -13.85
CA TYR B 416 -6.43 -28.71 -12.78
C TYR B 416 -7.35 -27.58 -13.13
N PRO B 417 -7.89 -26.86 -12.12
CA PRO B 417 -8.81 -25.75 -12.43
C PRO B 417 -8.13 -24.44 -12.76
N VAL B 418 -8.73 -23.68 -13.68
CA VAL B 418 -8.48 -22.25 -13.78
C VAL B 418 -9.76 -21.54 -13.38
N LEU B 419 -9.63 -20.31 -12.86
CA LEU B 419 -10.80 -19.48 -12.60
C LEU B 419 -10.59 -18.15 -13.33
N ILE B 420 -11.38 -17.87 -14.38
CA ILE B 420 -11.17 -16.67 -15.17
C ILE B 420 -12.49 -15.90 -15.12
N THR B 421 -12.48 -14.68 -14.60
CA THR B 421 -13.69 -13.94 -14.27
C THR B 421 -13.61 -12.47 -14.70
N CYS B 422 -14.71 -11.98 -15.28
CA CYS B 422 -14.88 -10.60 -15.74
C CYS B 422 -13.60 -9.94 -16.26
N SER B 423 -12.99 -10.60 -17.25
CA SER B 423 -11.77 -10.11 -17.86
C SER B 423 -11.96 -9.97 -19.37
N VAL B 424 -11.10 -9.17 -20.00
CA VAL B 424 -11.20 -8.86 -21.41
C VAL B 424 -9.94 -9.32 -22.12
N PHE B 425 -10.11 -10.02 -23.24
CA PHE B 425 -9.01 -10.58 -23.99
C PHE B 425 -9.22 -10.11 -25.41
N ASP B 426 -8.35 -9.24 -25.91
CA ASP B 426 -8.64 -8.53 -27.17
C ASP B 426 -7.46 -8.44 -28.15
N ALA B 427 -7.75 -8.72 -29.43
CA ALA B 427 -6.76 -8.64 -30.50
C ALA B 427 -5.54 -9.51 -30.24
N VAL B 428 -5.75 -10.62 -29.54
CA VAL B 428 -4.72 -11.68 -29.42
C VAL B 428 -4.49 -12.36 -30.78
N ARG B 429 -3.22 -12.62 -31.18
CA ARG B 429 -2.96 -13.10 -32.53
CA ARG B 429 -2.92 -13.13 -32.52
C ARG B 429 -3.43 -14.54 -32.69
N GLY B 430 -3.15 -15.36 -31.70
CA GLY B 430 -3.60 -16.75 -31.64
C GLY B 430 -4.78 -16.84 -30.68
N HIS B 431 -4.94 -18.01 -30.07
CA HIS B 431 -5.98 -18.20 -29.07
C HIS B 431 -5.83 -17.25 -27.90
N ALA B 432 -6.93 -16.67 -27.43
CA ALA B 432 -6.89 -16.00 -26.13
C ALA B 432 -6.61 -17.03 -25.05
N TRP B 433 -7.33 -18.14 -25.13
CA TRP B 433 -7.24 -19.23 -24.15
C TRP B 433 -6.91 -20.52 -24.87
N ASP B 434 -5.79 -21.12 -24.47
CA ASP B 434 -5.35 -22.40 -25.00
C ASP B 434 -5.22 -23.34 -23.80
N LEU B 435 -6.33 -23.96 -23.42
CA LEU B 435 -6.38 -24.67 -22.14
C LEU B 435 -6.36 -26.19 -22.34
N GLU B 436 -5.27 -26.84 -21.94
CA GLU B 436 -5.23 -28.31 -21.89
C GLU B 436 -5.32 -28.78 -20.44
N GLY B 437 -6.07 -29.85 -20.20
CA GLY B 437 -6.16 -30.45 -18.87
C GLY B 437 -6.89 -29.54 -17.89
N SER B 438 -7.99 -28.96 -18.35
CA SER B 438 -8.79 -28.07 -17.53
C SER B 438 -9.86 -28.87 -16.78
N VAL B 439 -9.78 -28.89 -15.45
CA VAL B 439 -10.69 -29.68 -14.63
C VAL B 439 -11.27 -28.84 -13.49
N TYR B 440 -12.60 -28.85 -13.31
CA TYR B 440 -13.29 -28.05 -12.28
C TYR B 440 -13.16 -26.53 -12.45
N SER B 441 -12.78 -26.09 -13.66
CA SER B 441 -12.62 -24.69 -13.94
C SER B 441 -13.95 -23.95 -13.93
N THR B 442 -13.88 -22.66 -13.62
CA THR B 442 -15.02 -21.78 -13.74
C THR B 442 -14.56 -20.56 -14.52
N ILE B 443 -15.27 -20.31 -15.60
CA ILE B 443 -14.88 -19.26 -16.55
C ILE B 443 -16.16 -18.46 -16.81
N THR B 444 -16.22 -17.26 -16.21
CA THR B 444 -17.44 -16.52 -16.06
C THR B 444 -17.33 -15.05 -16.44
N GLY B 445 -18.24 -14.59 -17.30
CA GLY B 445 -18.38 -13.16 -17.52
C GLY B 445 -17.25 -12.48 -18.27
N ASN B 446 -16.52 -13.21 -19.11
CA ASN B 446 -15.41 -12.64 -19.86
C ASN B 446 -15.80 -12.22 -21.28
N LEU B 447 -14.94 -11.40 -21.88
CA LEU B 447 -15.08 -10.97 -23.26
C LEU B 447 -13.85 -11.45 -24.00
N VAL B 448 -14.05 -12.15 -25.09
CA VAL B 448 -12.96 -12.70 -25.89
C VAL B 448 -13.10 -12.34 -27.37
N SER B 449 -12.05 -11.76 -27.93
CA SER B 449 -12.00 -11.44 -29.36
C SER B 449 -10.58 -11.70 -29.80
N ALA B 450 -10.34 -12.82 -30.45
CA ALA B 450 -8.98 -13.29 -30.66
C ALA B 450 -8.83 -14.20 -31.84
N GLY B 451 -7.59 -14.34 -32.31
CA GLY B 451 -7.24 -15.35 -33.30
C GLY B 451 -7.18 -14.88 -34.75
N ARG B 452 -7.52 -13.61 -34.98
CA ARG B 452 -7.73 -13.16 -36.36
C ARG B 452 -6.44 -13.25 -37.17
N ASP B 453 -5.29 -12.98 -36.54
CA ASP B 453 -4.02 -12.92 -37.27
C ASP B 453 -3.54 -14.28 -37.74
N THR B 454 -4.06 -15.36 -37.16
CA THR B 454 -3.59 -16.71 -37.45
C THR B 454 -4.71 -17.67 -37.80
N ASN B 455 -5.90 -17.12 -38.07
CA ASN B 455 -7.08 -17.92 -38.34
C ASN B 455 -7.34 -18.96 -37.24
N SER B 456 -7.20 -18.51 -35.99
CA SER B 456 -7.31 -19.39 -34.82
C SER B 456 -8.60 -19.14 -34.06
N HIS B 457 -9.09 -20.17 -33.38
CA HIS B 457 -10.24 -19.99 -32.50
C HIS B 457 -9.95 -18.95 -31.45
N GLY B 458 -10.97 -18.26 -30.98
CA GLY B 458 -10.78 -17.35 -29.88
C GLY B 458 -10.31 -18.06 -28.62
N ALA B 459 -10.89 -19.23 -28.38
CA ALA B 459 -10.54 -20.02 -27.22
C ALA B 459 -10.68 -21.49 -27.57
N TYR B 460 -9.79 -22.30 -27.00
CA TYR B 460 -9.66 -23.67 -27.33
C TYR B 460 -9.34 -24.47 -26.07
N ILE B 461 -10.25 -25.36 -25.71
CA ILE B 461 -10.07 -26.24 -24.57
C ILE B 461 -9.92 -27.66 -25.09
N LYS B 462 -8.76 -28.26 -24.85
CA LYS B 462 -8.48 -29.60 -25.33
C LYS B 462 -8.16 -30.49 -24.11
N GLY B 463 -9.10 -31.34 -23.73
CA GLY B 463 -8.98 -32.13 -22.52
C GLY B 463 -9.57 -31.31 -21.38
N GLY B 464 -10.89 -31.41 -21.19
CA GLY B 464 -11.55 -30.77 -20.07
C GLY B 464 -12.56 -31.70 -19.40
N ARG B 465 -12.73 -31.54 -18.09
CA ARG B 465 -13.66 -32.34 -17.34
C ARG B 465 -14.32 -31.50 -16.25
N SER B 466 -15.61 -31.68 -16.09
CA SER B 466 -16.35 -31.18 -14.92
C SER B 466 -16.14 -29.70 -14.70
N LEU B 467 -16.33 -28.90 -15.75
CA LEU B 467 -16.10 -27.47 -15.69
C LEU B 467 -17.33 -26.68 -16.12
N SER B 468 -17.31 -25.39 -15.79
CA SER B 468 -18.42 -24.50 -16.10
C SER B 468 -17.93 -23.23 -16.75
N LEU B 469 -18.57 -22.89 -17.86
CA LEU B 469 -18.17 -21.74 -18.63
C LEU B 469 -19.45 -21.00 -18.89
N THR B 470 -19.59 -19.88 -18.18
CA THR B 470 -20.83 -19.15 -17.97
C THR B 470 -20.81 -17.68 -18.33
N GLY B 471 -21.75 -17.23 -19.16
CA GLY B 471 -21.97 -15.80 -19.32
C GLY B 471 -20.87 -15.03 -19.99
N ASN B 472 -20.18 -15.70 -20.91
CA ASN B 472 -19.06 -15.08 -21.63
C ASN B 472 -19.51 -14.59 -23.01
N VAL B 473 -18.71 -13.72 -23.64
CA VAL B 473 -19.00 -13.23 -24.99
C VAL B 473 -17.76 -13.48 -25.85
N PHE B 474 -17.95 -14.23 -26.95
CA PHE B 474 -16.89 -14.49 -27.91
C PHE B 474 -17.25 -13.81 -29.22
N THR B 475 -16.47 -12.81 -29.63
CA THR B 475 -16.88 -12.03 -30.80
C THR B 475 -15.70 -11.76 -31.73
N TYR B 476 -15.95 -11.86 -33.04
CA TYR B 476 -14.98 -11.45 -34.05
C TYR B 476 -13.66 -12.21 -33.94
N CYS B 477 -13.76 -13.51 -33.66
CA CYS B 477 -12.59 -14.37 -33.53
C CYS B 477 -12.19 -14.94 -34.89
N GLY B 478 -10.97 -15.49 -34.98
CA GLY B 478 -10.41 -15.84 -36.25
C GLY B 478 -10.84 -17.15 -36.86
N ASN B 479 -11.63 -17.91 -36.11
CA ASN B 479 -12.13 -19.20 -36.58
C ASN B 479 -13.46 -19.42 -35.87
N TYR B 480 -13.54 -20.36 -34.94
CA TYR B 480 -14.66 -20.41 -34.00
C TYR B 480 -14.41 -19.47 -32.85
N GLY B 481 -15.47 -19.07 -32.18
CA GLY B 481 -15.30 -18.32 -30.96
C GLY B 481 -14.70 -19.23 -29.89
N LEU B 482 -15.28 -20.41 -29.75
CA LEU B 482 -14.85 -21.40 -28.75
C LEU B 482 -14.92 -22.80 -29.34
N VAL B 483 -13.85 -23.58 -29.21
CA VAL B 483 -13.88 -24.99 -29.59
C VAL B 483 -13.54 -25.84 -28.40
N LEU B 484 -14.34 -26.88 -28.21
CA LEU B 484 -14.19 -27.84 -27.12
C LEU B 484 -13.79 -29.15 -27.72
N GLU B 485 -12.63 -29.67 -27.35
CA GLU B 485 -12.17 -30.96 -27.81
C GLU B 485 -11.88 -31.86 -26.62
N ASP B 486 -12.45 -33.07 -26.61
CA ASP B 486 -12.27 -34.01 -25.50
C ASP B 486 -12.66 -33.32 -24.20
N VAL B 487 -13.85 -32.72 -24.21
CA VAL B 487 -14.43 -32.13 -22.99
C VAL B 487 -15.63 -32.99 -22.58
N GLN B 488 -15.72 -33.34 -21.29
CA GLN B 488 -16.83 -34.09 -20.77
C GLN B 488 -17.44 -33.50 -19.49
N GLN B 489 -18.73 -33.72 -19.34
CA GLN B 489 -19.52 -33.46 -18.14
C GLN B 489 -19.35 -32.04 -17.66
N SER B 490 -19.68 -31.11 -18.56
CA SER B 490 -19.42 -29.70 -18.33
C SER B 490 -20.62 -28.90 -18.81
N GLY B 491 -20.78 -27.69 -18.26
CA GLY B 491 -21.91 -26.83 -18.57
C GLY B 491 -21.52 -25.54 -19.22
N PHE B 492 -22.31 -25.10 -20.19
CA PHE B 492 -22.05 -23.89 -20.93
C PHE B 492 -23.34 -23.10 -21.03
N VAL B 493 -23.54 -22.15 -20.13
CA VAL B 493 -24.84 -21.45 -20.06
C VAL B 493 -24.67 -19.95 -20.25
N GLY B 494 -25.56 -19.36 -21.04
CA GLY B 494 -25.63 -17.91 -21.21
C GLY B 494 -24.57 -17.29 -22.08
N ASN B 495 -23.79 -18.09 -22.81
CA ASN B 495 -22.70 -17.52 -23.63
C ASN B 495 -23.18 -16.95 -24.96
N VAL B 496 -22.55 -15.89 -25.40
CA VAL B 496 -22.84 -15.28 -26.70
C VAL B 496 -21.71 -15.54 -27.67
N PHE B 497 -22.05 -16.00 -28.87
CA PHE B 497 -21.05 -16.27 -29.90
C PHE B 497 -21.41 -15.46 -31.16
N ASN B 498 -20.69 -14.35 -31.35
CA ASN B 498 -21.03 -13.30 -32.33
C ASN B 498 -19.96 -13.02 -33.37
N GLY B 499 -20.36 -12.97 -34.64
CA GLY B 499 -19.49 -12.43 -35.66
C GLY B 499 -18.13 -13.11 -35.83
N ASN B 500 -18.08 -14.41 -35.53
CA ASN B 500 -16.83 -15.16 -35.65
C ASN B 500 -16.64 -15.66 -37.08
N LYS B 501 -15.38 -15.84 -37.51
CA LYS B 501 -15.08 -16.10 -38.93
C LYS B 501 -15.71 -17.39 -39.45
N THR B 502 -15.61 -18.46 -38.67
CA THR B 502 -16.02 -19.80 -39.13
C THR B 502 -17.21 -20.37 -38.39
N GLY B 503 -17.33 -20.06 -37.11
CA GLY B 503 -18.49 -20.53 -36.39
C GLY B 503 -18.52 -20.02 -34.96
N GLY B 504 -19.60 -20.29 -34.26
CA GLY B 504 -19.76 -19.84 -32.87
C GLY B 504 -19.09 -20.77 -31.87
N LEU B 505 -19.70 -21.93 -31.67
CA LEU B 505 -19.26 -22.93 -30.70
C LEU B 505 -19.07 -24.23 -31.43
N GLY B 506 -17.91 -24.85 -31.27
CA GLY B 506 -17.63 -26.13 -31.90
C GLY B 506 -17.23 -27.19 -30.90
N THR B 507 -17.70 -28.42 -31.09
CA THR B 507 -17.27 -29.58 -30.30
C THR B 507 -16.61 -30.68 -31.14
N LEU B 508 -15.60 -31.30 -30.55
CA LEU B 508 -14.95 -32.47 -31.14
C LEU B 508 -14.77 -33.54 -30.05
N ALA B 509 -15.33 -34.74 -30.27
CA ALA B 509 -15.16 -35.88 -29.37
C ALA B 509 -15.47 -35.48 -27.92
N CYS B 510 -16.61 -34.83 -27.71
CA CYS B 510 -17.04 -34.48 -26.36
C CYS B 510 -18.12 -35.46 -25.91
N LYS B 511 -18.48 -35.38 -24.62
CA LYS B 511 -19.48 -36.24 -24.06
C LYS B 511 -20.18 -35.55 -22.86
N ASP B 512 -21.50 -35.55 -22.88
CA ASP B 512 -22.30 -35.04 -21.77
C ASP B 512 -22.00 -33.57 -21.49
N LEU B 513 -22.38 -32.73 -22.44
CA LEU B 513 -22.32 -31.28 -22.27
C LEU B 513 -23.71 -30.67 -22.38
N SER B 514 -23.97 -29.65 -21.56
CA SER B 514 -25.19 -28.84 -21.70
C SER B 514 -24.82 -27.46 -22.24
N ILE B 515 -25.54 -27.04 -23.26
CA ILE B 515 -25.33 -25.77 -23.91
C ILE B 515 -26.68 -25.09 -23.83
N VAL B 516 -26.77 -24.05 -23.02
CA VAL B 516 -28.05 -23.52 -22.57
C VAL B 516 -28.14 -22.00 -22.77
N GLY B 517 -29.18 -21.54 -23.44
CA GLY B 517 -29.42 -20.11 -23.49
C GLY B 517 -28.34 -19.39 -24.26
N GLY B 518 -28.11 -18.13 -23.92
CA GLY B 518 -27.24 -17.31 -24.73
C GLY B 518 -27.76 -17.13 -26.13
N SER B 519 -26.87 -16.81 -27.06
CA SER B 519 -27.28 -16.46 -28.41
C SER B 519 -26.11 -16.61 -29.38
N MET B 520 -26.40 -16.91 -30.64
CA MET B 520 -25.35 -16.93 -31.67
C MET B 520 -25.87 -16.28 -32.93
N GLY B 521 -25.00 -15.55 -33.59
CA GLY B 521 -25.35 -14.86 -34.81
C GLY B 521 -24.34 -13.74 -35.10
N THR B 522 -24.78 -12.70 -35.80
CA THR B 522 -23.95 -11.52 -36.04
C THR B 522 -24.86 -10.30 -35.87
N THR B 523 -24.43 -9.36 -35.02
CA THR B 523 -25.22 -8.15 -34.76
C THR B 523 -24.69 -6.91 -35.48
N TYR B 524 -23.60 -7.05 -36.21
CA TYR B 524 -23.07 -5.97 -37.06
C TYR B 524 -22.83 -4.65 -36.32
N VAL B 525 -22.19 -4.77 -35.16
CA VAL B 525 -21.85 -3.59 -34.35
C VAL B 525 -20.55 -2.98 -34.85
N ARG B 526 -20.59 -1.67 -35.07
CA ARG B 526 -19.41 -0.93 -35.50
C ARG B 526 -18.17 -1.26 -34.68
N GLY B 527 -17.08 -1.56 -35.37
CA GLY B 527 -15.85 -1.83 -34.68
C GLY B 527 -15.28 -3.20 -35.01
N GLY B 528 -16.03 -4.05 -35.70
CA GLY B 528 -15.46 -5.29 -36.20
C GLY B 528 -16.28 -6.54 -35.95
N TYR B 529 -16.43 -7.33 -37.01
CA TYR B 529 -17.13 -8.61 -37.04
C TYR B 529 -16.90 -9.29 -38.39
N TYR B 530 -17.08 -10.61 -38.43
CA TYR B 530 -17.32 -11.36 -39.67
C TYR B 530 -18.78 -11.70 -39.72
N THR B 531 -19.30 -12.04 -40.90
CA THR B 531 -20.62 -12.68 -40.94
C THR B 531 -20.46 -14.15 -40.56
N GLN B 532 -20.86 -14.49 -39.36
CA GLN B 532 -20.66 -15.83 -38.84
C GLN B 532 -21.52 -16.84 -39.58
N PRO B 533 -20.93 -17.92 -40.13
CA PRO B 533 -21.75 -18.81 -40.96
C PRO B 533 -22.43 -19.96 -40.22
N VAL B 534 -21.87 -20.33 -39.08
CA VAL B 534 -22.33 -21.44 -38.24
C VAL B 534 -22.59 -20.98 -36.78
N GLY B 535 -23.65 -21.49 -36.17
CA GLY B 535 -23.87 -21.31 -34.75
C GLY B 535 -23.09 -22.33 -33.96
N TYR B 536 -23.72 -23.47 -33.69
CA TYR B 536 -23.09 -24.60 -32.98
C TYR B 536 -22.85 -25.76 -33.95
N SER B 537 -21.67 -26.38 -33.90
CA SER B 537 -21.42 -27.56 -34.72
C SER B 537 -20.62 -28.59 -33.92
N ASP B 538 -21.08 -29.82 -33.98
CA ASP B 538 -20.29 -30.97 -33.55
C ASP B 538 -19.53 -31.37 -34.79
N ILE B 539 -18.34 -30.80 -34.92
CA ILE B 539 -17.66 -30.68 -36.21
C ILE B 539 -17.39 -32.04 -36.85
N SER B 540 -17.06 -33.03 -36.01
CA SER B 540 -16.73 -34.37 -36.52
C SER B 540 -17.81 -35.39 -36.21
N SER B 541 -18.99 -34.88 -35.86
CA SER B 541 -20.19 -35.69 -35.61
C SER B 541 -19.86 -36.92 -34.74
N ASN B 542 -19.14 -36.71 -33.63
CA ASN B 542 -18.75 -37.85 -32.83
C ASN B 542 -18.90 -37.62 -31.35
N SER B 543 -19.59 -36.56 -30.96
CA SER B 543 -19.95 -36.36 -29.55
C SER B 543 -21.28 -37.06 -29.18
N THR B 544 -21.47 -37.34 -27.90
CA THR B 544 -22.72 -37.93 -27.42
C THR B 544 -23.16 -37.20 -26.17
N GLY B 545 -24.45 -37.19 -25.93
CA GLY B 545 -24.97 -36.62 -24.70
C GLY B 545 -24.89 -35.10 -24.73
N ILE B 546 -24.86 -34.51 -25.92
CA ILE B 546 -24.85 -33.05 -26.07
C ILE B 546 -26.28 -32.53 -26.07
N LEU B 547 -26.59 -31.69 -25.07
CA LEU B 547 -27.95 -31.17 -24.89
C LEU B 547 -28.01 -29.68 -25.13
N LEU B 548 -28.75 -29.27 -26.15
CA LEU B 548 -28.96 -27.84 -26.43
C LEU B 548 -30.34 -27.42 -26.01
N SER B 549 -30.42 -26.38 -25.20
CA SER B 549 -31.70 -25.95 -24.65
C SER B 549 -31.80 -24.41 -24.66
N GLY B 550 -32.76 -23.86 -25.38
CA GLY B 550 -33.13 -22.48 -25.17
C GLY B 550 -32.22 -21.43 -25.78
N VAL B 551 -31.41 -21.85 -26.76
CA VAL B 551 -30.46 -20.96 -27.43
C VAL B 551 -31.14 -20.09 -28.51
N ALA B 552 -30.95 -18.78 -28.45
CA ALA B 552 -31.51 -17.85 -29.45
C ALA B 552 -30.55 -17.71 -30.62
N PHE B 553 -30.87 -18.35 -31.74
CA PHE B 553 -30.10 -18.20 -32.96
C PHE B 553 -30.66 -17.10 -33.87
N ASP B 554 -29.77 -16.24 -34.35
CA ASP B 554 -30.05 -15.29 -35.44
C ASP B 554 -30.65 -16.07 -36.64
N GLU B 555 -31.83 -15.67 -37.11
CA GLU B 555 -32.50 -16.40 -38.20
C GLU B 555 -31.69 -16.40 -39.49
N ALA B 556 -30.80 -15.43 -39.62
CA ALA B 556 -29.97 -15.28 -40.81
C ALA B 556 -28.75 -16.21 -40.85
N LEU B 557 -28.46 -16.89 -39.75
CA LEU B 557 -27.37 -17.88 -39.73
C LEU B 557 -27.60 -18.97 -40.76
N THR B 558 -26.62 -19.21 -41.63
N THR B 558 -26.63 -19.23 -41.63
CA THR B 558 -26.78 -20.24 -42.65
CA THR B 558 -26.81 -20.25 -42.66
C THR B 558 -26.96 -21.63 -42.02
C THR B 558 -26.94 -21.65 -42.04
N THR B 559 -26.11 -21.96 -41.06
CA THR B 559 -26.15 -23.24 -40.33
C THR B 559 -26.27 -22.94 -38.86
N LYS B 560 -27.46 -23.11 -38.29
CA LYS B 560 -27.63 -22.87 -36.87
C LYS B 560 -27.04 -23.96 -36.01
N VAL B 561 -27.38 -25.22 -36.29
CA VAL B 561 -26.91 -26.37 -35.49
C VAL B 561 -26.51 -27.50 -36.46
N TYR B 562 -25.34 -28.08 -36.24
CA TYR B 562 -24.95 -29.32 -36.91
C TYR B 562 -24.67 -30.32 -35.81
N LEU B 563 -25.50 -31.36 -35.75
CA LEU B 563 -25.50 -32.27 -34.61
C LEU B 563 -26.27 -33.52 -34.97
N ASP B 564 -25.69 -34.69 -34.72
CA ASP B 564 -26.40 -35.94 -34.93
C ASP B 564 -27.35 -36.25 -33.77
N THR B 565 -28.64 -36.12 -34.01
CA THR B 565 -29.61 -36.30 -32.93
C THR B 565 -30.42 -37.58 -33.11
N SER B 566 -29.83 -38.59 -33.77
CA SER B 566 -30.48 -39.89 -33.89
C SER B 566 -30.53 -40.50 -32.51
N ILE B 567 -31.34 -41.54 -32.39
CA ILE B 567 -31.84 -41.95 -31.10
C ILE B 567 -30.74 -42.46 -30.14
N THR B 568 -29.67 -43.05 -30.65
CA THR B 568 -28.66 -43.63 -29.76
C THR B 568 -27.56 -42.66 -29.34
N THR B 569 -27.50 -41.48 -29.95
CA THR B 569 -26.44 -40.51 -29.66
C THR B 569 -26.62 -39.78 -28.32
N ARG B 570 -27.86 -39.76 -27.81
CA ARG B 570 -28.23 -39.00 -26.60
C ARG B 570 -28.06 -37.49 -26.82
N ASN B 571 -27.88 -37.08 -28.07
CA ASN B 571 -27.83 -35.64 -28.40
C ASN B 571 -29.26 -35.13 -28.63
N LYS B 572 -29.58 -33.96 -28.09
CA LYS B 572 -30.96 -33.50 -28.16
C LYS B 572 -31.04 -31.98 -28.10
N VAL B 573 -31.93 -31.42 -28.90
CA VAL B 573 -32.18 -29.98 -29.00
C VAL B 573 -33.60 -29.69 -28.54
N ILE B 574 -33.78 -28.69 -27.67
CA ILE B 574 -35.13 -28.22 -27.33
C ILE B 574 -35.15 -26.68 -27.28
N ASN B 575 -36.24 -26.10 -27.81
CA ASN B 575 -36.46 -24.65 -27.84
C ASN B 575 -35.23 -23.82 -28.26
N CYS B 576 -34.61 -24.20 -29.38
CA CYS B 576 -33.60 -23.39 -30.03
C CYS B 576 -34.17 -22.81 -31.33
N SER B 577 -34.13 -21.49 -31.52
CA SER B 577 -34.90 -20.89 -32.60
C SER B 577 -34.32 -21.29 -33.96
N GLY B 578 -35.20 -21.58 -34.92
CA GLY B 578 -34.78 -22.00 -36.26
C GLY B 578 -34.27 -23.43 -36.38
N VAL B 579 -34.42 -24.22 -35.31
CA VAL B 579 -33.98 -25.62 -35.22
C VAL B 579 -35.16 -26.42 -34.66
N PRO B 580 -35.55 -27.56 -35.27
CA PRO B 580 -36.69 -28.23 -34.62
C PRO B 580 -36.31 -28.94 -33.34
N ASP B 581 -37.24 -29.06 -32.38
CA ASP B 581 -37.01 -29.90 -31.23
C ASP B 581 -36.74 -31.32 -31.73
N THR B 582 -35.78 -31.99 -31.11
CA THR B 582 -35.40 -33.33 -31.53
C THR B 582 -36.61 -34.22 -31.39
N ILE B 583 -36.88 -34.92 -32.47
CA ILE B 583 -37.98 -35.87 -32.58
C ILE B 583 -37.43 -37.30 -32.47
N ALA B 584 -37.92 -38.11 -31.54
CA ALA B 584 -37.53 -39.54 -31.57
C ALA B 584 -38.07 -40.21 -32.82
N ARG B 585 -37.19 -40.78 -33.63
CA ARG B 585 -37.61 -41.34 -34.90
C ARG B 585 -36.58 -42.35 -35.39
N GLY B 586 -37.00 -43.18 -36.34
CA GLY B 586 -36.12 -44.18 -36.93
C GLY B 586 -36.90 -45.38 -37.39
N SER B 587 -36.20 -46.39 -37.84
CA SER B 587 -36.84 -47.58 -38.34
C SER B 587 -37.48 -48.40 -37.22
N THR B 588 -38.23 -49.42 -37.63
CA THR B 588 -38.93 -50.28 -36.69
C THR B 588 -37.88 -50.96 -35.80
N ALA B 589 -36.76 -51.34 -36.38
CA ALA B 589 -35.73 -52.07 -35.63
C ALA B 589 -35.02 -51.16 -34.62
N ASN B 590 -35.17 -49.85 -34.77
CA ASN B 590 -34.52 -48.89 -33.88
C ASN B 590 -35.44 -48.25 -32.85
N ARG B 591 -36.66 -48.76 -32.74
CA ARG B 591 -37.55 -48.40 -31.64
C ARG B 591 -36.80 -48.59 -30.31
N PRO B 592 -36.95 -47.65 -29.37
CA PRO B 592 -36.19 -47.84 -28.11
C PRO B 592 -36.60 -49.11 -27.36
N ALA B 593 -35.63 -49.71 -26.66
CA ALA B 593 -35.87 -50.98 -25.96
C ALA B 593 -36.68 -50.84 -24.66
N ASN B 594 -36.50 -49.72 -23.96
CA ASN B 594 -37.16 -49.52 -22.66
C ASN B 594 -37.85 -48.16 -22.58
N PRO B 595 -38.85 -47.94 -23.46
CA PRO B 595 -39.50 -46.64 -23.52
C PRO B 595 -40.31 -46.33 -22.26
N GLN B 596 -40.37 -45.06 -21.89
CA GLN B 596 -41.26 -44.62 -20.83
C GLN B 596 -42.70 -44.80 -21.31
N ALA B 597 -43.65 -44.77 -20.38
CA ALA B 597 -45.05 -44.89 -20.74
C ALA B 597 -45.46 -43.74 -21.68
N SER B 598 -46.18 -44.09 -22.74
CA SER B 598 -46.75 -43.14 -23.71
C SER B 598 -45.67 -42.49 -24.59
N TYR B 599 -44.46 -43.04 -24.61
CA TYR B 599 -43.39 -42.58 -25.48
C TYR B 599 -43.85 -42.49 -26.90
N GLN B 600 -43.57 -41.36 -27.54
CA GLN B 600 -43.94 -41.12 -28.95
C GLN B 600 -42.70 -41.28 -29.88
N TYR B 601 -42.81 -42.15 -30.88
CA TYR B 601 -41.72 -42.45 -31.81
C TYR B 601 -42.27 -42.33 -33.22
N TYR B 602 -41.51 -41.66 -34.10
CA TYR B 602 -41.92 -41.60 -35.50
C TYR B 602 -41.24 -42.75 -36.23
N ASP B 603 -42.03 -43.73 -36.65
CA ASP B 603 -41.50 -44.96 -37.25
C ASP B 603 -41.34 -44.77 -38.73
N THR B 604 -40.10 -44.74 -39.19
CA THR B 604 -39.81 -44.43 -40.58
C THR B 604 -39.94 -45.64 -41.49
N THR B 605 -40.12 -46.82 -40.90
CA THR B 605 -40.47 -47.99 -41.71
C THR B 605 -41.95 -47.95 -42.07
N LEU B 606 -42.78 -47.51 -41.14
CA LEU B 606 -44.22 -47.49 -41.32
C LEU B 606 -44.72 -46.13 -41.86
N GLY B 607 -43.92 -45.09 -41.69
CA GLY B 607 -44.31 -43.74 -42.08
C GLY B 607 -45.43 -43.18 -41.22
N ILE B 608 -45.43 -43.51 -39.92
CA ILE B 608 -46.46 -43.03 -38.98
C ILE B 608 -45.88 -42.85 -37.58
N PRO B 609 -46.47 -41.95 -36.77
CA PRO B 609 -46.10 -41.91 -35.36
C PRO B 609 -46.72 -43.08 -34.64
N ILE B 610 -46.03 -43.57 -33.61
CA ILE B 610 -46.53 -44.63 -32.75
C ILE B 610 -46.25 -44.28 -31.31
N TRP B 611 -46.99 -44.92 -30.41
CA TRP B 611 -46.93 -44.63 -28.99
C TRP B 611 -46.79 -45.92 -28.21
N TRP B 612 -45.91 -45.90 -27.20
CA TRP B 612 -45.73 -47.06 -26.35
C TRP B 612 -46.81 -47.10 -25.28
N ASN B 613 -47.56 -48.20 -25.27
CA ASN B 613 -48.57 -48.43 -24.24
C ASN B 613 -47.99 -49.34 -23.17
N SER B 614 -47.87 -48.80 -21.95
CA SER B 614 -47.16 -49.50 -20.88
C SER B 614 -47.99 -50.62 -20.28
N VAL B 615 -49.31 -50.54 -20.36
CA VAL B 615 -50.16 -51.62 -19.83
C VAL B 615 -50.15 -52.84 -20.73
N SER B 616 -50.41 -52.66 -22.02
CA SER B 616 -50.33 -53.76 -22.96
C SER B 616 -48.88 -54.16 -23.24
N GLY B 617 -47.95 -53.26 -22.99
CA GLY B 617 -46.57 -53.48 -23.40
C GLY B 617 -46.38 -53.64 -24.90
N THR B 618 -47.03 -52.75 -25.66
CA THR B 618 -46.96 -52.80 -27.14
C THR B 618 -46.93 -51.38 -27.71
N TRP B 619 -46.38 -51.24 -28.91
CA TRP B 619 -46.50 -50.01 -29.66
C TRP B 619 -47.84 -50.00 -30.40
N LYS B 620 -48.51 -48.85 -30.38
CA LYS B 620 -49.77 -48.69 -31.08
C LYS B 620 -49.77 -47.42 -31.96
N ASN B 621 -50.58 -47.43 -33.01
CA ASN B 621 -50.75 -46.23 -33.83
C ASN B 621 -51.80 -45.32 -33.19
N ALA B 622 -52.04 -44.19 -33.85
CA ALA B 622 -52.96 -43.17 -33.35
C ALA B 622 -54.41 -43.65 -33.28
N ALA B 623 -54.73 -44.68 -34.07
CA ALA B 623 -56.07 -45.29 -34.03
C ALA B 623 -56.18 -46.36 -32.94
N GLY B 624 -55.07 -46.69 -32.29
CA GLY B 624 -55.11 -47.57 -31.14
C GLY B 624 -54.81 -49.02 -31.46
N ALA B 625 -54.45 -49.28 -32.71
CA ALA B 625 -54.11 -50.62 -33.17
C ALA B 625 -52.66 -50.97 -32.85
N ASP B 626 -52.41 -52.19 -32.38
CA ASP B 626 -51.04 -52.67 -32.25
C ASP B 626 -50.33 -52.67 -33.61
N VAL B 627 -49.07 -52.30 -33.61
CA VAL B 627 -48.20 -52.53 -34.76
C VAL B 627 -47.20 -53.61 -34.34
N HIS B 628 -46.62 -54.33 -35.30
CA HIS B 628 -45.53 -55.27 -35.00
C HIS B 628 -46.02 -56.43 -34.14
N THR C 12 61.76 53.00 40.25
CA THR C 12 62.12 51.95 39.26
C THR C 12 61.25 50.72 39.44
N SER C 13 60.75 50.51 40.65
CA SER C 13 59.85 49.38 40.88
C SER C 13 58.57 49.59 40.09
N ILE C 14 58.22 50.85 39.85
CA ILE C 14 57.16 51.20 38.91
C ILE C 14 57.56 50.72 37.52
N GLU C 15 58.83 50.90 37.16
CA GLU C 15 59.28 50.52 35.83
C GLU C 15 59.32 49.02 35.65
N VAL C 16 59.64 48.30 36.71
CA VAL C 16 59.70 46.85 36.65
C VAL C 16 58.29 46.30 36.52
N ASN C 17 57.37 46.94 37.22
CA ASN C 17 55.97 46.53 37.14
C ASN C 17 55.42 46.83 35.76
N LYS C 18 55.65 48.06 35.27
CA LYS C 18 55.24 48.42 33.91
C LYS C 18 55.74 47.40 32.90
N GLN C 19 56.98 46.95 33.09
CA GLN C 19 57.58 46.01 32.17
C GLN C 19 56.88 44.66 32.17
N SER C 20 56.56 44.13 33.34
CA SER C 20 55.98 42.78 33.39
C SER C 20 54.57 42.82 32.81
N ILE C 21 53.92 43.97 32.97
CA ILE C 21 52.60 44.18 32.40
C ILE C 21 52.70 44.23 30.87
N ALA C 22 53.73 44.89 30.35
CA ALA C 22 53.90 44.97 28.90
C ALA C 22 54.12 43.55 28.32
N ARG C 23 54.95 42.74 28.98
CA ARG C 23 55.09 41.34 28.59
C ARG C 23 53.73 40.62 28.58
N ASN C 24 52.89 40.88 29.57
CA ASN C 24 51.60 40.19 29.67
C ASN C 24 50.66 40.50 28.48
N PHE C 25 50.66 41.76 28.04
CA PHE C 25 49.81 42.20 26.94
C PHE C 25 50.47 42.14 25.56
N GLY C 26 51.77 41.85 25.52
CA GLY C 26 52.50 41.79 24.27
C GLY C 26 52.76 43.16 23.66
N VAL C 27 52.86 44.18 24.50
CA VAL C 27 53.10 45.56 24.04
C VAL C 27 54.50 46.01 24.46
N LYS C 28 54.89 47.21 24.03
CA LYS C 28 56.20 47.76 24.38
C LYS C 28 56.16 48.32 25.80
N GLU C 29 57.31 48.33 26.46
CA GLU C 29 57.37 48.78 27.85
C GLU C 29 56.86 50.20 28.04
N ASP C 30 57.12 51.06 27.06
CA ASP C 30 56.78 52.47 27.18
C ASP C 30 55.32 52.76 26.82
N GLU C 31 54.61 51.72 26.39
CA GLU C 31 53.19 51.81 26.06
C GLU C 31 52.27 51.49 27.26
N VAL C 32 52.87 51.27 28.43
CA VAL C 32 52.14 51.04 29.68
C VAL C 32 52.24 52.29 30.55
N ILE C 33 51.10 52.77 31.07
CA ILE C 33 51.08 53.95 31.94
C ILE C 33 50.28 53.70 33.22
N TYR C 34 50.74 54.26 34.34
CA TYR C 34 49.97 54.24 35.58
C TYR C 34 48.85 55.26 35.49
N PHE C 35 47.73 55.03 36.18
CA PHE C 35 46.73 56.09 36.30
C PHE C 35 47.25 57.22 37.18
N THR C 36 47.12 58.44 36.68
CA THR C 36 47.45 59.63 37.46
C THR C 36 46.59 60.74 36.91
N ALA C 37 45.89 61.45 37.79
CA ALA C 37 45.01 62.53 37.38
C ALA C 37 45.82 63.58 36.61
N GLY C 38 45.35 63.91 35.40
CA GLY C 38 45.99 64.92 34.60
C GLY C 38 46.88 64.45 33.44
N ILE C 39 47.50 63.28 33.59
CA ILE C 39 48.42 62.78 32.57
C ILE C 39 47.73 62.64 31.21
N ASP C 40 48.47 62.90 30.14
CA ASP C 40 47.97 62.73 28.78
C ASP C 40 47.96 61.24 28.39
N LEU C 41 46.79 60.72 28.03
CA LEU C 41 46.62 59.26 27.77
C LEU C 41 46.92 58.84 26.32
N SER C 42 47.12 59.78 25.40
CA SER C 42 47.38 59.45 24.00
C SER C 42 48.64 58.60 23.82
N GLY C 43 48.58 57.64 22.90
CA GLY C 43 49.74 56.83 22.58
C GLY C 43 49.87 55.53 23.35
N PHE C 44 49.46 55.50 24.61
CA PHE C 44 49.62 54.32 25.44
C PHE C 44 48.64 53.23 25.01
N LYS C 45 48.92 51.98 25.39
CA LYS C 45 48.11 50.82 25.00
C LYS C 45 47.47 50.17 26.22
N VAL C 46 48.10 50.35 27.36
CA VAL C 46 47.69 49.66 28.58
C VAL C 46 47.79 50.63 29.75
N ILE C 47 46.74 50.66 30.58
CA ILE C 47 46.75 51.49 31.77
C ILE C 47 46.66 50.63 33.04
N TYR C 48 47.37 51.06 34.07
CA TYR C 48 47.41 50.34 35.34
C TYR C 48 46.80 51.14 36.48
N ASP C 49 45.88 50.50 37.21
CA ASP C 49 45.29 51.09 38.42
C ASP C 49 46.07 50.64 39.65
N GLU C 50 46.82 51.56 40.25
CA GLU C 50 47.73 51.20 41.34
C GLU C 50 46.98 50.81 42.61
N SER C 51 45.76 51.29 42.78
CA SER C 51 44.97 51.04 43.98
C SER C 51 44.37 49.64 43.94
N THR C 52 43.69 49.37 42.83
CA THR C 52 43.09 48.06 42.59
C THR C 52 44.14 47.01 42.15
N GLN C 53 45.28 47.46 41.62
CA GLN C 53 46.32 46.61 41.03
C GLN C 53 45.75 45.77 39.87
N ARG C 54 45.07 46.45 38.96
CA ARG C 54 44.54 45.85 37.74
C ARG C 54 45.01 46.64 36.53
N ALA C 55 45.27 45.93 35.43
CA ALA C 55 45.62 46.54 34.14
C ALA C 55 44.54 46.31 33.11
N TYR C 56 44.42 47.26 32.20
CA TYR C 56 43.40 47.24 31.17
C TYR C 56 44.00 47.76 29.89
N SER C 57 43.66 47.14 28.76
CA SER C 57 43.97 47.74 27.48
C SER C 57 43.19 49.04 27.35
N LEU C 58 43.83 50.06 26.76
CA LEU C 58 43.16 51.33 26.49
C LEU C 58 42.55 51.25 25.10
N PRO C 59 41.46 52.00 24.87
CA PRO C 59 40.88 52.02 23.53
C PRO C 59 41.74 52.74 22.51
N PHE C 60 41.66 52.31 21.26
CA PHE C 60 42.38 52.94 20.17
C PHE C 60 41.92 54.37 19.97
N GLY C 61 42.81 55.21 19.42
CA GLY C 61 42.42 56.58 18.98
C GLY C 61 42.34 57.68 20.01
N ILE C 62 42.92 57.51 21.20
CA ILE C 62 42.89 58.62 22.20
C ILE C 62 43.85 59.70 21.69
N VAL C 63 43.31 60.79 21.13
CA VAL C 63 44.12 61.89 20.53
C VAL C 63 44.88 62.66 21.61
N SER C 64 46.04 63.24 21.23
CA SER C 64 46.86 64.05 22.16
C SER C 64 46.02 65.20 22.71
N GLY C 65 46.10 65.44 24.03
CA GLY C 65 45.30 66.49 24.68
C GLY C 65 44.33 65.89 25.67
N THR C 66 43.94 64.63 25.45
CA THR C 66 43.00 63.91 26.34
C THR C 66 43.72 63.61 27.66
N THR C 67 43.24 64.16 28.77
CA THR C 67 43.91 63.94 30.09
C THR C 67 43.00 63.13 31.03
N ALA C 68 43.62 62.21 31.77
CA ALA C 68 42.91 61.34 32.74
C ALA C 68 42.34 62.18 33.88
N ILE C 69 41.11 61.89 34.27
CA ILE C 69 40.39 62.58 35.33
C ILE C 69 40.18 61.65 36.53
N SER C 70 39.48 60.54 36.30
CA SER C 70 39.20 59.56 37.36
C SER C 70 39.19 58.12 36.85
N LEU C 71 39.38 57.19 37.77
CA LEU C 71 39.27 55.76 37.49
C LEU C 71 38.69 55.01 38.69
N ASP C 72 37.46 54.51 38.56
CA ASP C 72 36.77 53.91 39.70
C ASP C 72 36.93 52.40 39.79
N GLU C 73 36.42 51.82 40.86
CA GLU C 73 36.55 50.40 41.14
C GLU C 73 35.89 49.53 40.08
N ARG C 74 35.08 50.16 39.22
CA ARG C 74 34.42 49.47 38.14
C ARG C 74 35.19 49.64 36.83
N ALA C 75 36.37 50.25 36.92
CA ALA C 75 37.26 50.43 35.77
C ALA C 75 36.64 51.31 34.69
N ILE C 76 35.79 52.25 35.09
CA ILE C 76 35.36 53.31 34.18
C ILE C 76 36.40 54.43 34.26
N LEU C 77 36.98 54.73 33.12
CA LEU C 77 38.03 55.75 33.00
C LEU C 77 37.40 57.02 32.44
N THR C 78 37.54 58.10 33.18
CA THR C 78 37.02 59.39 32.77
C THR C 78 38.20 60.28 32.39
N HIS C 79 38.05 60.97 31.27
CA HIS C 79 39.13 61.80 30.73
C HIS C 79 38.58 63.07 30.08
N SER C 80 39.47 63.87 29.50
CA SER C 80 39.15 65.17 28.84
C SER C 80 37.96 65.09 27.89
N ALA C 81 38.04 64.17 26.92
CA ALA C 81 37.06 64.07 25.85
C ALA C 81 35.97 63.02 26.08
N GLY C 82 35.85 62.54 27.32
CA GLY C 82 34.77 61.61 27.64
C GLY C 82 35.15 60.48 28.58
N SER C 83 34.60 59.31 28.30
CA SER C 83 34.72 58.17 29.20
C SER C 83 34.73 56.84 28.44
N VAL C 84 35.22 55.80 29.10
CA VAL C 84 35.31 54.45 28.55
C VAL C 84 35.19 53.38 29.64
N ASP C 85 34.36 52.36 29.44
CA ASP C 85 34.30 51.20 30.32
C ASP C 85 35.44 50.27 29.92
N LEU C 86 36.53 50.30 30.68
CA LEU C 86 37.69 49.47 30.35
C LEU C 86 37.41 48.00 30.66
N GLY C 87 36.44 47.75 31.53
CA GLY C 87 35.94 46.39 31.77
C GLY C 87 35.23 45.85 30.53
N GLU C 88 34.37 46.69 29.95
CA GLU C 88 33.67 46.36 28.72
C GLU C 88 34.64 46.11 27.57
N LEU C 89 35.63 46.98 27.45
CA LEU C 89 36.64 46.84 26.41
C LEU C 89 37.38 45.52 26.57
N ALA C 90 37.75 45.21 27.81
CA ALA C 90 38.47 43.99 28.13
C ALA C 90 37.66 42.75 27.71
N VAL C 91 36.35 42.75 27.99
CA VAL C 91 35.46 41.65 27.57
C VAL C 91 35.52 41.46 26.06
N SER C 92 35.42 42.58 25.34
CA SER C 92 35.49 42.57 23.89
C SER C 92 36.78 41.93 23.38
N ARG C 93 37.86 42.09 24.14
CA ARG C 93 39.18 41.58 23.74
C ARG C 93 39.50 40.24 24.41
N GLU C 94 38.51 39.68 25.10
CA GLU C 94 38.67 38.45 25.86
C GLU C 94 39.87 38.52 26.81
N GLU C 95 39.98 39.66 27.48
CA GLU C 95 41.01 39.87 28.50
C GLU C 95 40.38 39.88 29.88
N TYR C 96 40.54 38.77 30.61
CA TYR C 96 39.79 38.53 31.83
C TYR C 96 40.65 38.29 33.06
N VAL C 97 40.05 38.53 34.22
CA VAL C 97 40.57 38.13 35.52
C VAL C 97 39.67 37.09 36.14
N THR C 98 40.24 35.98 36.59
CA THR C 98 39.49 34.96 37.29
C THR C 98 39.62 35.16 38.80
N LEU C 99 38.54 35.59 39.44
CA LEU C 99 38.65 35.86 40.89
C LEU C 99 38.95 34.59 41.68
N PRO C 100 39.52 34.75 42.89
CA PRO C 100 39.97 33.60 43.68
C PRO C 100 38.85 32.70 44.22
N GLY C 101 37.66 33.23 44.37
CA GLY C 101 36.60 32.47 45.01
C GLY C 101 35.93 31.40 44.15
N SER C 102 34.66 31.19 44.46
CA SER C 102 33.73 30.47 43.60
C SER C 102 32.37 30.97 44.03
N PHE C 103 31.33 30.64 43.27
CA PHE C 103 29.97 31.00 43.66
C PHE C 103 29.66 30.47 45.06
N ASN C 104 30.27 29.34 45.41
CA ASN C 104 30.01 28.66 46.68
C ASN C 104 30.55 29.37 47.91
N PHE C 105 31.69 30.03 47.77
CA PHE C 105 32.17 30.79 48.93
C PHE C 105 31.68 32.24 48.87
N GLY C 106 31.21 32.67 47.71
CA GLY C 106 30.67 34.02 47.57
C GLY C 106 31.75 35.02 47.21
N HIS C 107 31.34 36.10 46.56
CA HIS C 107 32.27 37.13 46.14
C HIS C 107 31.51 38.36 45.69
N THR C 108 32.22 39.49 45.62
CA THR C 108 31.68 40.68 44.95
C THR C 108 32.39 40.88 43.62
N ILE C 109 31.61 41.23 42.60
CA ILE C 109 32.12 41.45 41.24
C ILE C 109 32.00 42.94 40.96
N ASN C 110 33.12 43.57 40.62
CA ASN C 110 33.14 45.01 40.42
C ASN C 110 33.28 45.48 38.99
N VAL C 111 33.84 44.64 38.12
CA VAL C 111 34.13 45.06 36.76
C VAL C 111 33.76 43.95 35.80
N LYS C 112 33.41 44.36 34.58
CA LYS C 112 32.87 43.48 33.58
C LYS C 112 33.78 42.30 33.15
N ASN C 113 35.08 42.36 33.42
CA ASN C 113 35.99 41.33 32.94
C ASN C 113 36.44 40.42 34.08
N GLU C 114 35.73 40.49 35.21
CA GLU C 114 35.99 39.59 36.32
C GLU C 114 35.14 38.36 36.14
N LEU C 115 35.72 37.19 36.42
CA LEU C 115 35.04 35.92 36.23
C LEU C 115 34.93 35.22 37.57
N LEU C 116 33.79 34.57 37.81
CA LEU C 116 33.62 33.76 39.01
C LEU C 116 33.34 32.30 38.63
N VAL C 117 34.03 31.38 39.31
CA VAL C 117 33.93 29.97 39.01
C VAL C 117 32.70 29.34 39.66
N HIS C 118 31.92 28.61 38.87
CA HIS C 118 30.88 27.71 39.37
C HIS C 118 31.09 26.35 38.74
N ASP C 119 31.42 25.36 39.56
CA ASP C 119 31.54 23.96 39.12
C ASP C 119 32.55 23.84 37.98
N ASP C 120 33.74 24.39 38.18
CA ASP C 120 34.84 24.31 37.22
C ASP C 120 34.56 25.05 35.91
N LYS C 121 33.59 25.96 35.92
CA LYS C 121 33.26 26.75 34.75
C LYS C 121 33.19 28.23 35.11
N LYS C 122 33.41 29.11 34.13
CA LYS C 122 33.50 30.55 34.39
C LYS C 122 32.31 31.33 33.87
N TYR C 123 31.92 32.37 34.62
CA TYR C 123 30.85 33.26 34.23
C TYR C 123 31.27 34.69 34.51
N ARG C 124 30.81 35.60 33.66
CA ARG C 124 30.91 37.02 33.93
C ARG C 124 29.52 37.57 34.18
N TRP C 125 29.45 38.73 34.81
CA TRP C 125 28.18 39.39 35.10
C TRP C 125 27.90 40.49 34.08
N ASP C 126 26.79 40.33 33.36
CA ASP C 126 26.37 41.29 32.33
C ASP C 126 25.32 42.29 32.87
N GLY C 127 25.12 42.30 34.20
CA GLY C 127 24.17 43.20 34.82
C GLY C 127 24.80 44.46 35.36
N SER C 128 24.10 45.19 36.22
CA SER C 128 24.65 46.39 36.82
C SER C 128 25.62 46.03 37.94
N LEU C 129 26.63 46.88 38.12
CA LEU C 129 27.71 46.61 39.06
C LEU C 129 27.79 47.71 40.12
N PRO C 130 28.32 47.38 41.30
CA PRO C 130 28.84 46.07 41.72
C PRO C 130 27.77 44.99 41.86
N LYS C 131 28.21 43.74 41.84
CA LYS C 131 27.41 42.53 41.90
C LYS C 131 27.81 41.70 43.12
N VAL C 132 27.05 41.69 44.21
CA VAL C 132 27.41 40.88 45.37
C VAL C 132 26.84 39.47 45.24
N VAL C 133 27.63 38.49 45.66
CA VAL C 133 27.25 37.09 45.52
C VAL C 133 27.50 36.37 46.84
N ALA C 134 26.43 36.00 47.52
CA ALA C 134 26.54 35.32 48.81
C ALA C 134 26.98 33.88 48.62
N ALA C 135 27.69 33.36 49.63
CA ALA C 135 28.09 31.94 49.63
C ALA C 135 26.91 31.05 49.29
N GLY C 136 27.19 29.94 48.62
CA GLY C 136 26.15 29.01 48.21
C GLY C 136 25.21 29.53 47.14
N SER C 137 25.65 30.53 46.36
CA SER C 137 24.88 30.97 45.19
C SER C 137 25.20 30.13 43.96
N THR C 138 24.43 30.36 42.90
CA THR C 138 24.69 29.78 41.60
C THR C 138 24.27 30.82 40.56
N PRO C 139 24.72 30.65 39.31
CA PRO C 139 24.27 31.60 38.29
C PRO C 139 22.74 31.68 38.17
N ASP C 140 22.06 30.58 38.41
CA ASP C 140 20.60 30.57 38.28
C ASP C 140 19.90 31.19 39.49
N SER C 141 20.49 31.03 40.67
CA SER C 141 19.89 31.57 41.89
C SER C 141 20.14 33.07 42.03
N SER C 142 21.14 33.58 41.32
CA SER C 142 21.54 34.99 41.45
C SER C 142 21.33 35.79 40.18
N GLY C 143 20.31 35.43 39.41
CA GLY C 143 19.84 36.28 38.33
C GLY C 143 19.70 35.54 37.02
N GLY C 144 20.12 34.27 37.01
CA GLY C 144 19.99 33.46 35.81
C GLY C 144 21.09 33.70 34.80
N VAL C 145 20.95 33.06 33.64
CA VAL C 145 21.96 33.11 32.59
C VAL C 145 21.35 33.66 31.31
N GLY C 146 21.97 34.70 30.77
CA GLY C 146 21.52 35.31 29.53
C GLY C 146 21.89 36.79 29.51
N LEU C 147 21.54 37.45 28.41
CA LEU C 147 21.74 38.90 28.20
C LEU C 147 21.30 39.66 29.44
N GLY C 148 22.16 40.45 30.08
CA GLY C 148 21.80 41.27 31.24
C GLY C 148 22.03 40.55 32.55
N ALA C 149 22.42 39.29 32.46
CA ALA C 149 22.69 38.52 33.68
C ALA C 149 24.02 37.79 33.51
N TRP C 150 24.13 36.57 34.03
CA TRP C 150 25.39 35.79 33.91
C TRP C 150 25.58 35.22 32.51
N LEU C 151 26.78 35.38 31.96
CA LEU C 151 27.13 34.78 30.67
C LEU C 151 28.36 33.90 30.85
N SER C 152 28.33 32.67 30.34
CA SER C 152 29.46 31.79 30.57
C SER C 152 30.57 32.21 29.64
N VAL C 153 31.79 31.93 30.07
CA VAL C 153 33.01 32.33 29.36
C VAL C 153 34.01 31.19 29.36
N GLY C 154 34.57 30.91 28.18
CA GLY C 154 35.71 30.02 28.09
C GLY C 154 35.44 28.56 27.80
N ASP C 155 36.53 27.79 27.84
CA ASP C 155 36.60 26.43 27.34
C ASP C 155 35.74 25.44 28.13
N ALA C 156 35.94 25.38 29.44
CA ALA C 156 35.23 24.40 30.26
C ALA C 156 33.73 24.62 30.15
N ALA C 157 33.31 25.88 30.22
CA ALA C 157 31.91 26.21 30.05
C ALA C 157 31.34 25.79 28.69
N LEU C 158 32.01 26.18 27.61
CA LEU C 158 31.49 25.84 26.30
C LEU C 158 31.43 24.32 26.10
N ARG C 159 32.45 23.60 26.54
CA ARG C 159 32.44 22.14 26.44
C ARG C 159 31.26 21.54 27.22
N ALA C 160 30.97 22.06 28.41
CA ALA C 160 29.91 21.50 29.24
C ALA C 160 28.54 21.82 28.65
N GLU C 161 28.42 23.00 28.04
CA GLU C 161 27.16 23.42 27.47
C GLU C 161 26.86 22.64 26.20
N LEU C 162 27.89 22.41 25.39
CA LEU C 162 27.72 21.61 24.18
C LEU C 162 27.37 20.17 24.53
N ASN C 163 28.04 19.63 25.54
CA ASN C 163 27.73 18.28 25.97
C ASN C 163 26.30 18.17 26.48
N THR C 164 25.88 19.16 27.24
CA THR C 164 24.52 19.15 27.79
C THR C 164 23.48 19.23 26.66
N LYS C 165 23.66 20.21 25.79
CA LYS C 165 22.77 20.47 24.67
C LYS C 165 22.57 19.25 23.76
N VAL C 166 23.69 18.63 23.42
CA VAL C 166 23.67 17.50 22.54
C VAL C 166 23.00 16.31 23.22
N SER C 167 23.16 16.20 24.53
CA SER C 167 22.73 15.00 25.22
C SER C 167 21.30 15.11 25.81
N ASP C 168 20.74 16.31 25.89
CA ASP C 168 19.47 16.46 26.62
C ASP C 168 18.22 16.50 25.74
N GLY C 169 18.37 16.36 24.43
CA GLY C 169 17.22 16.33 23.54
C GLY C 169 16.83 17.65 22.91
N THR C 170 17.46 18.75 23.35
CA THR C 170 17.07 20.06 22.84
C THR C 170 17.74 20.43 21.53
N PHE C 171 18.75 19.67 21.14
CA PHE C 171 19.55 20.08 20.00
C PHE C 171 18.83 20.02 18.65
N PRO C 172 18.07 18.94 18.37
CA PRO C 172 17.40 18.88 17.05
C PRO C 172 16.49 20.08 16.75
N ALA C 173 15.83 20.60 17.77
CA ALA C 173 14.95 21.74 17.59
C ALA C 173 15.72 23.03 17.30
N THR C 174 17.02 23.06 17.53
CA THR C 174 17.80 24.29 17.29
C THR C 174 18.42 24.29 15.90
N ILE C 175 18.43 23.13 15.24
CA ILE C 175 19.06 23.03 13.93
C ILE C 175 18.05 23.38 12.86
N LYS C 176 18.28 24.49 12.16
CA LYS C 176 17.42 24.91 11.08
C LYS C 176 17.62 24.01 9.84
N TYR C 177 16.52 23.66 9.18
CA TYR C 177 16.52 22.74 8.06
C TYR C 177 15.62 23.26 6.97
N LYS C 178 16.09 23.17 5.73
CA LYS C 178 15.26 23.41 4.56
C LYS C 178 15.53 22.35 3.49
N TYR C 179 14.43 21.73 3.04
CA TYR C 179 14.48 20.71 2.01
C TYR C 179 15.32 21.17 0.82
N GLY C 180 16.29 20.36 0.45
CA GLY C 180 17.00 20.56 -0.81
C GLY C 180 18.28 21.35 -0.76
N LEU C 181 18.55 22.01 0.35
CA LEU C 181 19.75 22.82 0.47
C LEU C 181 20.98 21.93 0.27
N PRO C 182 22.08 22.50 -0.27
CA PRO C 182 22.30 23.93 -0.56
C PRO C 182 21.62 24.46 -1.82
N SER C 183 20.97 23.61 -2.63
CA SER C 183 20.18 24.11 -3.76
C SER C 183 19.06 24.98 -3.19
N VAL C 184 18.73 26.06 -3.88
CA VAL C 184 17.63 26.88 -3.41
C VAL C 184 16.41 26.51 -4.22
N ILE C 185 15.49 25.88 -3.51
CA ILE C 185 14.27 25.39 -4.13
C ILE C 185 13.13 26.35 -3.84
N ASP C 186 12.56 26.88 -4.90
CA ASP C 186 11.48 27.84 -4.75
C ASP C 186 10.31 27.21 -3.98
N GLY C 187 9.87 27.90 -2.93
CA GLY C 187 8.74 27.45 -2.14
C GLY C 187 9.11 26.60 -0.93
N ALA C 188 10.33 26.07 -0.89
CA ALA C 188 10.76 25.28 0.26
C ALA C 188 10.89 26.21 1.47
N ILE C 189 10.43 25.79 2.64
CA ILE C 189 10.45 26.66 3.82
C ILE C 189 11.43 26.13 4.86
N TYR C 190 11.86 27.00 5.78
CA TYR C 190 12.70 26.57 6.89
C TYR C 190 11.84 25.88 7.94
N ARG C 191 12.32 24.74 8.39
CA ARG C 191 11.75 24.03 9.52
C ARG C 191 12.94 23.75 10.47
N THR C 192 12.77 22.84 11.42
CA THR C 192 13.88 22.36 12.23
C THR C 192 14.10 20.88 11.96
N VAL C 193 15.26 20.36 12.35
CA VAL C 193 15.51 18.93 12.21
C VAL C 193 14.51 18.15 13.08
N GLN C 194 14.22 18.67 14.27
CA GLN C 194 13.20 18.09 15.14
C GLN C 194 11.88 17.91 14.40
N ASP C 195 11.42 18.98 13.73
CA ASP C 195 10.14 18.93 13.01
C ASP C 195 10.15 17.85 11.95
N LYS C 196 11.21 17.84 11.17
CA LYS C 196 11.31 16.95 10.04
C LYS C 196 11.38 15.50 10.51
N LEU C 197 12.11 15.25 11.58
CA LEU C 197 12.17 13.92 12.16
C LEU C 197 10.82 13.46 12.71
N ASP C 198 10.06 14.39 13.27
CA ASP C 198 8.72 14.09 13.81
C ASP C 198 7.66 13.88 12.73
N ASP C 199 8.03 14.00 11.45
CA ASP C 199 7.08 13.74 10.38
C ASP C 199 6.61 12.27 10.40
N PHE C 200 7.42 11.39 11.01
CA PHE C 200 7.14 9.95 11.09
C PHE C 200 7.14 9.49 12.53
N VAL C 201 6.27 8.53 12.83
CA VAL C 201 6.22 7.94 14.14
C VAL C 201 6.41 6.43 14.05
N PHE C 202 7.41 5.92 14.76
CA PHE C 202 7.60 4.48 14.90
C PHE C 202 7.21 4.10 16.32
N LEU C 203 6.72 2.87 16.50
CA LEU C 203 6.41 2.41 17.84
C LEU C 203 7.61 2.55 18.77
N GLU C 204 8.80 2.41 18.21
CA GLU C 204 10.05 2.59 18.92
C GLU C 204 10.18 3.96 19.60
N ASP C 205 9.56 4.98 19.03
CA ASP C 205 9.56 6.34 19.58
C ASP C 205 8.83 6.42 20.93
N PHE C 206 7.98 5.45 21.20
CA PHE C 206 7.21 5.37 22.44
C PHE C 206 7.57 4.12 23.23
N GLY C 207 8.79 3.63 23.01
CA GLY C 207 9.33 2.57 23.83
C GLY C 207 9.12 1.18 23.30
N GLY C 208 8.54 1.06 22.11
CA GLY C 208 8.29 -0.25 21.55
C GLY C 208 9.58 -0.99 21.26
N LYS C 209 9.56 -2.31 21.46
CA LYS C 209 10.73 -3.13 21.13
C LYS C 209 10.33 -4.58 20.81
N ASP C 210 10.89 -5.13 19.74
CA ASP C 210 10.57 -6.48 19.32
C ASP C 210 11.46 -7.46 20.06
N ASP C 211 11.35 -7.45 21.38
CA ASP C 211 12.24 -8.27 22.23
C ASP C 211 11.51 -9.46 22.86
N ALA C 212 10.45 -9.93 22.19
CA ALA C 212 9.84 -11.22 22.48
C ALA C 212 9.38 -11.34 23.93
N GLY C 213 8.78 -10.27 24.45
CA GLY C 213 8.09 -10.35 25.72
C GLY C 213 8.73 -9.60 26.86
N SER C 214 9.97 -9.10 26.71
CA SER C 214 10.55 -8.27 27.77
C SER C 214 9.81 -6.95 27.90
N THR C 215 9.46 -6.38 26.76
CA THR C 215 8.76 -5.10 26.70
C THR C 215 7.27 -5.32 26.45
N ASP C 216 6.43 -4.57 27.16
CA ASP C 216 4.98 -4.66 26.96
C ASP C 216 4.61 -3.63 25.92
N ASN C 217 4.51 -4.05 24.67
CA ASN C 217 4.26 -3.12 23.59
C ASN C 217 2.85 -2.57 23.57
N SER C 218 1.96 -3.20 24.31
CA SER C 218 0.59 -2.69 24.46
C SER C 218 0.58 -1.24 24.98
N ILE C 219 1.46 -0.96 25.95
CA ILE C 219 1.60 0.38 26.52
C ILE C 219 2.18 1.38 25.52
N ALA C 220 3.13 0.94 24.70
CA ALA C 220 3.71 1.80 23.68
C ALA C 220 2.63 2.27 22.69
N PHE C 221 1.77 1.36 22.26
CA PHE C 221 0.62 1.72 21.41
C PHE C 221 -0.30 2.73 22.10
N ARG C 222 -0.69 2.43 23.33
CA ARG C 222 -1.55 3.34 24.13
C ARG C 222 -0.97 4.76 24.19
N LYS C 223 0.33 4.89 24.48
CA LYS C 223 0.97 6.20 24.58
C LYS C 223 1.11 6.90 23.25
N ALA C 224 1.42 6.13 22.21
CA ALA C 224 1.56 6.70 20.88
C ALA C 224 0.22 7.32 20.44
N PHE C 225 -0.87 6.56 20.60
CA PHE C 225 -2.19 7.05 20.21
C PHE C 225 -2.63 8.28 21.01
N ALA C 226 -2.39 8.26 22.32
CA ALA C 226 -2.73 9.39 23.16
C ALA C 226 -2.02 10.67 22.75
N SER C 227 -0.89 10.54 22.06
CA SER C 227 -0.15 11.71 21.62
C SER C 227 -0.83 12.39 20.44
N GLY C 228 -1.76 11.69 19.80
CA GLY C 228 -2.40 12.16 18.58
C GLY C 228 -1.83 11.49 17.33
N ALA C 229 -0.83 10.64 17.52
CA ALA C 229 -0.31 9.87 16.39
C ALA C 229 -1.37 8.87 15.87
N ARG C 230 -1.40 8.69 14.56
CA ARG C 230 -2.38 7.80 13.95
C ARG C 230 -1.74 6.72 13.08
N LYS C 231 -0.70 7.10 12.35
CA LYS C 231 0.02 6.21 11.46
C LYS C 231 1.31 5.81 12.15
N ILE C 232 1.40 4.54 12.52
CA ILE C 232 2.45 4.04 13.42
C ILE C 232 3.17 2.90 12.72
N ARG C 233 4.49 3.01 12.62
CA ARG C 233 5.29 2.02 11.91
C ARG C 233 6.10 1.17 12.89
N LEU C 234 6.32 -0.08 12.52
CA LEU C 234 7.15 -0.99 13.31
C LEU C 234 8.50 -1.18 12.61
N ARG C 235 9.58 -0.89 13.31
CA ARG C 235 10.92 -0.97 12.70
C ARG C 235 11.49 -2.38 12.64
N GLY C 236 11.14 -3.21 13.62
CA GLY C 236 11.81 -4.50 13.77
C GLY C 236 11.29 -5.62 12.89
N SER C 237 11.98 -6.76 12.95
CA SER C 237 11.63 -7.98 12.25
C SER C 237 11.26 -9.11 13.18
N GLY C 238 11.32 -8.85 14.49
CA GLY C 238 11.03 -9.84 15.52
C GLY C 238 9.63 -9.77 16.13
N VAL C 239 9.52 -10.30 17.35
CA VAL C 239 8.25 -10.39 18.06
C VAL C 239 8.08 -9.22 19.05
N TYR C 240 7.05 -8.42 18.80
CA TYR C 240 6.60 -7.42 19.75
C TYR C 240 5.54 -8.05 20.66
N GLY C 241 5.94 -8.38 21.88
CA GLY C 241 5.03 -8.95 22.85
C GLY C 241 3.98 -7.95 23.31
N MET C 242 2.74 -8.42 23.48
CA MET C 242 1.59 -7.59 23.90
C MET C 242 1.04 -8.19 25.19
N ALA C 243 1.03 -7.45 26.29
CA ALA C 243 0.68 -8.02 27.58
C ALA C 243 -0.42 -7.29 28.34
N THR C 244 -0.89 -6.15 27.83
CA THR C 244 -2.00 -5.41 28.47
C THR C 244 -3.22 -5.37 27.58
N ARG C 245 -4.32 -5.89 28.07
CA ARG C 245 -5.47 -6.12 27.23
C ARG C 245 -6.22 -4.83 26.92
N ASP C 246 -6.99 -4.85 25.82
CA ASP C 246 -8.07 -3.87 25.56
C ASP C 246 -7.50 -2.46 25.32
N ILE C 247 -6.48 -2.36 24.50
CA ILE C 247 -5.94 -1.05 24.17
C ILE C 247 -6.94 -0.42 23.17
N GLU C 248 -7.55 0.71 23.51
CA GLU C 248 -8.54 1.33 22.62
C GLU C 248 -7.84 2.08 21.47
N LEU C 249 -8.19 1.69 20.26
CA LEU C 249 -7.65 2.30 19.05
C LEU C 249 -8.31 3.66 18.84
N PRO C 250 -7.55 4.63 18.31
CA PRO C 250 -8.20 5.90 17.95
C PRO C 250 -8.95 5.73 16.66
N ALA C 251 -9.83 6.67 16.28
CA ALA C 251 -10.40 6.66 14.93
C ALA C 251 -9.27 6.77 13.89
N LYS C 252 -9.39 6.04 12.77
CA LYS C 252 -8.48 6.17 11.63
C LYS C 252 -6.98 6.00 11.95
N TYR C 253 -6.69 4.92 12.64
CA TYR C 253 -5.33 4.43 12.86
C TYR C 253 -4.78 3.82 11.57
N GLU C 254 -3.45 3.71 11.49
CA GLU C 254 -2.83 2.88 10.47
C GLU C 254 -1.59 2.30 11.13
N ILE C 255 -1.55 0.97 11.26
CA ILE C 255 -0.43 0.29 11.91
C ILE C 255 0.25 -0.52 10.80
N ILE C 256 1.54 -0.27 10.61
CA ILE C 256 2.27 -0.69 9.42
C ILE C 256 3.46 -1.52 9.87
N GLY C 257 3.54 -2.77 9.44
CA GLY C 257 4.64 -3.61 9.83
C GLY C 257 5.79 -3.45 8.84
N ASN C 258 6.90 -4.05 9.20
CA ASN C 258 8.11 -4.03 8.40
C ASN C 258 8.04 -5.18 7.40
N ALA C 259 7.25 -5.00 6.34
CA ALA C 259 7.22 -5.96 5.21
C ALA C 259 6.82 -7.38 5.63
N LYS C 260 5.87 -7.44 6.55
CA LYS C 260 5.30 -8.70 7.00
C LYS C 260 6.28 -9.53 7.84
N ASN C 261 7.38 -8.93 8.28
CA ASN C 261 8.33 -9.64 9.12
C ASN C 261 8.00 -9.70 10.62
N PRO C 262 7.72 -8.55 11.24
CA PRO C 262 7.45 -8.59 12.68
C PRO C 262 6.08 -9.14 13.07
N GLU C 263 5.99 -9.57 14.33
CA GLU C 263 4.74 -10.02 14.92
C GLU C 263 4.34 -9.11 16.04
N ILE C 264 3.04 -8.82 16.13
CA ILE C 264 2.41 -8.33 17.34
C ILE C 264 1.78 -9.57 17.95
N LYS C 265 2.31 -10.00 19.09
CA LYS C 265 2.01 -11.32 19.59
C LYS C 265 1.66 -11.36 21.05
N TYR C 266 0.60 -12.09 21.37
CA TYR C 266 0.25 -12.42 22.77
C TYR C 266 0.95 -13.71 23.14
N LEU C 267 1.72 -13.65 24.22
CA LEU C 267 2.56 -14.78 24.68
C LEU C 267 2.06 -15.41 25.97
N GLY C 268 0.93 -14.93 26.48
CA GLY C 268 0.35 -15.49 27.69
C GLY C 268 -0.53 -16.70 27.50
N THR C 269 -1.28 -17.06 28.56
CA THR C 269 -2.10 -18.26 28.57
C THR C 269 -3.61 -18.00 28.69
N ASP C 270 -4.02 -16.73 28.76
CA ASP C 270 -5.44 -16.38 28.95
C ASP C 270 -6.14 -16.29 27.61
N THR C 271 -6.99 -17.27 27.30
CA THR C 271 -7.67 -17.31 26.02
C THR C 271 -8.70 -16.18 25.91
N SER C 272 -9.00 -15.50 27.02
CA SER C 272 -9.89 -14.33 26.95
C SER C 272 -9.11 -13.00 26.68
N PHE C 273 -7.78 -13.03 26.52
CA PHE C 273 -7.02 -11.82 26.18
C PHE C 273 -7.46 -11.21 24.83
N THR C 274 -7.47 -9.89 24.80
CA THR C 274 -7.76 -9.13 23.59
C THR C 274 -6.75 -8.01 23.50
N MET C 275 -6.13 -7.83 22.33
CA MET C 275 -5.08 -6.84 22.15
C MET C 275 -5.64 -5.44 22.06
N PHE C 276 -6.66 -5.29 21.21
CA PHE C 276 -7.20 -4.00 20.84
C PHE C 276 -8.73 -3.97 20.86
N THR C 277 -9.26 -2.81 21.23
CA THR C 277 -10.70 -2.53 21.05
C THR C 277 -10.91 -1.31 20.14
N LEU C 278 -12.06 -1.28 19.47
CA LEU C 278 -12.48 -0.14 18.68
C LEU C 278 -13.96 -0.02 18.99
N THR C 279 -14.33 1.11 19.56
CA THR C 279 -15.64 1.26 20.22
C THR C 279 -16.29 2.59 19.90
N GLY C 280 -17.43 2.55 19.21
CA GLY C 280 -18.23 3.73 18.86
C GLY C 280 -19.03 4.15 20.07
N SER C 281 -19.72 5.28 19.98
CA SER C 281 -20.42 5.85 21.14
C SER C 281 -21.90 5.44 21.23
N GLY C 282 -22.36 4.65 20.26
CA GLY C 282 -23.72 4.19 20.29
C GLY C 282 -24.08 3.56 18.96
N PRO C 283 -25.34 3.19 18.80
CA PRO C 283 -25.66 2.30 17.68
C PRO C 283 -25.97 2.97 16.32
N ALA C 284 -26.13 4.29 16.29
CA ALA C 284 -26.55 5.01 15.06
C ALA C 284 -25.37 5.32 14.16
N SER C 285 -25.63 5.57 12.87
CA SER C 285 -24.54 5.73 11.90
C SER C 285 -23.58 6.86 12.23
N ASN C 286 -24.06 7.94 12.86
CA ASN C 286 -23.14 9.04 13.14
C ASN C 286 -22.42 8.80 14.47
N GLN C 287 -22.69 7.66 15.11
CA GLN C 287 -21.95 7.25 16.32
C GLN C 287 -20.95 6.12 16.09
N TRP C 288 -20.98 5.47 14.95
CA TRP C 288 -20.01 4.39 14.67
C TRP C 288 -18.61 4.96 14.56
N LYS C 289 -17.65 4.34 15.24
CA LYS C 289 -16.29 4.83 15.16
C LYS C 289 -15.66 4.43 13.81
N GLN C 290 -15.01 5.39 13.18
CA GLN C 290 -14.29 5.17 11.94
C GLN C 290 -13.03 4.36 12.19
N GLY C 291 -12.94 3.20 11.55
CA GLY C 291 -11.76 2.38 11.72
C GLY C 291 -10.60 2.81 10.86
N GLY C 292 -9.67 1.89 10.72
CA GLY C 292 -8.40 2.23 10.12
C GLY C 292 -7.83 0.97 9.50
N MET C 293 -6.51 0.94 9.40
N MET C 293 -6.52 0.93 9.34
CA MET C 293 -5.80 -0.05 8.63
CA MET C 293 -5.88 -0.13 8.56
C MET C 293 -4.76 -0.74 9.51
C MET C 293 -4.68 -0.75 9.30
N PHE C 294 -4.70 -2.08 9.44
CA PHE C 294 -3.54 -2.85 9.87
C PHE C 294 -2.95 -3.41 8.57
N ARG C 295 -1.66 -3.26 8.34
CA ARG C 295 -1.06 -3.86 7.17
C ARG C 295 0.36 -4.32 7.37
N ASP C 296 0.69 -5.29 6.50
CA ASP C 296 2.07 -5.78 6.34
C ASP C 296 2.64 -6.30 7.66
N LEU C 297 1.86 -7.09 8.37
CA LEU C 297 2.40 -7.63 9.61
C LEU C 297 1.71 -8.92 10.04
N ILE C 298 2.27 -9.51 11.07
CA ILE C 298 1.72 -10.74 11.67
C ILE C 298 1.06 -10.38 13.01
N ILE C 299 -0.16 -10.85 13.16
CA ILE C 299 -0.90 -10.79 14.43
C ILE C 299 -1.04 -12.22 14.90
N SER C 300 -0.45 -12.53 16.05
CA SER C 300 -0.34 -13.90 16.50
C SER C 300 -0.54 -14.07 17.97
N SER C 301 -0.77 -15.33 18.35
CA SER C 301 -0.94 -15.75 19.72
C SER C 301 -0.62 -17.22 19.81
N ASP C 302 -0.06 -17.65 20.94
CA ASP C 302 0.17 -19.08 21.09
C ASP C 302 -1.09 -19.82 21.48
N VAL C 303 -1.98 -19.19 22.26
CA VAL C 303 -3.29 -19.74 22.52
C VAL C 303 -4.31 -19.00 21.65
N LYS C 304 -5.50 -19.57 21.50
CA LYS C 304 -6.51 -18.93 20.66
C LYS C 304 -7.12 -17.74 21.38
N ILE C 305 -7.12 -16.58 20.74
CA ILE C 305 -7.70 -15.37 21.32
C ILE C 305 -8.55 -14.65 20.28
N ASN C 306 -9.45 -13.82 20.78
CA ASN C 306 -10.08 -12.76 20.00
C ASN C 306 -9.18 -11.51 20.08
N TRP C 307 -8.36 -11.29 19.06
CA TRP C 307 -7.29 -10.32 19.19
C TRP C 307 -7.82 -8.89 19.14
N MET C 308 -8.96 -8.69 18.46
CA MET C 308 -9.57 -7.36 18.32
C MET C 308 -11.07 -7.51 18.48
N LEU C 309 -11.66 -6.62 19.27
CA LEU C 309 -13.09 -6.54 19.48
C LEU C 309 -13.57 -5.13 19.06
N GLY C 310 -14.40 -5.08 18.03
CA GLY C 310 -15.00 -3.85 17.54
C GLY C 310 -16.51 -3.81 17.82
N ARG C 311 -16.98 -2.70 18.36
CA ARG C 311 -18.38 -2.53 18.73
C ARG C 311 -18.80 -1.15 18.23
N HIS C 312 -19.81 -1.12 17.37
CA HIS C 312 -20.32 0.12 16.78
C HIS C 312 -19.23 0.78 15.94
N VAL C 313 -18.88 0.16 14.81
CA VAL C 313 -17.74 0.59 14.03
C VAL C 313 -18.04 0.55 12.55
N GLN C 314 -17.22 1.25 11.78
CA GLN C 314 -17.41 1.38 10.34
C GLN C 314 -16.06 1.58 9.67
N ASN C 315 -15.91 1.04 8.44
CA ASN C 315 -14.75 1.30 7.58
C ASN C 315 -13.41 0.83 8.17
N LEU C 316 -13.30 -0.48 8.37
CA LEU C 316 -12.09 -1.13 8.86
C LEU C 316 -11.41 -1.84 7.68
N ASP C 317 -10.06 -1.79 7.64
CA ASP C 317 -9.27 -2.50 6.63
C ASP C 317 -8.15 -3.31 7.25
N TYR C 318 -7.95 -4.52 6.72
CA TYR C 318 -6.79 -5.36 7.03
C TYR C 318 -6.17 -5.77 5.69
N ASP C 319 -4.92 -5.40 5.42
CA ASP C 319 -4.32 -5.67 4.13
C ASP C 319 -2.95 -6.31 4.32
N ARG C 320 -2.72 -7.48 3.69
CA ARG C 320 -1.44 -8.20 3.85
C ARG C 320 -1.12 -8.45 5.32
N VAL C 321 -2.15 -8.84 6.06
CA VAL C 321 -1.96 -9.28 7.44
C VAL C 321 -1.97 -10.81 7.48
N PHE C 322 -1.05 -11.37 8.24
CA PHE C 322 -1.00 -12.78 8.54
C PHE C 322 -1.54 -12.94 9.95
N PHE C 323 -2.71 -13.55 10.10
CA PHE C 323 -3.28 -13.86 11.42
C PHE C 323 -2.99 -15.30 11.86
N TYR C 324 -2.58 -15.50 13.11
CA TYR C 324 -2.32 -16.83 13.64
C TYR C 324 -3.02 -16.98 15.00
N ASN C 325 -4.00 -17.87 15.10
CA ASN C 325 -4.77 -18.08 16.34
C ASN C 325 -5.44 -16.82 16.85
N SER C 326 -5.82 -15.93 15.92
CA SER C 326 -6.27 -14.57 16.29
C SER C 326 -7.57 -14.21 15.55
N ALA C 327 -8.67 -14.37 16.26
CA ALA C 327 -10.01 -14.13 15.73
C ALA C 327 -10.41 -12.66 15.87
N THR C 328 -11.11 -12.16 14.85
CA THR C 328 -11.57 -10.78 14.79
C THR C 328 -13.08 -10.81 15.09
N VAL C 329 -13.48 -10.10 16.14
CA VAL C 329 -14.86 -10.14 16.61
C VAL C 329 -15.46 -8.74 16.50
N LEU C 330 -16.52 -8.60 15.70
CA LEU C 330 -17.17 -7.31 15.46
C LEU C 330 -18.69 -7.44 15.71
N ASN C 331 -19.24 -6.43 16.35
CA ASN C 331 -20.64 -6.41 16.74
C ASN C 331 -21.16 -5.00 16.45
N ASN C 332 -22.14 -4.95 15.56
CA ASN C 332 -22.63 -3.69 14.93
C ASN C 332 -21.55 -2.98 14.16
N TYR C 333 -21.23 -3.57 13.01
CA TYR C 333 -20.14 -3.17 12.16
C TYR C 333 -20.65 -2.93 10.76
N HIS C 334 -20.00 -2.02 10.07
CA HIS C 334 -20.46 -1.55 8.78
C HIS C 334 -19.26 -1.27 7.86
N TYR C 335 -19.07 -2.17 6.89
CA TYR C 335 -17.99 -2.07 5.85
C TYR C 335 -16.61 -2.36 6.45
N VAL C 336 -16.20 -3.60 6.24
CA VAL C 336 -14.93 -4.11 6.71
C VAL C 336 -14.30 -4.92 5.61
N ASN C 337 -13.06 -4.59 5.24
CA ASN C 337 -12.37 -5.28 4.15
C ASN C 337 -11.16 -6.09 4.61
N PHE C 338 -11.08 -7.36 4.24
CA PHE C 338 -9.85 -8.16 4.42
C PHE C 338 -9.32 -8.40 3.03
N THR C 339 -8.16 -7.84 2.73
CA THR C 339 -7.56 -7.99 1.40
C THR C 339 -6.15 -8.56 1.50
N ARG C 340 -5.84 -9.55 0.67
CA ARG C 340 -4.49 -10.15 0.63
C ARG C 340 -4.01 -10.63 2.00
N CYS C 341 -4.95 -11.12 2.80
CA CYS C 341 -4.64 -11.65 4.11
C CYS C 341 -4.40 -13.17 4.09
N GLU C 342 -3.65 -13.64 5.07
CA GLU C 342 -3.38 -15.05 5.30
C GLU C 342 -3.93 -15.36 6.70
N ARG C 343 -4.98 -16.18 6.77
CA ARG C 343 -5.69 -16.43 8.03
C ARG C 343 -5.48 -17.87 8.44
N TRP C 344 -4.72 -18.06 9.53
CA TRP C 344 -4.44 -19.37 10.09
C TRP C 344 -5.07 -19.55 11.46
N GLY C 345 -6.00 -20.47 11.60
CA GLY C 345 -6.69 -20.69 12.88
C GLY C 345 -7.33 -19.41 13.42
N SER C 346 -7.84 -18.55 12.53
CA SER C 346 -8.18 -17.14 12.89
C SER C 346 -9.54 -16.77 12.33
N ALA C 347 -10.57 -17.06 13.10
CA ALA C 347 -11.96 -16.85 12.66
C ALA C 347 -12.31 -15.36 12.48
N PHE C 348 -13.28 -15.09 11.60
CA PHE C 348 -14.01 -13.83 11.58
C PHE C 348 -15.40 -14.08 12.19
N ILE C 349 -15.75 -13.33 13.24
CA ILE C 349 -17.00 -13.50 13.96
C ILE C 349 -17.75 -12.17 13.90
N GLY C 350 -18.87 -12.15 13.21
CA GLY C 350 -19.68 -10.96 13.01
C GLY C 350 -21.06 -11.12 13.65
N ARG C 351 -21.47 -10.08 14.40
CA ARG C 351 -22.72 -10.09 15.16
C ARG C 351 -23.37 -8.71 15.02
N ALA C 352 -24.66 -8.62 15.37
CA ALA C 352 -25.36 -7.33 15.31
C ALA C 352 -26.30 -7.03 16.47
N ASP C 353 -26.22 -7.79 17.57
CA ASP C 353 -27.17 -7.55 18.65
C ASP C 353 -27.00 -6.20 19.35
N LEU C 354 -25.83 -5.58 19.23
CA LEU C 354 -25.64 -4.27 19.83
C LEU C 354 -26.30 -3.16 19.01
N ASN C 355 -26.68 -3.47 17.77
CA ASN C 355 -27.41 -2.50 16.93
C ASN C 355 -28.87 -2.52 17.37
N THR C 356 -29.22 -1.70 18.37
CA THR C 356 -30.58 -1.74 18.88
C THR C 356 -31.54 -0.94 18.00
N ILE C 357 -31.06 -0.42 16.87
CA ILE C 357 -31.95 0.29 15.96
C ILE C 357 -32.50 -0.65 14.91
N GLN C 358 -31.64 -1.30 14.12
CA GLN C 358 -32.05 -2.22 13.09
C GLN C 358 -31.59 -3.67 13.31
N PHE C 359 -30.67 -3.88 14.24
CA PHE C 359 -30.22 -5.24 14.56
C PHE C 359 -29.58 -5.92 13.35
N ILE C 360 -28.84 -5.12 12.59
CA ILE C 360 -28.16 -5.60 11.38
C ILE C 360 -26.76 -5.00 11.26
N SER C 361 -25.82 -5.82 10.80
CA SER C 361 -24.47 -5.38 10.49
C SER C 361 -24.35 -5.46 8.95
N GLU C 362 -23.34 -4.83 8.35
CA GLU C 362 -23.23 -4.72 6.91
C GLU C 362 -21.83 -4.95 6.33
N SER C 363 -21.79 -5.70 5.24
CA SER C 363 -20.66 -5.75 4.32
C SER C 363 -19.25 -5.98 4.90
N PRO C 364 -19.07 -7.11 5.60
CA PRO C 364 -17.72 -7.69 5.67
C PRO C 364 -17.34 -8.25 4.30
N LYS C 365 -16.14 -7.94 3.79
CA LYS C 365 -15.75 -8.33 2.44
C LYS C 365 -14.33 -8.91 2.49
N PHE C 366 -14.15 -10.00 1.78
CA PHE C 366 -12.89 -10.71 1.72
C PHE C 366 -12.47 -10.80 0.26
N HIS C 367 -11.22 -10.42 -0.03
CA HIS C 367 -10.72 -10.40 -1.40
C HIS C 367 -9.28 -10.88 -1.41
N LEU C 368 -8.97 -11.83 -2.27
CA LEU C 368 -7.61 -12.30 -2.43
C LEU C 368 -6.99 -12.83 -1.11
N CYS C 369 -7.81 -13.45 -0.29
CA CYS C 369 -7.34 -13.99 0.99
C CYS C 369 -7.02 -15.46 0.85
N PHE C 370 -6.13 -15.97 1.71
CA PHE C 370 -5.92 -17.41 1.87
C PHE C 370 -6.27 -17.71 3.32
N SER C 371 -7.09 -18.73 3.55
CA SER C 371 -7.45 -19.16 4.90
C SER C 371 -7.20 -20.63 5.09
N SER C 372 -6.65 -21.01 6.25
CA SER C 372 -6.56 -22.40 6.66
C SER C 372 -7.10 -22.49 8.08
N GLY C 373 -8.17 -23.27 8.27
CA GLY C 373 -8.76 -23.41 9.59
C GLY C 373 -9.31 -22.09 10.14
N SER C 374 -9.88 -21.25 9.27
CA SER C 374 -10.32 -19.90 9.67
C SER C 374 -11.73 -19.61 9.14
N PRO C 375 -12.73 -20.10 9.85
CA PRO C 375 -14.10 -19.87 9.40
C PRO C 375 -14.49 -18.41 9.41
N ILE C 376 -15.54 -18.13 8.64
CA ILE C 376 -16.20 -16.82 8.58
C ILE C 376 -17.62 -17.09 9.08
N ASP C 377 -17.96 -16.50 10.23
CA ASP C 377 -19.19 -16.80 10.94
C ASP C 377 -19.96 -15.52 11.19
N VAL C 378 -21.00 -15.23 10.37
CA VAL C 378 -21.71 -13.98 10.50
C VAL C 378 -23.19 -14.20 10.78
N TRP C 379 -23.67 -13.48 11.77
CA TRP C 379 -25.07 -13.46 12.13
C TRP C 379 -25.63 -12.07 11.85
N ASP C 380 -26.89 -12.04 11.43
CA ASP C 380 -27.63 -10.77 11.26
C ASP C 380 -26.83 -9.76 10.45
N THR C 381 -26.22 -10.25 9.37
CA THR C 381 -25.30 -9.47 8.58
C THR C 381 -25.74 -9.48 7.12
N ALA C 382 -25.96 -8.29 6.56
CA ALA C 382 -26.26 -8.11 5.15
C ALA C 382 -24.99 -7.99 4.30
N ASP C 383 -24.96 -8.70 3.19
CA ASP C 383 -23.99 -8.52 2.12
C ASP C 383 -22.55 -8.92 2.51
N LEU C 384 -22.39 -9.98 3.28
CA LEU C 384 -21.09 -10.66 3.33
C LEU C 384 -20.71 -10.98 1.90
N ALA C 385 -19.46 -10.67 1.53
CA ALA C 385 -19.02 -10.90 0.16
C ALA C 385 -17.60 -11.48 0.17
N ILE C 386 -17.44 -12.58 -0.54
CA ILE C 386 -16.16 -13.30 -0.62
C ILE C 386 -15.84 -13.47 -2.12
N THR C 387 -14.69 -12.96 -2.55
CA THR C 387 -14.33 -12.93 -3.97
C THR C 387 -12.88 -13.26 -4.12
N LYS C 388 -12.54 -14.22 -5.01
CA LYS C 388 -11.15 -14.49 -5.33
C LYS C 388 -10.37 -14.91 -4.08
N CYS C 389 -11.01 -15.74 -3.27
CA CYS C 389 -10.40 -16.27 -2.04
C CYS C 389 -10.25 -17.78 -2.14
N THR C 390 -9.33 -18.29 -1.33
CA THR C 390 -9.12 -19.71 -1.12
C THR C 390 -9.29 -20.01 0.36
N MET C 391 -10.17 -20.96 0.67
CA MET C 391 -10.33 -21.41 2.07
C MET C 391 -10.12 -22.91 2.13
N PHE C 392 -9.27 -23.30 3.07
CA PHE C 392 -8.80 -24.65 3.21
C PHE C 392 -9.08 -25.16 4.64
N ALA C 393 -9.52 -26.41 4.75
CA ALA C 393 -9.65 -27.11 6.04
C ALA C 393 -10.62 -26.41 6.98
N GLY C 394 -10.41 -26.51 8.30
CA GLY C 394 -11.35 -25.95 9.23
C GLY C 394 -12.59 -26.81 9.38
N ASP C 395 -13.36 -26.52 10.43
CA ASP C 395 -14.64 -27.18 10.67
C ASP C 395 -15.71 -26.86 9.62
N TYR C 396 -15.71 -25.61 9.17
CA TYR C 396 -16.59 -25.12 8.11
C TYR C 396 -15.90 -23.86 7.57
N ALA C 397 -16.35 -23.32 6.44
CA ALA C 397 -15.71 -22.14 5.90
C ALA C 397 -16.58 -20.89 6.08
N VAL C 398 -17.85 -21.00 5.73
CA VAL C 398 -18.80 -19.86 5.73
C VAL C 398 -20.10 -20.29 6.38
N ARG C 399 -20.49 -19.56 7.41
CA ARG C 399 -21.74 -19.83 8.10
C ARG C 399 -22.50 -18.52 8.27
N THR C 400 -23.79 -18.52 7.94
CA THR C 400 -24.67 -17.39 8.18
C THR C 400 -25.86 -17.82 9.00
N ARG C 401 -26.27 -16.90 9.86
CA ARG C 401 -27.43 -17.12 10.74
C ARG C 401 -28.25 -15.83 10.89
N VAL C 402 -29.51 -16.05 11.23
CA VAL C 402 -30.47 -14.96 11.49
C VAL C 402 -31.08 -15.22 12.88
N THR C 403 -30.87 -14.32 13.81
CA THR C 403 -31.35 -14.54 15.18
C THR C 403 -32.86 -14.38 15.14
N GLN C 404 -33.35 -13.24 14.68
CA GLN C 404 -34.81 -12.91 14.66
C GLN C 404 -35.56 -13.73 13.62
N LYS C 405 -35.72 -15.01 13.83
CA LYS C 405 -36.48 -15.88 12.90
C LYS C 405 -37.97 -15.62 13.18
N GLN C 406 -38.28 -14.41 13.67
CA GLN C 406 -39.55 -13.81 14.16
C GLN C 406 -40.25 -13.01 13.04
N VAL C 407 -41.05 -13.51 12.09
CA VAL C 407 -41.75 -12.70 11.08
C VAL C 407 -43.23 -12.78 11.40
N THR C 408 -43.92 -11.79 10.91
CA THR C 408 -45.36 -11.67 11.10
C THR C 408 -46.02 -11.47 9.73
N ALA C 409 -47.14 -12.11 9.51
CA ALA C 409 -47.82 -12.00 8.23
C ALA C 409 -48.13 -10.53 7.95
N PRO C 410 -48.01 -10.09 6.69
CA PRO C 410 -47.79 -10.85 5.44
C PRO C 410 -46.35 -11.24 5.15
N ASP C 411 -45.39 -10.80 5.96
CA ASP C 411 -44.04 -11.33 5.84
C ASP C 411 -44.03 -12.84 6.08
N LEU C 412 -43.22 -13.55 5.31
CA LEU C 412 -43.16 -15.02 5.40
C LEU C 412 -41.79 -15.55 5.80
N PHE C 413 -40.77 -14.70 5.76
CA PHE C 413 -39.39 -15.16 5.89
C PHE C 413 -38.51 -13.95 6.25
N ALA C 414 -37.38 -14.21 6.92
CA ALA C 414 -36.39 -13.19 7.24
C ALA C 414 -34.98 -13.69 6.88
N GLY C 415 -34.21 -12.83 6.22
CA GLY C 415 -32.83 -13.18 5.89
C GLY C 415 -32.15 -12.13 5.05
N TYR C 416 -30.92 -12.43 4.62
CA TYR C 416 -30.00 -11.43 4.08
C TYR C 416 -29.17 -12.06 2.98
N PRO C 417 -28.66 -11.25 2.05
CA PRO C 417 -27.79 -11.79 0.99
C PRO C 417 -26.35 -12.00 1.34
N VAL C 418 -25.81 -13.06 0.73
CA VAL C 418 -24.38 -13.27 0.63
CA VAL C 418 -24.38 -13.28 0.61
C VAL C 418 -24.01 -13.23 -0.86
N LEU C 419 -22.80 -12.73 -1.16
CA LEU C 419 -22.25 -12.73 -2.51
C LEU C 419 -20.92 -13.48 -2.47
N ILE C 420 -20.88 -14.67 -3.07
CA ILE C 420 -19.67 -15.51 -3.08
C ILE C 420 -19.32 -15.77 -4.55
N THR C 421 -18.13 -15.32 -4.97
CA THR C 421 -17.75 -15.32 -6.37
CA THR C 421 -17.73 -15.34 -6.37
C THR C 421 -16.32 -15.81 -6.54
N CYS C 422 -16.12 -16.65 -7.56
CA CYS C 422 -14.79 -17.14 -8.00
C CYS C 422 -13.82 -17.40 -6.86
N SER C 423 -14.30 -18.17 -5.89
CA SER C 423 -13.51 -18.62 -4.76
C SER C 423 -13.45 -20.16 -4.66
N VAL C 424 -12.43 -20.64 -3.93
CA VAL C 424 -12.14 -22.06 -3.80
C VAL C 424 -12.26 -22.47 -2.33
N PHE C 425 -13.03 -23.53 -2.08
CA PHE C 425 -13.25 -24.05 -0.73
C PHE C 425 -12.88 -25.52 -0.75
N ASP C 426 -11.80 -25.88 -0.07
CA ASP C 426 -11.20 -27.20 -0.29
C ASP C 426 -10.82 -27.89 1.01
N ALA C 427 -11.16 -29.19 1.08
CA ALA C 427 -10.80 -30.07 2.21
C ALA C 427 -11.32 -29.53 3.54
N VAL C 428 -12.42 -28.81 3.48
CA VAL C 428 -13.15 -28.39 4.69
C VAL C 428 -13.76 -29.63 5.36
N ARG C 429 -13.66 -29.74 6.68
CA ARG C 429 -14.04 -30.99 7.36
C ARG C 429 -15.56 -31.20 7.36
N GLY C 430 -16.30 -30.11 7.58
CA GLY C 430 -17.74 -30.11 7.50
C GLY C 430 -18.18 -29.36 6.25
N HIS C 431 -19.31 -28.64 6.32
CA HIS C 431 -19.79 -27.88 5.15
C HIS C 431 -18.83 -26.78 4.79
N ALA C 432 -18.56 -26.59 3.49
CA ALA C 432 -17.91 -25.35 3.08
C ALA C 432 -18.83 -24.16 3.36
N TRP C 433 -20.10 -24.31 2.99
CA TRP C 433 -21.11 -23.27 3.17
C TRP C 433 -22.25 -23.82 3.98
N ASP C 434 -22.54 -23.16 5.10
CA ASP C 434 -23.65 -23.51 5.99
C ASP C 434 -24.49 -22.25 6.11
N LEU C 435 -25.45 -22.09 5.21
CA LEU C 435 -26.15 -20.84 5.03
C LEU C 435 -27.61 -20.96 5.48
N GLU C 436 -27.95 -20.28 6.57
CA GLU C 436 -29.33 -20.12 6.99
C GLU C 436 -29.78 -18.67 6.72
N GLY C 437 -31.02 -18.54 6.28
CA GLY C 437 -31.60 -17.23 6.07
C GLY C 437 -30.94 -16.49 4.91
N SER C 438 -30.70 -17.20 3.82
CA SER C 438 -30.01 -16.66 2.66
C SER C 438 -31.04 -16.11 1.67
N VAL C 439 -31.07 -14.79 1.49
CA VAL C 439 -32.08 -14.12 0.66
C VAL C 439 -31.42 -13.15 -0.32
N TYR C 440 -31.80 -13.22 -1.60
CA TYR C 440 -31.26 -12.40 -2.69
C TYR C 440 -29.76 -12.65 -2.92
N SER C 441 -29.24 -13.79 -2.46
CA SER C 441 -27.84 -14.11 -2.60
C SER C 441 -27.46 -14.41 -4.05
N THR C 442 -26.21 -14.14 -4.40
CA THR C 442 -25.66 -14.58 -5.67
C THR C 442 -24.40 -15.33 -5.36
N ILE C 443 -24.33 -16.55 -5.88
CA ILE C 443 -23.23 -17.46 -5.60
C ILE C 443 -22.79 -18.03 -6.95
N THR C 444 -21.66 -17.53 -7.43
CA THR C 444 -21.23 -17.65 -8.82
C THR C 444 -19.79 -18.09 -9.02
N GLY C 445 -19.58 -19.15 -9.80
CA GLY C 445 -18.24 -19.42 -10.27
C GLY C 445 -17.26 -19.99 -9.24
N ASN C 446 -17.78 -20.63 -8.20
CA ASN C 446 -16.93 -21.14 -7.12
C ASN C 446 -16.63 -22.63 -7.29
N LEU C 447 -15.60 -23.10 -6.59
CA LEU C 447 -15.21 -24.51 -6.49
CA LEU C 447 -15.25 -24.49 -6.51
C LEU C 447 -15.35 -24.95 -5.06
N VAL C 448 -16.10 -26.02 -4.83
CA VAL C 448 -16.34 -26.53 -3.48
C VAL C 448 -16.04 -28.04 -3.41
N SER C 449 -15.18 -28.44 -2.48
CA SER C 449 -14.86 -29.82 -2.24
C SER C 449 -14.73 -29.98 -0.72
N ALA C 450 -15.76 -30.49 -0.07
CA ALA C 450 -15.85 -30.34 1.36
C ALA C 450 -16.69 -31.43 2.02
N GLY C 451 -16.49 -31.60 3.31
CA GLY C 451 -17.34 -32.47 4.11
C GLY C 451 -16.90 -33.91 4.26
N ARG C 452 -15.76 -34.29 3.69
CA ARG C 452 -15.42 -35.71 3.67
C ARG C 452 -15.13 -36.26 5.07
N ASP C 453 -14.54 -35.46 5.92
CA ASP C 453 -14.13 -35.93 7.25
C ASP C 453 -15.30 -36.19 8.18
N THR C 454 -16.45 -35.62 7.86
CA THR C 454 -17.60 -35.69 8.74
C THR C 454 -18.85 -36.21 8.00
N ASN C 455 -18.66 -36.71 6.78
CA ASN C 455 -19.76 -37.23 5.96
C ASN C 455 -20.84 -36.18 5.79
N SER C 456 -20.39 -34.95 5.54
CA SER C 456 -21.28 -33.79 5.38
C SER C 456 -21.41 -33.32 3.94
N HIS C 457 -22.53 -32.71 3.62
CA HIS C 457 -22.69 -31.99 2.35
C HIS C 457 -21.61 -30.94 2.12
N GLY C 458 -21.18 -30.78 0.87
CA GLY C 458 -20.26 -29.72 0.54
C GLY C 458 -20.83 -28.36 0.90
N ALA C 459 -22.12 -28.19 0.63
CA ALA C 459 -22.83 -26.95 0.93
C ALA C 459 -24.25 -27.25 1.30
N TYR C 460 -24.78 -26.44 2.21
CA TYR C 460 -26.08 -26.65 2.81
C TYR C 460 -26.73 -25.27 3.01
N ILE C 461 -27.84 -25.06 2.30
CA ILE C 461 -28.65 -23.86 2.48
C ILE C 461 -29.95 -24.27 3.15
N LYS C 462 -30.20 -23.76 4.35
CA LYS C 462 -31.40 -24.11 5.10
C LYS C 462 -32.17 -22.83 5.33
N GLY C 463 -33.25 -22.62 4.57
CA GLY C 463 -33.98 -21.36 4.60
C GLY C 463 -33.33 -20.40 3.61
N GLY C 464 -33.78 -20.47 2.36
CA GLY C 464 -33.32 -19.60 1.30
C GLY C 464 -34.48 -19.09 0.45
N ARG C 465 -34.38 -17.85 -0.01
CA ARG C 465 -35.42 -17.24 -0.85
C ARG C 465 -34.81 -16.36 -1.95
N SER C 466 -35.29 -16.47 -3.17
CA SER C 466 -35.04 -15.47 -4.18
C SER C 466 -33.55 -15.31 -4.43
N LEU C 467 -32.83 -16.44 -4.57
CA LEU C 467 -31.40 -16.38 -4.76
C LEU C 467 -30.99 -17.09 -6.07
N SER C 468 -29.74 -16.85 -6.47
CA SER C 468 -29.21 -17.40 -7.72
C SER C 468 -27.88 -18.06 -7.42
N LEU C 469 -27.72 -19.32 -7.82
CA LEU C 469 -26.49 -20.05 -7.59
C LEU C 469 -26.14 -20.65 -8.97
N THR C 470 -25.13 -20.06 -9.59
CA THR C 470 -24.82 -20.21 -11.01
C THR C 470 -23.36 -20.59 -11.30
N GLY C 471 -23.16 -21.60 -12.14
CA GLY C 471 -21.84 -21.87 -12.65
C GLY C 471 -20.79 -22.27 -11.64
N ASN C 472 -21.21 -22.96 -10.59
CA ASN C 472 -20.29 -23.51 -9.58
C ASN C 472 -19.95 -24.98 -9.87
N VAL C 473 -18.86 -25.48 -9.25
CA VAL C 473 -18.47 -26.89 -9.32
C VAL C 473 -18.38 -27.45 -7.89
N PHE C 474 -19.13 -28.53 -7.64
CA PHE C 474 -19.13 -29.25 -6.36
C PHE C 474 -18.55 -30.62 -6.62
N THR C 475 -17.39 -30.92 -6.05
CA THR C 475 -16.71 -32.16 -6.38
C THR C 475 -16.13 -32.85 -5.14
N TYR C 476 -16.28 -34.17 -5.10
CA TYR C 476 -15.67 -35.02 -4.08
C TYR C 476 -16.09 -34.59 -2.69
N CYS C 477 -17.38 -34.28 -2.55
CA CYS C 477 -17.89 -33.86 -1.23
C CYS C 477 -18.35 -35.08 -0.41
N GLY C 478 -18.52 -34.88 0.90
CA GLY C 478 -18.70 -36.01 1.81
C GLY C 478 -20.09 -36.60 1.92
N ASN C 479 -21.04 -36.01 1.21
CA ASN C 479 -22.44 -36.52 1.16
C ASN C 479 -22.96 -35.96 -0.16
N TYR C 480 -23.95 -35.08 -0.11
CA TYR C 480 -24.28 -34.40 -1.36
C TYR C 480 -23.28 -33.27 -1.66
N GLY C 481 -23.18 -32.87 -2.92
CA GLY C 481 -22.43 -31.68 -3.24
C GLY C 481 -23.15 -30.48 -2.64
N LEU C 482 -24.43 -30.37 -2.91
CA LEU C 482 -25.27 -29.27 -2.43
C LEU C 482 -26.62 -29.79 -1.98
N VAL C 483 -27.05 -29.41 -0.78
CA VAL C 483 -28.44 -29.64 -0.35
C VAL C 483 -29.14 -28.31 -0.04
N LEU C 484 -30.37 -28.23 -0.55
CA LEU C 484 -31.29 -27.12 -0.34
C LEU C 484 -32.45 -27.60 0.51
N GLU C 485 -32.64 -26.97 1.66
CA GLU C 485 -33.74 -27.29 2.57
C GLU C 485 -34.51 -26.00 2.80
N ASP C 486 -35.83 -26.05 2.60
CA ASP C 486 -36.67 -24.85 2.71
C ASP C 486 -36.10 -23.68 1.87
N VAL C 487 -35.85 -23.97 0.59
CA VAL C 487 -35.49 -22.96 -0.37
C VAL C 487 -36.62 -22.78 -1.39
N GLN C 488 -36.91 -21.53 -1.72
CA GLN C 488 -37.96 -21.21 -2.69
C GLN C 488 -37.59 -20.10 -3.64
N GLN C 489 -38.21 -20.15 -4.81
CA GLN C 489 -38.11 -19.16 -5.88
C GLN C 489 -36.66 -18.74 -6.16
N SER C 490 -35.86 -19.73 -6.54
CA SER C 490 -34.43 -19.57 -6.71
C SER C 490 -34.01 -20.36 -7.95
N GLY C 491 -32.88 -19.97 -8.53
CA GLY C 491 -32.39 -20.59 -9.75
C GLY C 491 -31.02 -21.19 -9.54
N PHE C 492 -30.81 -22.33 -10.18
CA PHE C 492 -29.57 -23.10 -10.09
C PHE C 492 -29.17 -23.51 -11.49
N VAL C 493 -28.38 -22.67 -12.16
CA VAL C 493 -28.06 -22.87 -13.57
C VAL C 493 -26.55 -23.09 -13.84
N GLY C 494 -26.22 -24.13 -14.62
CA GLY C 494 -24.86 -24.36 -15.06
C GLY C 494 -23.91 -24.98 -14.05
N ASN C 495 -24.45 -25.49 -12.95
CA ASN C 495 -23.62 -26.06 -11.90
C ASN C 495 -23.21 -27.49 -12.25
N VAL C 496 -22.00 -27.87 -11.84
CA VAL C 496 -21.48 -29.19 -12.07
C VAL C 496 -21.37 -29.91 -10.74
N PHE C 497 -21.82 -31.16 -10.69
CA PHE C 497 -21.80 -31.96 -9.47
C PHE C 497 -21.08 -33.26 -9.78
N ASN C 498 -19.84 -33.36 -9.34
CA ASN C 498 -18.93 -34.44 -9.71
C ASN C 498 -18.46 -35.27 -8.53
N GLY C 499 -18.61 -36.60 -8.60
CA GLY C 499 -17.88 -37.47 -7.69
C GLY C 499 -18.10 -37.28 -6.21
N ASN C 500 -19.30 -36.81 -5.85
CA ASN C 500 -19.71 -36.69 -4.46
C ASN C 500 -20.22 -38.02 -3.88
N LYS C 501 -20.11 -38.17 -2.56
CA LYS C 501 -20.30 -39.46 -1.92
C LYS C 501 -21.70 -40.05 -2.12
N THR C 502 -22.71 -39.21 -1.90
CA THR C 502 -24.09 -39.66 -1.87
C THR C 502 -24.88 -39.21 -3.10
N GLY C 503 -24.64 -37.99 -3.55
CA GLY C 503 -25.36 -37.48 -4.71
C GLY C 503 -24.90 -36.09 -5.08
N GLY C 504 -25.49 -35.52 -6.12
CA GLY C 504 -25.04 -34.22 -6.58
C GLY C 504 -25.78 -33.10 -5.87
N LEU C 505 -27.07 -33.01 -6.15
CA LEU C 505 -27.95 -31.94 -5.68
C LEU C 505 -29.13 -32.58 -5.00
N GLY C 506 -29.42 -32.18 -3.76
CA GLY C 506 -30.57 -32.70 -3.06
C GLY C 506 -31.47 -31.58 -2.56
N THR C 507 -32.78 -31.82 -2.57
CA THR C 507 -33.77 -30.87 -2.04
C THR C 507 -34.61 -31.53 -0.98
N LEU C 508 -34.95 -30.72 0.00
CA LEU C 508 -35.88 -31.04 1.09
C LEU C 508 -36.86 -29.87 1.30
N ALA C 509 -38.15 -30.14 1.13
CA ALA C 509 -39.20 -29.17 1.41
C ALA C 509 -38.95 -27.83 0.70
N CYS C 510 -38.70 -27.91 -0.61
CA CYS C 510 -38.44 -26.74 -1.43
C CYS C 510 -39.65 -26.44 -2.32
N LYS C 511 -39.64 -25.27 -2.94
CA LYS C 511 -40.77 -24.86 -3.76
C LYS C 511 -40.31 -23.89 -4.83
N ASP C 512 -40.66 -24.19 -6.07
CA ASP C 512 -40.43 -23.26 -7.20
C ASP C 512 -38.94 -22.99 -7.41
N LEU C 513 -38.22 -24.05 -7.80
CA LEU C 513 -36.81 -23.94 -8.14
C LEU C 513 -36.61 -24.34 -9.56
N SER C 514 -35.68 -23.67 -10.24
CA SER C 514 -35.24 -24.09 -11.55
C SER C 514 -33.81 -24.65 -11.45
N ILE C 515 -33.61 -25.80 -12.08
CA ILE C 515 -32.32 -26.50 -12.12
C ILE C 515 -32.08 -26.76 -13.59
N VAL C 516 -31.12 -26.05 -14.17
CA VAL C 516 -30.96 -25.95 -15.60
C VAL C 516 -29.52 -26.19 -16.01
N GLY C 517 -29.30 -27.09 -16.97
CA GLY C 517 -27.97 -27.28 -17.51
C GLY C 517 -26.98 -27.79 -16.48
N GLY C 518 -25.71 -27.46 -16.66
CA GLY C 518 -24.70 -28.11 -15.86
C GLY C 518 -24.65 -29.58 -16.18
N SER C 519 -24.03 -30.34 -15.28
CA SER C 519 -23.81 -31.75 -15.52
C SER C 519 -23.62 -32.43 -14.19
N MET C 520 -23.94 -33.71 -14.13
CA MET C 520 -23.69 -34.52 -12.93
C MET C 520 -23.16 -35.89 -13.33
N GLY C 521 -22.26 -36.44 -12.52
CA GLY C 521 -21.65 -37.71 -12.80
C GLY C 521 -20.28 -37.80 -12.14
N THR C 522 -19.38 -38.64 -12.65
CA THR C 522 -18.04 -38.75 -12.13
C THR C 522 -17.05 -38.83 -13.29
N THR C 523 -15.99 -38.02 -13.26
CA THR C 523 -15.03 -37.97 -14.37
C THR C 523 -13.68 -38.63 -14.08
N TYR C 524 -13.52 -39.14 -12.87
CA TYR C 524 -12.34 -39.94 -12.49
C TYR C 524 -11.02 -39.21 -12.69
N VAL C 525 -10.99 -37.94 -12.32
CA VAL C 525 -9.76 -37.17 -12.43
C VAL C 525 -8.80 -37.41 -11.27
N ARG C 526 -7.53 -37.66 -11.57
CA ARG C 526 -6.52 -37.92 -10.54
C ARG C 526 -6.53 -36.81 -9.50
N GLY C 527 -6.64 -37.21 -8.23
CA GLY C 527 -6.68 -36.25 -7.13
C GLY C 527 -7.81 -36.48 -6.15
N GLY C 528 -8.80 -37.28 -6.52
CA GLY C 528 -9.84 -37.67 -5.58
C GLY C 528 -11.26 -37.54 -6.14
N TYR C 529 -12.08 -38.55 -5.85
CA TYR C 529 -13.48 -38.60 -6.28
C TYR C 529 -14.09 -39.82 -5.63
N TYR C 530 -15.41 -39.76 -5.45
CA TYR C 530 -16.27 -40.92 -5.21
C TYR C 530 -16.97 -41.26 -6.50
N THR C 531 -17.44 -42.50 -6.67
CA THR C 531 -18.42 -42.80 -7.70
C THR C 531 -19.82 -42.38 -7.23
N GLN C 532 -20.23 -41.24 -7.69
CA GLN C 532 -21.48 -40.63 -7.24
C GLN C 532 -22.66 -41.46 -7.74
N PRO C 533 -23.53 -41.99 -6.84
CA PRO C 533 -24.62 -42.85 -7.35
C PRO C 533 -25.88 -42.10 -7.75
N VAL C 534 -26.06 -40.87 -7.28
CA VAL C 534 -27.28 -40.09 -7.48
C VAL C 534 -26.93 -38.74 -8.14
N GLY C 535 -27.78 -38.31 -9.07
CA GLY C 535 -27.67 -36.99 -9.64
C GLY C 535 -28.41 -35.99 -8.79
N TYR C 536 -29.67 -35.78 -9.14
CA TYR C 536 -30.59 -34.93 -8.39
C TYR C 536 -31.63 -35.77 -7.65
N SER C 537 -31.88 -35.45 -6.37
CA SER C 537 -32.89 -36.14 -5.60
C SER C 537 -33.69 -35.17 -4.74
N ASP C 538 -35.01 -35.27 -4.86
CA ASP C 538 -35.94 -34.67 -3.90
C ASP C 538 -36.10 -35.70 -2.80
N ILE C 539 -35.25 -35.57 -1.78
CA ILE C 539 -34.91 -36.66 -0.88
C ILE C 539 -36.12 -37.23 -0.16
N SER C 540 -36.97 -36.34 0.33
CA SER C 540 -38.19 -36.75 1.05
C SER C 540 -39.48 -36.65 0.22
N SER C 541 -39.33 -36.49 -1.09
CA SER C 541 -40.47 -36.45 -2.02
C SER C 541 -41.55 -35.48 -1.55
N ASN C 542 -41.14 -34.28 -1.17
CA ASN C 542 -42.13 -33.29 -0.68
C ASN C 542 -41.96 -31.87 -1.24
N SER C 543 -41.16 -31.74 -2.29
CA SER C 543 -41.00 -30.43 -2.95
C SER C 543 -42.04 -30.27 -4.09
N THR C 544 -42.36 -29.03 -4.45
CA THR C 544 -43.23 -28.78 -5.57
C THR C 544 -42.65 -27.68 -6.44
N GLY C 545 -43.08 -27.64 -7.69
CA GLY C 545 -42.65 -26.59 -8.59
C GLY C 545 -41.17 -26.68 -8.95
N ILE C 546 -40.63 -27.90 -8.89
CA ILE C 546 -39.21 -28.12 -9.21
C ILE C 546 -39.08 -28.45 -10.69
N LEU C 547 -38.35 -27.61 -11.42
CA LEU C 547 -38.22 -27.72 -12.88
C LEU C 547 -36.80 -28.06 -13.27
N LEU C 548 -36.61 -29.24 -13.86
CA LEU C 548 -35.33 -29.66 -14.39
C LEU C 548 -35.33 -29.53 -15.90
N SER C 549 -34.36 -28.80 -16.43
CA SER C 549 -34.24 -28.57 -17.88
C SER C 549 -32.80 -28.68 -18.36
N GLY C 550 -32.53 -29.56 -19.32
CA GLY C 550 -31.27 -29.51 -20.05
C GLY C 550 -30.03 -30.00 -19.30
N VAL C 551 -30.22 -30.79 -18.26
CA VAL C 551 -29.08 -31.24 -17.46
C VAL C 551 -28.41 -32.50 -18.11
N ALA C 552 -27.10 -32.44 -18.28
CA ALA C 552 -26.34 -33.51 -18.90
C ALA C 552 -25.88 -34.50 -17.83
N PHE C 553 -26.58 -35.62 -17.70
CA PHE C 553 -26.22 -36.66 -16.73
C PHE C 553 -25.33 -37.71 -17.36
N ASP C 554 -24.25 -38.04 -16.68
CA ASP C 554 -23.46 -39.23 -16.95
C ASP C 554 -24.41 -40.45 -17.03
N GLU C 555 -24.40 -41.15 -18.17
CA GLU C 555 -25.23 -42.35 -18.35
C GLU C 555 -25.02 -43.42 -17.30
N ALA C 556 -23.81 -43.48 -16.74
CA ALA C 556 -23.48 -44.47 -15.73
C ALA C 556 -24.08 -44.15 -14.36
N LEU C 557 -24.67 -42.98 -14.18
CA LEU C 557 -25.35 -42.69 -12.91
C LEU C 557 -26.47 -43.64 -12.63
N THR C 558 -26.47 -44.22 -11.42
CA THR C 558 -27.49 -45.22 -11.09
C THR C 558 -28.88 -44.60 -11.01
N THR C 559 -28.98 -43.48 -10.29
CA THR C 559 -30.22 -42.75 -10.17
C THR C 559 -30.01 -41.32 -10.64
N LYS C 560 -30.49 -40.97 -11.83
CA LYS C 560 -30.20 -39.64 -12.34
C LYS C 560 -31.08 -38.61 -11.64
N VAL C 561 -32.39 -38.87 -11.62
CA VAL C 561 -33.37 -37.96 -11.01
C VAL C 561 -34.31 -38.78 -10.14
N TYR C 562 -34.54 -38.30 -8.91
CA TYR C 562 -35.54 -38.87 -8.01
C TYR C 562 -36.50 -37.72 -7.67
N LEU C 563 -37.67 -37.73 -8.29
CA LEU C 563 -38.59 -36.61 -8.26
C LEU C 563 -39.98 -37.10 -8.61
N ASP C 564 -40.98 -36.69 -7.84
CA ASP C 564 -42.38 -37.02 -8.11
C ASP C 564 -42.91 -36.03 -9.14
N THR C 565 -43.17 -36.49 -10.36
CA THR C 565 -43.63 -35.60 -11.42
C THR C 565 -45.13 -35.81 -11.72
N SER C 566 -45.91 -36.32 -10.75
CA SER C 566 -47.37 -36.39 -10.87
CA SER C 566 -47.34 -36.42 -10.99
C SER C 566 -47.96 -35.01 -11.09
N ILE C 567 -49.12 -34.94 -11.72
CA ILE C 567 -49.71 -33.66 -12.15
C ILE C 567 -49.87 -32.59 -11.03
N THR C 568 -50.23 -32.99 -9.81
CA THR C 568 -50.45 -31.99 -8.77
C THR C 568 -49.15 -31.40 -8.19
N THR C 569 -48.00 -32.02 -8.43
CA THR C 569 -46.76 -31.53 -7.82
C THR C 569 -46.13 -30.30 -8.51
N ARG C 570 -46.57 -30.10 -9.73
CA ARG C 570 -45.89 -29.02 -10.61
CA ARG C 570 -45.92 -29.05 -10.55
C ARG C 570 -44.39 -29.24 -10.93
N ASN C 571 -43.90 -30.43 -10.51
CA ASN C 571 -42.52 -30.81 -10.84
C ASN C 571 -42.47 -31.35 -12.25
N LYS C 572 -41.45 -30.97 -13.01
CA LYS C 572 -41.38 -31.35 -14.42
C LYS C 572 -39.96 -31.39 -14.95
N VAL C 573 -39.71 -32.37 -15.82
CA VAL C 573 -38.38 -32.64 -16.38
C VAL C 573 -38.49 -32.50 -17.91
N ILE C 574 -37.54 -31.79 -18.52
CA ILE C 574 -37.41 -31.73 -19.99
C ILE C 574 -35.94 -31.76 -20.41
N ASN C 575 -35.64 -32.59 -21.42
CA ASN C 575 -34.30 -32.69 -21.99
C ASN C 575 -33.20 -32.87 -20.96
N CYS C 576 -33.37 -33.84 -20.05
CA CYS C 576 -32.27 -34.26 -19.18
C CYS C 576 -31.88 -35.69 -19.59
N SER C 577 -30.61 -35.90 -19.89
CA SER C 577 -30.22 -37.14 -20.56
C SER C 577 -30.41 -38.32 -19.64
N GLY C 578 -30.95 -39.41 -20.17
CA GLY C 578 -31.21 -40.61 -19.38
C GLY C 578 -32.42 -40.53 -18.46
N VAL C 579 -33.20 -39.46 -18.55
CA VAL C 579 -34.38 -39.28 -17.69
C VAL C 579 -35.61 -39.07 -18.56
N PRO C 580 -36.74 -39.73 -18.24
CA PRO C 580 -37.95 -39.48 -19.06
C PRO C 580 -38.42 -38.02 -19.01
N ASP C 581 -38.88 -37.49 -20.13
CA ASP C 581 -39.56 -36.21 -20.15
C ASP C 581 -40.90 -36.37 -19.45
N THR C 582 -41.36 -35.33 -18.78
CA THR C 582 -42.69 -35.37 -18.21
C THR C 582 -43.70 -35.14 -19.35
N ILE C 583 -44.48 -36.18 -19.61
CA ILE C 583 -45.48 -36.21 -20.68
C ILE C 583 -46.87 -36.04 -20.09
N ALA C 584 -47.72 -35.31 -20.79
CA ALA C 584 -49.15 -35.23 -20.41
C ALA C 584 -49.85 -36.54 -20.75
N ARG C 585 -50.37 -37.21 -19.71
CA ARG C 585 -50.99 -38.50 -19.86
C ARG C 585 -51.86 -38.86 -18.64
N GLY C 586 -52.83 -39.74 -18.85
CA GLY C 586 -53.70 -40.19 -17.78
C GLY C 586 -55.03 -40.75 -18.28
N SER C 587 -55.90 -41.07 -17.34
CA SER C 587 -57.18 -41.65 -17.65
C SER C 587 -58.10 -40.62 -18.31
N THR C 588 -59.18 -41.12 -18.85
CA THR C 588 -60.19 -40.25 -19.46
C THR C 588 -60.70 -39.28 -18.41
N ALA C 589 -60.86 -39.79 -17.20
CA ALA C 589 -61.38 -38.97 -16.12
C ALA C 589 -60.45 -37.80 -15.83
N ASN C 590 -59.17 -37.97 -16.12
CA ASN C 590 -58.19 -36.94 -15.82
C ASN C 590 -57.81 -36.02 -17.00
N ARG C 591 -58.58 -36.07 -18.08
CA ARG C 591 -58.43 -35.06 -19.15
C ARG C 591 -58.50 -33.65 -18.54
N PRO C 592 -57.48 -32.79 -18.80
CA PRO C 592 -57.49 -31.44 -18.19
C PRO C 592 -58.75 -30.66 -18.54
N ALA C 593 -59.22 -29.82 -17.63
CA ALA C 593 -60.53 -29.19 -17.76
C ALA C 593 -60.49 -27.94 -18.62
N ASN C 594 -59.36 -27.22 -18.61
CA ASN C 594 -59.21 -26.00 -19.39
C ASN C 594 -57.97 -26.04 -20.27
N PRO C 595 -57.92 -27.00 -21.23
CA PRO C 595 -56.69 -27.18 -22.01
C PRO C 595 -56.41 -26.02 -22.95
N GLN C 596 -55.14 -25.74 -23.17
CA GLN C 596 -54.74 -24.81 -24.23
C GLN C 596 -55.18 -25.39 -25.58
N ALA C 597 -55.28 -24.51 -26.56
CA ALA C 597 -55.62 -24.92 -27.91
C ALA C 597 -54.58 -25.95 -28.41
N SER C 598 -55.08 -27.06 -28.93
CA SER C 598 -54.29 -28.14 -29.53
C SER C 598 -53.50 -28.99 -28.54
N TYR C 599 -53.82 -28.87 -27.25
CA TYR C 599 -53.21 -29.68 -26.21
C TYR C 599 -53.21 -31.16 -26.59
N GLN C 600 -52.06 -31.81 -26.48
CA GLN C 600 -51.96 -33.25 -26.73
C GLN C 600 -51.87 -34.02 -25.43
N TYR C 601 -52.80 -34.94 -25.26
CA TYR C 601 -52.94 -35.75 -24.06
C TYR C 601 -52.94 -37.22 -24.43
N TYR C 602 -52.11 -38.02 -23.77
CA TYR C 602 -52.17 -39.46 -24.00
C TYR C 602 -53.20 -40.05 -23.04
N ASP C 603 -54.32 -40.49 -23.59
CA ASP C 603 -55.41 -41.06 -22.81
C ASP C 603 -55.16 -42.54 -22.59
N THR C 604 -54.80 -42.89 -21.35
CA THR C 604 -54.46 -44.27 -21.03
C THR C 604 -55.67 -45.19 -20.94
N THR C 605 -56.86 -44.61 -20.77
CA THR C 605 -58.08 -45.41 -20.86
C THR C 605 -58.26 -45.95 -22.26
N LEU C 606 -58.18 -45.06 -23.24
CA LEU C 606 -58.34 -45.43 -24.64
C LEU C 606 -57.08 -46.04 -25.24
N GLY C 607 -55.93 -45.65 -24.74
CA GLY C 607 -54.68 -46.13 -25.29
C GLY C 607 -54.32 -45.38 -26.57
N ILE C 608 -54.67 -44.10 -26.63
CA ILE C 608 -54.35 -43.27 -27.78
C ILE C 608 -54.08 -41.82 -27.38
N PRO C 609 -53.29 -41.12 -28.20
CA PRO C 609 -53.22 -39.66 -28.03
C PRO C 609 -54.53 -39.00 -28.46
N ILE C 610 -54.92 -37.93 -27.78
CA ILE C 610 -56.01 -37.10 -28.24
C ILE C 610 -55.57 -35.62 -28.22
N TRP C 611 -56.26 -34.82 -29.00
CA TRP C 611 -55.98 -33.39 -29.12
C TRP C 611 -57.21 -32.54 -28.80
N TRP C 612 -57.02 -31.50 -28.01
CA TRP C 612 -58.09 -30.53 -27.76
C TRP C 612 -58.20 -29.56 -28.91
N ASN C 613 -59.35 -29.56 -29.57
CA ASN C 613 -59.60 -28.63 -30.65
C ASN C 613 -60.40 -27.43 -30.12
N SER C 614 -59.82 -26.24 -30.22
CA SER C 614 -60.39 -25.06 -29.58
C SER C 614 -61.59 -24.51 -30.37
N VAL C 615 -61.67 -24.77 -31.67
CA VAL C 615 -62.82 -24.35 -32.47
C VAL C 615 -64.06 -25.17 -32.17
N SER C 616 -63.92 -26.50 -32.24
CA SER C 616 -65.04 -27.39 -31.98
C SER C 616 -65.31 -27.49 -30.49
N GLY C 617 -64.31 -27.11 -29.69
CA GLY C 617 -64.39 -27.27 -28.25
C GLY C 617 -64.58 -28.71 -27.82
N THR C 618 -63.87 -29.61 -28.50
CA THR C 618 -63.95 -31.05 -28.18
C THR C 618 -62.56 -31.69 -28.28
N TRP C 619 -62.40 -32.82 -27.59
CA TRP C 619 -61.24 -33.69 -27.77
C TRP C 619 -61.41 -34.54 -29.02
N LYS C 620 -60.37 -34.63 -29.85
CA LYS C 620 -60.41 -35.43 -31.09
C LYS C 620 -59.24 -36.38 -31.14
N ASN C 621 -59.41 -37.49 -31.87
CA ASN C 621 -58.27 -38.36 -32.19
C ASN C 621 -57.52 -37.82 -33.40
N ALA C 622 -56.46 -38.50 -33.81
CA ALA C 622 -55.63 -37.99 -34.90
C ALA C 622 -56.36 -37.99 -36.23
N ALA C 623 -57.41 -38.79 -36.34
CA ALA C 623 -58.20 -38.83 -37.57
C ALA C 623 -59.20 -37.66 -37.62
N GLY C 624 -59.31 -36.89 -36.53
CA GLY C 624 -60.17 -35.72 -36.47
C GLY C 624 -61.58 -36.00 -36.00
N ALA C 625 -61.81 -37.23 -35.54
CA ALA C 625 -63.13 -37.59 -35.01
C ALA C 625 -63.20 -37.25 -33.53
N ASP C 626 -64.34 -36.71 -33.06
CA ASP C 626 -64.50 -36.46 -31.63
C ASP C 626 -64.44 -37.78 -30.90
N VAL C 627 -63.75 -37.84 -29.77
CA VAL C 627 -63.85 -39.02 -28.93
C VAL C 627 -65.01 -38.79 -27.97
N HIS C 628 -65.60 -39.86 -27.44
CA HIS C 628 -66.68 -39.66 -26.49
C HIS C 628 -66.20 -38.89 -25.27
N HIS C 629 -66.92 -37.81 -24.94
CA HIS C 629 -66.56 -36.99 -23.80
C HIS C 629 -67.82 -36.36 -23.23
N HIS C 630 -68.07 -36.60 -21.95
CA HIS C 630 -69.19 -35.94 -21.26
C HIS C 630 -68.77 -34.60 -20.66
#